data_2LSE
#
_entry.id   2LSE
#
_entity_poly.entity_id   1
_entity_poly.type   'polypeptide(L)'
_entity_poly.pdbx_seq_one_letter_code
;MQEERKKLLEKLEKILDEVTDGAPDEARERIEKLAKDVKDELEEGDAKNMIEKFRDEMEQMYKDAPNAVMEQLLEEIEKL
LKKAGSLVPRGSYLEHHHHHH
;
_entity_poly.pdbx_strand_id   A
#
# COMPACT_ATOMS: atom_id res chain seq x y z
N MET A 1 6.73 -6.61 17.71
CA MET A 1 7.89 -6.91 16.80
C MET A 1 8.40 -8.37 16.98
N GLN A 2 7.53 -9.24 17.53
CA GLN A 2 7.84 -10.68 17.77
C GLN A 2 6.89 -11.60 16.96
N GLU A 3 6.24 -11.02 15.94
CA GLU A 3 5.10 -11.65 15.22
C GLU A 3 5.09 -11.24 13.71
N GLU A 4 6.30 -11.06 13.14
CA GLU A 4 6.53 -10.78 11.69
C GLU A 4 6.10 -9.33 11.26
N ARG A 5 5.71 -8.47 12.25
CA ARG A 5 5.24 -7.08 11.96
C ARG A 5 6.31 -6.24 11.23
N LYS A 6 7.59 -6.32 11.66
CA LYS A 6 8.71 -5.63 10.98
C LYS A 6 8.91 -6.11 9.53
N LYS A 7 8.80 -7.43 9.28
CA LYS A 7 8.93 -7.99 7.92
C LYS A 7 7.79 -7.51 6.99
N LEU A 8 6.58 -7.41 7.55
CA LEU A 8 5.38 -6.93 6.84
C LEU A 8 5.55 -5.45 6.39
N LEU A 9 5.99 -4.59 7.33
CA LEU A 9 6.22 -3.14 7.07
C LEU A 9 7.53 -2.90 6.27
N GLU A 10 8.51 -3.83 6.38
CA GLU A 10 9.80 -3.76 5.63
C GLU A 10 9.52 -3.92 4.12
N LYS A 11 8.69 -4.93 3.80
CA LYS A 11 8.20 -5.20 2.45
C LYS A 11 7.28 -4.06 1.96
N LEU A 12 6.48 -3.48 2.88
CA LEU A 12 5.55 -2.37 2.58
C LEU A 12 6.32 -1.09 2.15
N GLU A 13 7.33 -0.69 2.95
CA GLU A 13 8.24 0.45 2.63
C GLU A 13 9.06 0.17 1.34
N LYS A 14 9.36 -1.12 1.08
CA LYS A 14 10.03 -1.58 -0.17
C LYS A 14 9.10 -1.33 -1.39
N ILE A 15 7.77 -1.52 -1.21
CA ILE A 15 6.77 -1.21 -2.26
C ILE A 15 6.73 0.31 -2.50
N LEU A 16 6.58 1.10 -1.42
CA LEU A 16 6.58 2.60 -1.45
C LEU A 16 7.87 3.17 -2.11
N ASP A 17 8.99 2.47 -1.92
CA ASP A 17 10.28 2.75 -2.58
C ASP A 17 10.16 2.60 -4.13
N GLU A 18 9.45 1.54 -4.55
CA GLU A 18 9.19 1.26 -5.98
C GLU A 18 8.03 2.12 -6.56
N VAL A 19 7.13 2.63 -5.71
CA VAL A 19 6.00 3.48 -6.17
C VAL A 19 6.49 4.92 -6.47
N THR A 20 7.40 5.45 -5.62
CA THR A 20 8.03 6.78 -5.83
C THR A 20 8.97 6.78 -7.05
N ASP A 21 9.86 5.77 -7.11
CA ASP A 21 10.86 5.63 -8.19
C ASP A 21 10.20 5.17 -9.52
N GLY A 22 9.30 4.17 -9.44
CA GLY A 22 8.57 3.63 -10.61
C GLY A 22 7.23 4.34 -10.89
N ALA A 23 7.07 5.56 -10.36
CA ALA A 23 5.91 6.44 -10.62
C ALA A 23 5.80 6.89 -12.11
N PRO A 24 4.54 7.17 -12.61
CA PRO A 24 4.32 7.84 -13.91
C PRO A 24 4.74 9.36 -13.90
N ASP A 25 6.08 9.59 -13.89
CA ASP A 25 6.71 10.94 -13.99
C ASP A 25 6.17 11.99 -12.96
N GLU A 26 5.08 12.69 -13.33
CA GLU A 26 4.52 13.81 -12.53
C GLU A 26 3.81 13.33 -11.24
N ALA A 27 3.31 12.08 -11.28
CA ALA A 27 2.61 11.45 -10.14
C ALA A 27 3.53 11.20 -8.91
N ARG A 28 4.85 11.20 -9.15
CA ARG A 28 5.87 10.90 -8.11
C ARG A 28 5.77 11.82 -6.86
N GLU A 29 5.75 13.15 -7.05
CA GLU A 29 5.73 14.14 -5.92
C GLU A 29 4.45 14.01 -5.04
N ARG A 30 3.33 13.62 -5.68
CA ARG A 30 2.06 13.25 -5.02
C ARG A 30 2.26 12.04 -4.07
N ILE A 31 3.00 11.04 -4.57
CA ILE A 31 3.31 9.79 -3.84
C ILE A 31 4.29 10.04 -2.66
N GLU A 32 5.35 10.86 -2.91
CA GLU A 32 6.48 11.06 -1.97
C GLU A 32 6.04 11.65 -0.61
N LYS A 33 5.03 12.55 -0.62
CA LYS A 33 4.46 13.10 0.62
C LYS A 33 3.80 11.99 1.48
N LEU A 34 2.85 11.26 0.87
CA LEU A 34 2.04 10.24 1.58
C LEU A 34 2.91 9.05 2.06
N ALA A 35 3.87 8.64 1.22
CA ALA A 35 4.84 7.55 1.53
C ALA A 35 5.76 7.94 2.72
N LYS A 36 6.17 9.22 2.75
CA LYS A 36 6.94 9.80 3.88
C LYS A 36 6.08 9.80 5.18
N ASP A 37 4.79 10.19 5.05
CA ASP A 37 3.84 10.23 6.18
C ASP A 37 3.59 8.83 6.78
N VAL A 38 3.52 7.78 5.90
CA VAL A 38 3.35 6.36 6.33
C VAL A 38 4.49 5.96 7.30
N LYS A 39 5.74 6.34 6.95
CA LYS A 39 6.95 6.09 7.77
C LYS A 39 6.80 6.61 9.22
N ASP A 40 6.26 7.84 9.38
CA ASP A 40 5.95 8.41 10.71
C ASP A 40 4.89 7.54 11.42
N GLU A 41 3.77 7.33 10.72
CA GLU A 41 2.58 6.63 11.25
C GLU A 41 2.86 5.18 11.69
N LEU A 42 3.96 4.56 11.16
CA LEU A 42 4.43 3.22 11.60
C LEU A 42 4.56 3.11 13.15
N GLU A 43 4.84 4.24 13.84
CA GLU A 43 4.90 4.30 15.33
C GLU A 43 4.08 5.50 15.90
N GLU A 44 4.13 6.65 15.19
CA GLU A 44 3.42 7.90 15.57
C GLU A 44 1.87 7.72 15.60
N GLY A 45 1.25 7.61 14.41
CA GLY A 45 -0.22 7.47 14.31
C GLY A 45 -0.66 6.09 13.83
N ASP A 46 -1.62 6.07 12.89
CA ASP A 46 -2.29 4.83 12.43
C ASP A 46 -1.67 4.25 11.12
N ALA A 47 -0.64 3.40 11.28
CA ALA A 47 0.09 2.76 10.16
C ALA A 47 -0.82 1.87 9.27
N LYS A 48 -1.62 0.99 9.92
CA LYS A 48 -2.55 0.06 9.23
C LYS A 48 -3.54 0.84 8.33
N ASN A 49 -4.06 1.96 8.86
CA ASN A 49 -4.98 2.84 8.10
C ASN A 49 -4.25 3.50 6.91
N MET A 50 -2.97 3.87 7.10
CA MET A 50 -2.11 4.48 6.04
C MET A 50 -1.77 3.49 4.91
N ILE A 51 -1.72 2.19 5.22
CA ILE A 51 -1.57 1.13 4.20
C ILE A 51 -2.83 1.09 3.29
N GLU A 52 -4.01 1.21 3.92
CA GLU A 52 -5.30 1.38 3.19
C GLU A 52 -5.30 2.69 2.35
N LYS A 53 -4.87 3.80 2.99
CA LYS A 53 -4.89 5.16 2.37
C LYS A 53 -4.04 5.18 1.09
N PHE A 54 -2.83 4.62 1.21
CA PHE A 54 -1.84 4.60 0.12
C PHE A 54 -2.24 3.60 -1.00
N ARG A 55 -2.86 2.47 -0.60
CA ARG A 55 -3.36 1.44 -1.54
C ARG A 55 -4.49 2.00 -2.45
N ASP A 56 -5.46 2.68 -1.83
CA ASP A 56 -6.61 3.30 -2.53
C ASP A 56 -6.19 4.60 -3.30
N GLU A 57 -5.16 5.30 -2.78
CA GLU A 57 -4.55 6.48 -3.46
C GLU A 57 -3.82 6.05 -4.75
N MET A 58 -3.05 4.94 -4.65
CA MET A 58 -2.34 4.35 -5.80
C MET A 58 -3.28 4.02 -6.97
N GLU A 59 -4.47 3.44 -6.68
CA GLU A 59 -5.42 3.06 -7.75
C GLU A 59 -6.05 4.30 -8.43
N GLN A 60 -6.19 5.41 -7.69
CA GLN A 60 -6.62 6.72 -8.27
C GLN A 60 -5.61 7.18 -9.37
N MET A 61 -4.32 7.17 -9.01
CA MET A 61 -3.21 7.59 -9.91
C MET A 61 -2.89 6.52 -10.99
N TYR A 62 -3.24 5.26 -10.71
CA TYR A 62 -3.07 4.11 -11.64
C TYR A 62 -4.12 4.17 -12.78
N LYS A 63 -5.38 4.40 -12.40
CA LYS A 63 -6.48 4.64 -13.37
C LYS A 63 -6.20 5.90 -14.24
N ASP A 64 -5.56 6.90 -13.62
CA ASP A 64 -5.22 8.17 -14.28
C ASP A 64 -4.02 8.01 -15.25
N ALA A 65 -3.03 7.19 -14.86
CA ALA A 65 -1.81 6.93 -15.65
C ALA A 65 -1.15 5.57 -15.26
N PRO A 66 -1.44 4.46 -16.01
CA PRO A 66 -0.78 3.15 -15.79
C PRO A 66 0.46 2.90 -16.72
N ASN A 67 1.67 2.81 -16.13
CA ASN A 67 2.90 2.49 -16.91
C ASN A 67 3.05 0.95 -17.14
N ALA A 68 3.22 0.18 -16.05
CA ALA A 68 3.38 -1.30 -16.07
C ALA A 68 3.54 -1.82 -14.64
N VAL A 69 4.55 -1.28 -13.93
CA VAL A 69 4.81 -1.63 -12.52
C VAL A 69 3.72 -1.07 -11.58
N MET A 70 3.10 0.07 -11.96
CA MET A 70 2.01 0.74 -11.17
C MET A 70 0.88 -0.25 -10.78
N GLU A 71 0.50 -1.09 -11.76
CA GLU A 71 -0.50 -2.18 -11.60
C GLU A 71 -0.03 -3.25 -10.59
N GLN A 72 1.20 -3.73 -10.81
CA GLN A 72 1.82 -4.77 -9.98
C GLN A 72 1.96 -4.33 -8.50
N LEU A 73 2.22 -3.03 -8.30
CA LEU A 73 2.34 -2.39 -6.97
C LEU A 73 0.98 -2.35 -6.23
N LEU A 74 -0.15 -2.18 -6.99
CA LEU A 74 -1.52 -2.31 -6.43
C LEU A 74 -1.72 -3.73 -5.82
N GLU A 75 -1.29 -4.76 -6.56
CA GLU A 75 -1.37 -6.17 -6.12
C GLU A 75 -0.46 -6.44 -4.89
N GLU A 76 0.73 -5.79 -4.87
CA GLU A 76 1.72 -5.95 -3.78
C GLU A 76 1.21 -5.44 -2.42
N ILE A 77 0.75 -4.16 -2.39
CA ILE A 77 0.18 -3.54 -1.15
C ILE A 77 -1.06 -4.33 -0.67
N GLU A 78 -1.80 -4.91 -1.64
CA GLU A 78 -3.01 -5.72 -1.39
C GLU A 78 -2.70 -7.00 -0.55
N LYS A 79 -1.63 -7.72 -0.97
CA LYS A 79 -1.12 -8.93 -0.24
C LYS A 79 -0.76 -8.58 1.22
N LEU A 80 -0.11 -7.43 1.38
CA LEU A 80 0.37 -6.92 2.68
C LEU A 80 -0.79 -6.37 3.54
N LEU A 81 -1.83 -5.83 2.87
CA LEU A 81 -3.03 -5.26 3.53
C LEU A 81 -3.90 -6.38 4.18
N LYS A 82 -3.92 -7.56 3.55
CA LYS A 82 -4.59 -8.76 4.10
C LYS A 82 -3.97 -9.19 5.45
N LYS A 83 -2.63 -9.24 5.49
CA LYS A 83 -1.86 -9.57 6.72
C LYS A 83 -1.91 -8.42 7.76
N ALA A 84 -2.00 -7.16 7.25
CA ALA A 84 -2.14 -5.93 8.09
C ALA A 84 -3.57 -5.78 8.65
N GLY A 85 -4.54 -6.50 8.05
CA GLY A 85 -5.93 -6.53 8.53
C GLY A 85 -6.11 -7.46 9.74
N SER A 86 -5.42 -7.13 10.85
CA SER A 86 -5.44 -7.90 12.11
C SER A 86 -6.83 -7.83 12.77
N LEU A 87 -7.65 -8.89 12.52
CA LEU A 87 -9.09 -8.98 12.91
C LEU A 87 -9.98 -7.96 12.17
N VAL A 88 -9.42 -7.28 11.14
CA VAL A 88 -10.12 -6.23 10.35
C VAL A 88 -10.42 -6.71 8.90
N PRO A 89 -11.68 -7.14 8.58
CA PRO A 89 -12.08 -7.47 7.19
C PRO A 89 -12.44 -6.20 6.37
N ARG A 90 -11.44 -5.59 5.70
CA ARG A 90 -11.60 -4.34 4.93
C ARG A 90 -10.69 -4.29 3.68
N GLY A 91 -11.26 -3.80 2.56
CA GLY A 91 -10.55 -3.67 1.28
C GLY A 91 -11.51 -3.69 0.09
N SER A 92 -12.60 -2.94 0.20
CA SER A 92 -13.67 -2.89 -0.85
C SER A 92 -13.30 -1.99 -2.04
N TYR A 93 -12.21 -1.19 -1.88
CA TYR A 93 -11.77 -0.13 -2.84
C TYR A 93 -12.76 1.07 -2.86
N LEU A 94 -12.24 2.27 -2.52
CA LEU A 94 -13.00 3.53 -2.66
C LEU A 94 -13.18 3.84 -4.16
N GLU A 95 -14.43 3.71 -4.65
CA GLU A 95 -14.78 3.76 -6.08
C GLU A 95 -14.41 5.12 -6.75
N HIS A 96 -13.32 5.10 -7.56
CA HIS A 96 -12.84 6.26 -8.35
C HIS A 96 -12.75 5.91 -9.85
N HIS A 97 -12.59 6.92 -10.70
CA HIS A 97 -12.33 6.77 -12.14
C HIS A 97 -11.15 7.70 -12.54
N HIS A 98 -11.42 9.02 -12.53
CA HIS A 98 -10.40 10.08 -12.76
C HIS A 98 -10.72 11.35 -11.90
N HIS A 99 -12.04 11.55 -11.63
CA HIS A 99 -12.62 12.72 -10.90
C HIS A 99 -12.29 14.11 -11.55
N HIS A 100 -11.71 14.07 -12.79
CA HIS A 100 -11.09 15.23 -13.48
C HIS A 100 -9.76 15.66 -12.78
N HIS A 101 -8.81 16.23 -13.57
CA HIS A 101 -7.53 16.76 -13.04
C HIS A 101 -7.77 18.08 -12.25
N MET A 1 6.89 -1.41 19.17
CA MET A 1 6.22 -0.67 18.07
C MET A 1 5.20 -1.56 17.33
N GLN A 2 4.23 -2.09 18.12
CA GLN A 2 3.13 -2.99 17.67
C GLN A 2 3.62 -4.39 17.17
N GLU A 3 2.79 -5.43 17.48
CA GLU A 3 3.04 -6.85 17.10
C GLU A 3 3.35 -7.02 15.59
N GLU A 4 4.62 -7.36 15.30
CA GLU A 4 5.14 -7.67 13.94
C GLU A 4 5.15 -6.43 12.98
N ARG A 5 4.65 -5.25 13.44
CA ARG A 5 4.53 -4.04 12.58
C ARG A 5 5.90 -3.60 12.02
N LYS A 6 6.97 -3.85 12.80
CA LYS A 6 8.36 -3.57 12.40
C LYS A 6 8.78 -4.39 11.15
N LYS A 7 8.45 -5.68 11.13
CA LYS A 7 8.78 -6.59 10.00
C LYS A 7 7.84 -6.36 8.81
N LEU A 8 6.57 -6.06 9.14
CA LEU A 8 5.49 -5.76 8.17
C LEU A 8 5.80 -4.46 7.39
N LEU A 9 6.38 -3.46 8.09
CA LEU A 9 6.77 -2.17 7.47
C LEU A 9 8.04 -2.33 6.63
N GLU A 10 9.00 -3.18 7.07
CA GLU A 10 10.26 -3.44 6.31
C GLU A 10 9.99 -3.95 4.88
N LYS A 11 9.09 -4.94 4.77
CA LYS A 11 8.67 -5.49 3.47
C LYS A 11 7.78 -4.49 2.68
N LEU A 12 7.06 -3.62 3.42
CA LEU A 12 6.27 -2.49 2.84
C LEU A 12 7.19 -1.39 2.26
N GLU A 13 8.36 -1.16 2.91
CA GLU A 13 9.34 -0.11 2.51
C GLU A 13 9.89 -0.37 1.10
N LYS A 14 10.19 -1.66 0.79
CA LYS A 14 10.63 -2.07 -0.57
C LYS A 14 9.54 -1.73 -1.62
N ILE A 15 8.28 -2.09 -1.30
CA ILE A 15 7.12 -1.83 -2.19
C ILE A 15 6.96 -0.32 -2.48
N LEU A 16 6.94 0.50 -1.41
CA LEU A 16 6.80 1.98 -1.50
C LEU A 16 7.97 2.63 -2.27
N ASP A 17 9.15 2.01 -2.19
CA ASP A 17 10.34 2.43 -2.96
C ASP A 17 10.17 2.06 -4.47
N GLU A 18 9.49 0.94 -4.73
CA GLU A 18 9.12 0.49 -6.09
C GLU A 18 7.88 1.25 -6.63
N VAL A 19 7.05 1.83 -5.74
CA VAL A 19 5.92 2.72 -6.13
C VAL A 19 6.45 4.06 -6.67
N THR A 20 7.44 4.65 -5.95
CA THR A 20 8.14 5.89 -6.40
C THR A 20 8.95 5.64 -7.70
N ASP A 21 9.56 4.45 -7.78
CA ASP A 21 10.33 4.00 -8.97
C ASP A 21 9.41 3.73 -10.19
N GLY A 22 8.28 3.05 -9.94
CA GLY A 22 7.30 2.69 -11.00
C GLY A 22 6.27 3.79 -11.28
N ALA A 23 6.40 4.93 -10.57
CA ALA A 23 5.57 6.12 -10.79
C ALA A 23 6.12 6.99 -11.94
N PRO A 24 5.24 7.69 -12.72
CA PRO A 24 5.71 8.78 -13.60
C PRO A 24 6.16 9.99 -12.76
N ASP A 25 7.15 10.76 -13.28
CA ASP A 25 7.77 11.90 -12.56
C ASP A 25 6.71 12.92 -12.00
N GLU A 26 5.59 13.05 -12.74
CA GLU A 26 4.44 13.91 -12.38
C GLU A 26 3.68 13.41 -11.10
N ALA A 27 3.28 12.12 -11.09
CA ALA A 27 2.46 11.53 -9.98
C ALA A 27 3.35 11.09 -8.80
N ARG A 28 4.68 11.00 -9.05
CA ARG A 28 5.67 10.58 -8.06
C ARG A 28 5.70 11.53 -6.84
N GLU A 29 5.39 12.82 -7.08
CA GLU A 29 5.33 13.87 -6.04
C GLU A 29 4.40 13.51 -4.87
N ARG A 30 3.15 13.18 -5.21
CA ARG A 30 2.10 12.81 -4.23
C ARG A 30 2.47 11.50 -3.49
N ILE A 31 3.14 10.59 -4.20
CA ILE A 31 3.60 9.29 -3.65
C ILE A 31 4.74 9.45 -2.62
N GLU A 32 5.78 10.22 -2.99
CA GLU A 32 6.94 10.47 -2.09
C GLU A 32 6.52 11.24 -0.83
N LYS A 33 5.43 12.02 -0.96
CA LYS A 33 4.83 12.73 0.17
C LYS A 33 4.07 11.74 1.09
N LEU A 34 3.08 11.01 0.53
CA LEU A 34 2.19 10.13 1.35
C LEU A 34 2.94 8.93 1.95
N ALA A 35 3.77 8.26 1.12
CA ALA A 35 4.62 7.12 1.56
C ALA A 35 5.55 7.52 2.73
N LYS A 36 5.98 8.79 2.76
CA LYS A 36 6.79 9.35 3.86
C LYS A 36 5.91 9.62 5.12
N ASP A 37 4.67 10.12 4.91
CA ASP A 37 3.66 10.26 6.00
C ASP A 37 3.29 8.90 6.62
N VAL A 38 3.38 7.81 5.80
CA VAL A 38 3.22 6.43 6.28
C VAL A 38 4.37 6.07 7.23
N LYS A 39 5.62 6.43 6.85
CA LYS A 39 6.86 6.14 7.65
C LYS A 39 6.79 6.74 9.09
N ASP A 40 6.22 7.96 9.22
CA ASP A 40 5.98 8.61 10.53
C ASP A 40 5.01 7.77 11.42
N GLU A 41 3.96 7.23 10.78
CA GLU A 41 2.96 6.36 11.45
C GLU A 41 3.57 4.99 11.85
N LEU A 42 4.43 4.45 10.96
CA LEU A 42 5.10 3.13 11.14
C LEU A 42 5.96 3.08 12.43
N GLU A 43 6.49 4.25 12.82
CA GLU A 43 7.25 4.42 14.08
C GLU A 43 6.29 4.75 15.25
N GLU A 44 5.52 5.85 15.11
CA GLU A 44 4.54 6.30 16.12
C GLU A 44 3.25 6.83 15.44
N GLY A 45 2.29 5.92 15.25
CA GLY A 45 0.96 6.23 14.74
C GLY A 45 0.17 4.96 14.41
N ASP A 46 -0.57 4.98 13.30
CA ASP A 46 -1.28 3.78 12.77
C ASP A 46 -0.36 3.06 11.74
N ALA A 47 -0.87 2.04 11.04
CA ALA A 47 -0.18 1.45 9.88
C ALA A 47 -1.16 0.74 8.94
N LYS A 48 -2.09 -0.08 9.48
CA LYS A 48 -3.08 -0.84 8.66
C LYS A 48 -3.93 0.11 7.80
N ASN A 49 -4.59 1.09 8.45
CA ASN A 49 -5.44 2.10 7.77
C ASN A 49 -4.60 3.00 6.82
N MET A 50 -3.31 3.16 7.13
CA MET A 50 -2.34 3.88 6.25
C MET A 50 -2.06 3.09 4.95
N ILE A 51 -1.98 1.76 5.04
CA ILE A 51 -1.77 0.85 3.88
C ILE A 51 -3.07 0.75 3.05
N GLU A 52 -4.23 0.72 3.76
CA GLU A 52 -5.57 0.74 3.13
C GLU A 52 -5.74 2.02 2.28
N LYS A 53 -5.40 3.17 2.88
CA LYS A 53 -5.52 4.50 2.23
C LYS A 53 -4.37 4.82 1.25
N PHE A 54 -3.21 4.16 1.40
CA PHE A 54 -2.11 4.28 0.42
C PHE A 54 -2.48 3.56 -0.88
N ARG A 55 -3.09 2.37 -0.74
CA ARG A 55 -3.59 1.56 -1.87
C ARG A 55 -4.86 2.19 -2.49
N ASP A 56 -5.68 2.81 -1.63
CA ASP A 56 -6.92 3.53 -2.02
C ASP A 56 -6.57 4.75 -2.91
N GLU A 57 -5.52 5.50 -2.51
CA GLU A 57 -5.02 6.68 -3.26
C GLU A 57 -4.20 6.25 -4.50
N MET A 58 -3.42 5.16 -4.37
CA MET A 58 -2.72 4.54 -5.54
C MET A 58 -3.69 4.07 -6.65
N GLU A 59 -4.91 3.65 -6.27
CA GLU A 59 -5.97 3.35 -7.25
C GLU A 59 -6.31 4.61 -8.09
N GLN A 60 -6.41 5.74 -7.39
CA GLN A 60 -6.70 7.06 -7.99
C GLN A 60 -5.55 7.53 -8.93
N MET A 61 -4.30 7.48 -8.43
CA MET A 61 -3.08 7.92 -9.19
C MET A 61 -2.78 6.99 -10.40
N TYR A 62 -3.13 5.70 -10.26
CA TYR A 62 -3.08 4.70 -11.36
C TYR A 62 -4.16 4.99 -12.42
N LYS A 63 -5.35 5.42 -11.96
CA LYS A 63 -6.50 5.72 -12.84
C LYS A 63 -6.21 6.97 -13.73
N ASP A 64 -5.42 7.92 -13.18
CA ASP A 64 -4.89 9.08 -13.95
C ASP A 64 -3.75 8.66 -14.91
N ALA A 65 -2.68 8.04 -14.36
CA ALA A 65 -1.45 7.69 -15.13
C ALA A 65 -1.13 6.16 -15.01
N PRO A 66 -1.72 5.30 -15.90
CA PRO A 66 -1.45 3.85 -15.92
C PRO A 66 -0.28 3.45 -16.88
N ASN A 67 0.93 3.26 -16.32
CA ASN A 67 2.14 2.89 -17.10
C ASN A 67 2.45 1.36 -17.03
N ALA A 68 1.40 0.54 -16.84
CA ALA A 68 1.47 -0.96 -16.76
C ALA A 68 2.13 -1.47 -15.45
N VAL A 69 3.40 -1.10 -15.19
CA VAL A 69 4.12 -1.49 -13.95
C VAL A 69 3.41 -0.94 -12.67
N MET A 70 2.76 0.24 -12.78
CA MET A 70 1.96 0.87 -11.71
C MET A 70 0.89 -0.12 -11.12
N GLU A 71 0.29 -0.94 -12.00
CA GLU A 71 -0.72 -1.96 -11.62
C GLU A 71 -0.11 -3.08 -10.74
N GLN A 72 1.14 -3.48 -11.07
CA GLN A 72 1.90 -4.50 -10.29
C GLN A 72 2.13 -4.03 -8.83
N LEU A 73 2.28 -2.71 -8.63
CA LEU A 73 2.38 -2.11 -7.28
C LEU A 73 1.04 -2.19 -6.52
N LEU A 74 -0.10 -1.89 -7.19
CA LEU A 74 -1.46 -2.12 -6.60
C LEU A 74 -1.61 -3.58 -6.09
N GLU A 75 -1.09 -4.52 -6.91
CA GLU A 75 -1.08 -5.97 -6.59
C GLU A 75 -0.26 -6.28 -5.31
N GLU A 76 0.98 -5.77 -5.24
CA GLU A 76 1.91 -6.05 -4.13
C GLU A 76 1.45 -5.46 -2.77
N ILE A 77 0.86 -4.25 -2.81
CA ILE A 77 0.29 -3.60 -1.60
C ILE A 77 -0.95 -4.40 -1.10
N GLU A 78 -1.79 -4.87 -2.06
CA GLU A 78 -2.96 -5.74 -1.78
C GLU A 78 -2.55 -7.07 -1.10
N LYS A 79 -1.53 -7.73 -1.68
CA LYS A 79 -0.96 -8.99 -1.14
C LYS A 79 -0.41 -8.81 0.29
N LEU A 80 0.13 -7.62 0.57
CA LEU A 80 0.59 -7.23 1.91
C LEU A 80 -0.59 -6.86 2.83
N LEU A 81 -1.63 -6.20 2.26
CA LEU A 81 -2.76 -5.61 3.03
C LEU A 81 -3.72 -6.70 3.59
N LYS A 82 -3.88 -7.81 2.85
CA LYS A 82 -4.65 -8.99 3.33
C LYS A 82 -4.00 -9.61 4.58
N LYS A 83 -2.66 -9.67 4.58
CA LYS A 83 -1.85 -10.12 5.73
C LYS A 83 -1.82 -9.02 6.84
N ALA A 84 -1.82 -7.74 6.43
CA ALA A 84 -1.70 -6.57 7.35
C ALA A 84 -2.98 -6.40 8.19
N GLY A 85 -2.95 -6.96 9.42
CA GLY A 85 -4.12 -6.97 10.32
C GLY A 85 -4.95 -8.24 10.18
N SER A 86 -5.83 -8.49 11.16
CA SER A 86 -6.72 -9.68 11.19
C SER A 86 -7.87 -9.57 10.16
N LEU A 87 -8.50 -10.72 9.84
CA LEU A 87 -9.67 -10.77 8.94
C LEU A 87 -10.92 -10.21 9.64
N VAL A 88 -11.06 -8.87 9.60
CA VAL A 88 -12.22 -8.14 10.16
C VAL A 88 -12.71 -7.06 9.15
N PRO A 89 -14.06 -6.88 8.97
CA PRO A 89 -14.63 -5.73 8.21
C PRO A 89 -14.30 -4.36 8.86
N ARG A 90 -14.49 -3.27 8.10
CA ARG A 90 -14.18 -1.89 8.56
C ARG A 90 -15.41 -1.25 9.25
N GLY A 91 -16.06 -2.04 10.14
CA GLY A 91 -17.30 -1.65 10.85
C GLY A 91 -18.57 -1.86 10.01
N SER A 92 -19.74 -1.58 10.62
CA SER A 92 -21.05 -1.59 9.91
C SER A 92 -21.25 -0.28 9.11
N TYR A 93 -20.72 0.82 9.70
CA TYR A 93 -20.69 2.18 9.11
C TYR A 93 -22.10 2.84 9.09
N LEU A 94 -22.39 3.66 10.11
CA LEU A 94 -23.67 4.38 10.24
C LEU A 94 -23.67 5.67 9.37
N GLU A 95 -24.88 6.04 8.88
CA GLU A 95 -25.11 7.20 7.97
C GLU A 95 -24.37 7.03 6.60
N HIS A 96 -24.49 8.03 5.70
CA HIS A 96 -23.83 8.00 4.38
C HIS A 96 -23.47 9.46 3.93
N HIS A 97 -23.13 10.32 4.93
CA HIS A 97 -22.71 11.74 4.69
C HIS A 97 -23.80 12.58 3.98
N HIS A 98 -25.07 12.18 4.13
CA HIS A 98 -26.22 12.75 3.37
C HIS A 98 -26.67 14.14 3.91
N HIS A 99 -26.36 14.45 5.17
CA HIS A 99 -26.78 15.73 5.81
C HIS A 99 -25.64 16.36 6.63
N HIS A 100 -25.78 17.66 6.91
CA HIS A 100 -24.83 18.45 7.72
C HIS A 100 -25.01 18.18 9.23
N HIS A 101 -23.93 18.38 10.01
CA HIS A 101 -23.89 18.02 11.45
C HIS A 101 -23.73 19.29 12.35
N MET A 1 9.54 -5.04 18.55
CA MET A 1 9.21 -5.65 17.24
C MET A 1 10.40 -5.53 16.27
N GLN A 2 11.10 -6.65 16.03
CA GLN A 2 12.22 -6.69 15.04
C GLN A 2 12.28 -8.06 14.31
N GLU A 3 11.61 -9.07 14.89
CA GLU A 3 11.64 -10.47 14.41
C GLU A 3 10.94 -10.62 13.05
N GLU A 4 9.67 -10.20 12.98
CA GLU A 4 8.82 -10.33 11.77
C GLU A 4 7.81 -9.16 11.65
N ARG A 5 7.33 -8.64 12.80
CA ARG A 5 6.31 -7.55 12.85
C ARG A 5 6.84 -6.25 12.16
N LYS A 6 8.13 -5.92 12.39
CA LYS A 6 8.80 -4.80 11.70
C LYS A 6 9.07 -5.15 10.20
N LYS A 7 9.42 -6.42 9.91
CA LYS A 7 9.63 -6.92 8.52
C LYS A 7 8.35 -6.80 7.64
N LEU A 8 7.18 -6.92 8.29
CA LEU A 8 5.86 -6.68 7.67
C LEU A 8 5.79 -5.21 7.15
N LEU A 9 6.19 -4.28 8.02
CA LEU A 9 6.22 -2.83 7.71
C LEU A 9 7.31 -2.52 6.64
N GLU A 10 8.44 -3.25 6.71
CA GLU A 10 9.58 -3.12 5.77
C GLU A 10 9.22 -3.62 4.35
N LYS A 11 8.30 -4.59 4.27
CA LYS A 11 7.73 -5.07 2.98
C LYS A 11 6.95 -3.92 2.29
N LEU A 12 6.18 -3.16 3.10
CA LEU A 12 5.43 -1.96 2.64
C LEU A 12 6.40 -0.83 2.21
N GLU A 13 7.52 -0.68 2.96
CA GLU A 13 8.61 0.26 2.63
C GLU A 13 9.19 0.03 1.22
N LYS A 14 9.50 -1.24 0.90
CA LYS A 14 10.01 -1.63 -0.44
C LYS A 14 9.00 -1.27 -1.56
N ILE A 15 7.69 -1.36 -1.27
CA ILE A 15 6.63 -0.98 -2.22
C ILE A 15 6.63 0.55 -2.47
N LEU A 16 6.80 1.34 -1.38
CA LEU A 16 6.88 2.83 -1.45
C LEU A 16 8.07 3.30 -2.30
N ASP A 17 9.24 2.74 -2.02
CA ASP A 17 10.50 3.06 -2.72
C ASP A 17 10.45 2.60 -4.22
N GLU A 18 9.67 1.54 -4.49
CA GLU A 18 9.47 0.99 -5.85
C GLU A 18 8.46 1.85 -6.67
N VAL A 19 7.37 2.32 -6.01
CA VAL A 19 6.30 3.10 -6.69
C VAL A 19 6.77 4.54 -7.00
N THR A 20 7.57 5.14 -6.12
CA THR A 20 8.19 6.46 -6.35
C THR A 20 9.16 6.42 -7.57
N ASP A 21 9.74 5.23 -7.84
CA ASP A 21 10.58 4.99 -9.03
C ASP A 21 9.71 4.72 -10.30
N GLY A 22 8.68 3.86 -10.17
CA GLY A 22 7.78 3.50 -11.29
C GLY A 22 6.56 4.43 -11.45
N ALA A 23 6.64 5.62 -10.83
CA ALA A 23 5.59 6.66 -10.88
C ALA A 23 5.60 7.49 -12.20
N PRO A 24 4.44 8.10 -12.58
CA PRO A 24 4.42 9.26 -13.48
C PRO A 24 5.07 10.51 -12.80
N ASP A 25 5.79 11.32 -13.57
CA ASP A 25 6.75 12.34 -13.07
C ASP A 25 6.17 13.34 -12.02
N GLU A 26 5.04 13.97 -12.35
CA GLU A 26 4.41 15.01 -11.49
C GLU A 26 3.58 14.40 -10.33
N ALA A 27 3.03 13.17 -10.54
CA ALA A 27 2.31 12.42 -9.49
C ALA A 27 3.28 11.83 -8.44
N ARG A 28 4.56 11.65 -8.83
CA ARG A 28 5.64 11.13 -7.95
C ARG A 28 5.74 11.93 -6.64
N GLU A 29 5.65 13.28 -6.76
CA GLU A 29 5.70 14.18 -5.59
C GLU A 29 4.56 13.90 -4.57
N ARG A 30 3.34 13.60 -5.09
CA ARG A 30 2.19 13.15 -4.26
C ARG A 30 2.54 11.83 -3.54
N ILE A 31 3.14 10.89 -4.29
CA ILE A 31 3.51 9.56 -3.78
C ILE A 31 4.61 9.64 -2.70
N GLU A 32 5.57 10.58 -2.87
CA GLU A 32 6.69 10.76 -1.92
C GLU A 32 6.22 11.38 -0.58
N LYS A 33 5.28 12.34 -0.67
CA LYS A 33 4.64 12.95 0.53
C LYS A 33 3.73 11.92 1.24
N LEU A 34 3.02 11.10 0.45
CA LEU A 34 2.12 10.04 0.94
C LEU A 34 2.94 8.91 1.62
N ALA A 35 4.04 8.51 0.94
CA ALA A 35 4.93 7.42 1.38
C ALA A 35 5.63 7.78 2.69
N LYS A 36 6.23 8.99 2.71
CA LYS A 36 6.97 9.51 3.89
C LYS A 36 6.03 9.64 5.11
N ASP A 37 4.79 10.10 4.85
CA ASP A 37 3.72 10.17 5.87
C ASP A 37 3.45 8.75 6.46
N VAL A 38 3.23 7.76 5.56
CA VAL A 38 3.02 6.34 5.94
C VAL A 38 4.26 5.76 6.70
N LYS A 39 5.48 6.23 6.39
CA LYS A 39 6.73 5.78 7.07
C LYS A 39 6.77 6.26 8.55
N ASP A 40 6.33 7.51 8.79
CA ASP A 40 6.21 8.09 10.14
C ASP A 40 5.08 7.41 10.96
N GLU A 41 3.98 7.07 10.25
CA GLU A 41 2.86 6.28 10.78
C GLU A 41 3.31 4.86 11.20
N LEU A 42 4.09 4.21 10.32
CA LEU A 42 4.68 2.87 10.56
C LEU A 42 5.71 2.88 11.71
N GLU A 43 6.19 4.08 12.09
CA GLU A 43 7.08 4.26 13.26
C GLU A 43 6.29 4.47 14.58
N GLU A 44 5.22 5.28 14.54
CA GLU A 44 4.47 5.67 15.77
C GLU A 44 2.95 5.91 15.54
N GLY A 45 2.58 6.42 14.34
CA GLY A 45 1.18 6.79 14.02
C GLY A 45 0.22 5.59 13.88
N ASP A 46 -0.96 5.87 13.30
CA ASP A 46 -2.06 4.88 13.15
C ASP A 46 -1.66 3.69 12.23
N ALA A 47 -0.92 4.00 11.14
CA ALA A 47 -0.16 3.02 10.31
C ALA A 47 -1.03 2.10 9.39
N LYS A 48 -1.74 1.12 9.99
CA LYS A 48 -2.45 0.04 9.23
C LYS A 48 -3.56 0.62 8.30
N ASN A 49 -4.37 1.53 8.85
CA ASN A 49 -5.41 2.27 8.07
C ASN A 49 -4.75 3.14 6.97
N MET A 50 -3.57 3.69 7.28
CA MET A 50 -2.75 4.51 6.34
C MET A 50 -2.18 3.69 5.16
N ILE A 51 -1.97 2.38 5.36
CA ILE A 51 -1.62 1.44 4.26
C ILE A 51 -2.81 1.33 3.26
N GLU A 52 -4.03 1.27 3.82
CA GLU A 52 -5.29 1.25 3.04
C GLU A 52 -5.63 2.63 2.42
N LYS A 53 -5.18 3.72 3.08
CA LYS A 53 -5.32 5.12 2.57
C LYS A 53 -4.41 5.32 1.36
N PHE A 54 -3.16 4.84 1.50
CA PHE A 54 -2.16 4.87 0.43
C PHE A 54 -2.65 4.02 -0.77
N ARG A 55 -3.22 2.83 -0.45
CA ARG A 55 -3.79 1.89 -1.45
C ARG A 55 -4.91 2.54 -2.29
N ASP A 56 -5.74 3.37 -1.64
CA ASP A 56 -6.89 4.04 -2.29
C ASP A 56 -6.40 5.06 -3.36
N GLU A 57 -5.48 5.95 -2.95
CA GLU A 57 -4.88 6.96 -3.85
C GLU A 57 -3.92 6.32 -4.87
N MET A 58 -3.28 5.18 -4.50
CA MET A 58 -2.41 4.37 -5.39
C MET A 58 -3.17 3.88 -6.63
N GLU A 59 -4.35 3.27 -6.39
CA GLU A 59 -5.25 2.80 -7.44
C GLU A 59 -5.72 3.98 -8.34
N GLN A 60 -6.01 5.13 -7.70
CA GLN A 60 -6.48 6.37 -8.38
C GLN A 60 -5.45 6.90 -9.42
N MET A 61 -4.18 7.09 -8.98
CA MET A 61 -3.11 7.66 -9.83
C MET A 61 -2.56 6.66 -10.86
N TYR A 62 -2.75 5.35 -10.59
CA TYR A 62 -2.54 4.28 -11.60
C TYR A 62 -3.62 4.37 -12.71
N LYS A 63 -4.89 4.56 -12.33
CA LYS A 63 -6.00 4.74 -13.30
C LYS A 63 -5.87 6.07 -14.09
N ASP A 64 -5.24 7.08 -13.46
CA ASP A 64 -5.01 8.39 -14.09
C ASP A 64 -3.86 8.31 -15.14
N ALA A 65 -2.75 7.63 -14.76
CA ALA A 65 -1.60 7.39 -15.66
C ALA A 65 -1.07 5.92 -15.48
N PRO A 66 -1.60 4.94 -16.27
CA PRO A 66 -1.24 3.50 -16.12
C PRO A 66 0.20 3.15 -16.55
N ASN A 67 1.03 2.71 -15.58
CA ASN A 67 2.39 2.16 -15.82
C ASN A 67 2.40 0.61 -15.60
N ALA A 68 3.39 -0.07 -16.19
CA ALA A 68 3.49 -1.55 -16.18
C ALA A 68 3.69 -2.13 -14.74
N VAL A 69 4.82 -1.78 -14.10
CA VAL A 69 5.14 -2.24 -12.73
C VAL A 69 4.14 -1.68 -11.68
N MET A 70 3.54 -0.51 -12.00
CA MET A 70 2.59 0.20 -11.11
C MET A 70 1.30 -0.64 -10.85
N GLU A 71 0.92 -1.45 -11.86
CA GLU A 71 -0.18 -2.45 -11.77
C GLU A 71 0.16 -3.57 -10.76
N GLN A 72 1.39 -4.10 -10.90
CA GLN A 72 1.92 -5.17 -10.02
C GLN A 72 1.98 -4.72 -8.54
N LEU A 73 2.22 -3.41 -8.34
CA LEU A 73 2.25 -2.77 -7.01
C LEU A 73 0.85 -2.69 -6.37
N LEU A 74 -0.23 -2.56 -7.19
CA LEU A 74 -1.64 -2.70 -6.68
C LEU A 74 -1.86 -4.12 -6.08
N GLU A 75 -1.37 -5.15 -6.79
CA GLU A 75 -1.41 -6.55 -6.33
C GLU A 75 -0.62 -6.75 -5.00
N GLU A 76 0.58 -6.13 -4.94
CA GLU A 76 1.46 -6.17 -3.75
C GLU A 76 0.77 -5.64 -2.48
N ILE A 77 0.25 -4.40 -2.54
CA ILE A 77 -0.39 -3.73 -1.38
C ILE A 77 -1.66 -4.49 -0.94
N GLU A 78 -2.47 -4.98 -1.90
CA GLU A 78 -3.73 -5.71 -1.60
C GLU A 78 -3.46 -7.05 -0.84
N LYS A 79 -2.33 -7.71 -1.18
CA LYS A 79 -1.81 -8.88 -0.42
C LYS A 79 -1.38 -8.49 1.03
N LEU A 80 -0.80 -7.28 1.18
CA LEU A 80 -0.45 -6.72 2.51
C LEU A 80 -1.70 -6.30 3.33
N LEU A 81 -2.82 -5.96 2.65
CA LEU A 81 -4.13 -5.73 3.33
C LEU A 81 -4.61 -7.00 4.09
N LYS A 82 -4.24 -8.19 3.56
CA LYS A 82 -4.46 -9.48 4.25
C LYS A 82 -3.47 -9.66 5.44
N LYS A 83 -2.19 -9.39 5.17
CA LYS A 83 -1.06 -9.68 6.10
C LYS A 83 -1.03 -8.75 7.34
N ALA A 84 -1.32 -7.46 7.12
CA ALA A 84 -1.21 -6.39 8.14
C ALA A 84 -2.50 -6.29 8.99
N GLY A 85 -2.32 -6.09 10.32
CA GLY A 85 -3.42 -5.83 11.26
C GLY A 85 -4.59 -6.83 11.16
N SER A 86 -4.27 -8.12 11.25
CA SER A 86 -5.23 -9.25 11.08
C SER A 86 -6.46 -9.14 12.02
N LEU A 87 -6.24 -8.60 13.23
CA LEU A 87 -7.29 -8.41 14.26
C LEU A 87 -8.27 -7.26 13.90
N VAL A 88 -7.75 -6.21 13.21
CA VAL A 88 -8.47 -4.96 12.90
C VAL A 88 -9.06 -4.31 14.20
N PRO A 89 -8.21 -3.61 15.03
CA PRO A 89 -8.70 -2.95 16.28
C PRO A 89 -9.67 -1.76 16.00
N ARG A 90 -9.47 -1.09 14.83
CA ARG A 90 -10.40 -0.07 14.28
C ARG A 90 -10.47 1.25 15.12
N GLY A 91 -9.67 1.33 16.20
CA GLY A 91 -9.52 2.56 16.99
C GLY A 91 -8.55 3.53 16.32
N SER A 92 -8.97 4.09 15.17
CA SER A 92 -8.12 4.93 14.29
C SER A 92 -7.63 6.23 14.99
N TYR A 93 -6.32 6.47 14.93
CA TYR A 93 -5.64 7.62 15.57
C TYR A 93 -5.30 8.74 14.56
N LEU A 94 -5.26 9.99 15.05
CA LEU A 94 -4.82 11.19 14.28
C LEU A 94 -3.96 12.11 15.18
N GLU A 95 -3.52 13.25 14.61
CA GLU A 95 -2.68 14.25 15.33
C GLU A 95 -2.93 15.68 14.79
N HIS A 96 -2.92 16.67 15.69
CA HIS A 96 -3.00 18.12 15.34
C HIS A 96 -1.58 18.77 15.44
N HIS A 97 -0.70 18.42 14.49
CA HIS A 97 0.65 19.05 14.33
C HIS A 97 1.03 19.23 12.83
N HIS A 98 0.13 18.80 11.91
CA HIS A 98 0.36 18.77 10.43
C HIS A 98 1.56 17.84 10.05
N HIS A 99 1.94 16.96 11.01
CA HIS A 99 3.12 16.07 10.97
C HIS A 99 4.39 16.70 10.31
N HIS A 100 5.10 17.56 11.09
CA HIS A 100 6.40 18.18 10.69
C HIS A 100 6.27 19.22 9.53
N HIS A 101 7.08 20.29 9.58
CA HIS A 101 7.21 21.30 8.49
C HIS A 101 8.60 22.01 8.58
N MET A 1 9.81 -4.62 19.54
CA MET A 1 8.91 -5.60 18.87
C MET A 1 9.71 -6.65 18.09
N GLN A 2 9.00 -7.67 17.55
CA GLN A 2 9.61 -8.68 16.66
C GLN A 2 9.97 -8.06 15.30
N GLU A 3 11.22 -8.27 14.85
CA GLU A 3 11.68 -7.83 13.52
C GLU A 3 10.93 -8.57 12.38
N GLU A 4 10.46 -9.80 12.70
CA GLU A 4 9.59 -10.61 11.83
C GLU A 4 8.28 -9.84 11.49
N ARG A 5 7.60 -9.35 12.53
CA ARG A 5 6.34 -8.57 12.39
C ARG A 5 6.59 -7.15 11.85
N LYS A 6 7.74 -6.55 12.19
CA LYS A 6 8.10 -5.20 11.70
C LYS A 6 8.42 -5.25 10.19
N LYS A 7 9.05 -6.35 9.74
CA LYS A 7 9.44 -6.56 8.32
C LYS A 7 8.20 -6.58 7.39
N LEU A 8 7.04 -6.98 7.95
CA LEU A 8 5.72 -6.85 7.30
C LEU A 8 5.47 -5.37 6.89
N LEU A 9 5.59 -4.44 7.86
CA LEU A 9 5.43 -2.99 7.63
C LEU A 9 6.57 -2.42 6.74
N GLU A 10 7.78 -2.95 6.95
CA GLU A 10 8.98 -2.59 6.18
C GLU A 10 8.88 -3.09 4.71
N LYS A 11 8.08 -4.14 4.49
CA LYS A 11 7.72 -4.59 3.13
C LYS A 11 6.85 -3.52 2.42
N LEU A 12 5.98 -2.81 3.19
CA LEU A 12 5.26 -1.62 2.67
C LEU A 12 6.26 -0.52 2.26
N GLU A 13 7.31 -0.28 3.07
CA GLU A 13 8.43 0.63 2.68
C GLU A 13 9.04 0.20 1.33
N LYS A 14 9.37 -1.10 1.20
CA LYS A 14 9.97 -1.69 -0.02
C LYS A 14 9.08 -1.46 -1.28
N ILE A 15 7.76 -1.73 -1.12
CA ILE A 15 6.75 -1.49 -2.19
C ILE A 15 6.74 0.00 -2.56
N LEU A 16 6.63 0.86 -1.54
CA LEU A 16 6.55 2.34 -1.67
C LEU A 16 7.84 2.95 -2.29
N ASP A 17 9.00 2.31 -2.07
CA ASP A 17 10.29 2.70 -2.71
C ASP A 17 10.30 2.32 -4.21
N GLU A 18 9.58 1.24 -4.55
CA GLU A 18 9.32 0.83 -5.95
C GLU A 18 8.19 1.68 -6.58
N VAL A 19 7.27 2.20 -5.74
CA VAL A 19 6.13 3.04 -6.17
C VAL A 19 6.60 4.49 -6.50
N THR A 20 7.55 5.03 -5.71
CA THR A 20 8.13 6.39 -5.94
C THR A 20 8.86 6.47 -7.30
N ASP A 21 9.83 5.57 -7.52
CA ASP A 21 10.62 5.54 -8.77
C ASP A 21 9.92 4.76 -9.91
N GLY A 22 8.88 3.98 -9.55
CA GLY A 22 7.97 3.36 -10.54
C GLY A 22 6.71 4.20 -10.79
N ALA A 23 6.79 5.50 -10.43
CA ALA A 23 5.71 6.49 -10.65
C ALA A 23 5.93 7.30 -11.94
N PRO A 24 4.83 7.72 -12.64
CA PRO A 24 4.91 8.81 -13.65
C PRO A 24 5.24 10.19 -13.00
N ASP A 25 5.70 11.14 -13.84
CA ASP A 25 6.30 12.45 -13.40
C ASP A 25 5.48 13.20 -12.32
N GLU A 26 4.28 13.67 -12.72
CA GLU A 26 3.41 14.54 -11.88
C GLU A 26 2.86 13.78 -10.65
N ALA A 27 2.43 12.54 -10.91
CA ALA A 27 1.81 11.66 -9.90
C ALA A 27 2.79 11.23 -8.79
N ARG A 28 4.12 11.31 -9.07
CA ARG A 28 5.18 10.97 -8.09
C ARG A 28 5.12 11.88 -6.84
N GLU A 29 4.79 13.18 -7.03
CA GLU A 29 4.74 14.18 -5.91
C GLU A 29 3.78 13.75 -4.76
N ARG A 30 2.66 13.11 -5.15
CA ARG A 30 1.72 12.48 -4.20
C ARG A 30 2.42 11.45 -3.30
N ILE A 31 3.20 10.58 -3.95
CA ILE A 31 3.87 9.43 -3.31
C ILE A 31 5.08 9.88 -2.44
N GLU A 32 5.83 10.89 -2.91
CA GLU A 32 6.98 11.48 -2.16
C GLU A 32 6.57 11.93 -0.74
N LYS A 33 5.46 12.70 -0.69
CA LYS A 33 4.88 13.22 0.56
C LYS A 33 4.15 12.11 1.37
N LEU A 34 3.23 11.36 0.71
CA LEU A 34 2.33 10.40 1.39
C LEU A 34 3.07 9.15 1.93
N ALA A 35 3.93 8.53 1.09
CA ALA A 35 4.75 7.35 1.50
C ALA A 35 5.69 7.68 2.70
N LYS A 36 6.14 8.95 2.74
CA LYS A 36 6.89 9.51 3.90
C LYS A 36 6.02 9.49 5.19
N ASP A 37 4.77 10.00 5.09
CA ASP A 37 3.79 10.04 6.20
C ASP A 37 3.46 8.63 6.74
N VAL A 38 3.43 7.64 5.82
CA VAL A 38 3.28 6.21 6.17
C VAL A 38 4.45 5.75 7.07
N LYS A 39 5.70 6.06 6.63
CA LYS A 39 6.94 5.67 7.36
C LYS A 39 7.05 6.35 8.76
N ASP A 40 6.49 7.57 8.89
CA ASP A 40 6.36 8.26 10.20
C ASP A 40 5.51 7.45 11.20
N GLU A 41 4.38 6.92 10.71
CA GLU A 41 3.45 6.11 11.52
C GLU A 41 3.96 4.66 11.75
N LEU A 42 4.82 4.17 10.83
CA LEU A 42 5.60 2.91 11.04
C LEU A 42 6.56 3.03 12.26
N GLU A 43 7.15 4.23 12.44
CA GLU A 43 8.03 4.55 13.60
C GLU A 43 7.27 4.35 14.94
N GLU A 44 6.01 4.82 14.99
CA GLU A 44 5.14 4.67 16.17
C GLU A 44 4.38 3.32 16.20
N GLY A 45 4.42 2.58 15.07
CA GLY A 45 3.92 1.19 15.02
C GLY A 45 2.71 1.01 14.08
N ASP A 46 1.51 1.38 14.58
CA ASP A 46 0.22 1.07 13.90
C ASP A 46 -0.05 2.02 12.68
N ALA A 47 0.18 1.46 11.48
CA ALA A 47 -0.07 2.13 10.19
C ALA A 47 -0.90 1.23 9.25
N LYS A 48 -1.77 0.38 9.86
CA LYS A 48 -2.67 -0.54 9.12
C LYS A 48 -3.67 0.25 8.24
N ASN A 49 -4.24 1.33 8.83
CA ASN A 49 -5.12 2.27 8.13
C ASN A 49 -4.39 2.98 6.96
N MET A 50 -3.08 3.26 7.17
CA MET A 50 -2.21 3.92 6.18
C MET A 50 -2.02 3.09 4.90
N ILE A 51 -2.03 1.76 5.04
CA ILE A 51 -1.95 0.82 3.89
C ILE A 51 -3.26 0.88 3.06
N GLU A 52 -4.39 0.93 3.78
CA GLU A 52 -5.74 0.99 3.19
C GLU A 52 -5.95 2.33 2.40
N LYS A 53 -5.54 3.45 3.03
CA LYS A 53 -5.72 4.80 2.43
C LYS A 53 -4.67 5.08 1.33
N PHE A 54 -3.46 4.45 1.45
CA PHE A 54 -2.42 4.55 0.40
C PHE A 54 -2.90 3.83 -0.88
N ARG A 55 -3.57 2.67 -0.72
CA ARG A 55 -4.16 1.90 -1.85
C ARG A 55 -5.12 2.79 -2.68
N ASP A 56 -5.99 3.55 -1.98
CA ASP A 56 -6.97 4.46 -2.62
C ASP A 56 -6.28 5.51 -3.53
N GLU A 57 -5.30 6.24 -2.96
CA GLU A 57 -4.51 7.27 -3.70
C GLU A 57 -3.70 6.64 -4.87
N MET A 58 -3.06 5.50 -4.56
CA MET A 58 -2.18 4.75 -5.49
C MET A 58 -2.91 4.27 -6.74
N GLU A 59 -4.12 3.72 -6.54
CA GLU A 59 -4.97 3.23 -7.65
C GLU A 59 -5.39 4.38 -8.57
N GLN A 60 -5.69 5.56 -7.97
CA GLN A 60 -6.10 6.78 -8.73
C GLN A 60 -4.98 7.29 -9.67
N MET A 61 -3.72 7.22 -9.20
CA MET A 61 -2.54 7.69 -9.97
C MET A 61 -2.19 6.70 -11.12
N TYR A 62 -2.35 5.40 -10.82
CA TYR A 62 -2.24 4.32 -11.83
C TYR A 62 -3.41 4.42 -12.86
N LYS A 63 -4.60 4.80 -12.39
CA LYS A 63 -5.83 4.86 -13.24
C LYS A 63 -5.79 6.11 -14.15
N ASP A 64 -5.10 7.16 -13.67
CA ASP A 64 -4.83 8.38 -14.44
C ASP A 64 -3.70 8.13 -15.50
N ALA A 65 -2.66 7.38 -15.08
CA ALA A 65 -1.51 7.02 -15.95
C ALA A 65 -1.23 5.48 -15.89
N PRO A 66 -1.98 4.64 -16.68
CA PRO A 66 -1.79 3.16 -16.71
C PRO A 66 -0.50 2.74 -17.47
N ASN A 67 0.60 2.57 -16.71
CA ASN A 67 1.91 2.16 -17.26
C ASN A 67 2.00 0.62 -17.46
N ALA A 68 2.49 -0.13 -16.44
CA ALA A 68 2.60 -1.63 -16.51
C ALA A 68 2.90 -2.24 -15.12
N VAL A 69 4.17 -2.13 -14.66
CA VAL A 69 4.63 -2.69 -13.36
C VAL A 69 3.94 -2.00 -12.16
N MET A 70 3.46 -0.74 -12.40
CA MET A 70 2.71 0.05 -11.41
C MET A 70 1.43 -0.70 -10.93
N GLU A 71 0.80 -1.49 -11.83
CA GLU A 71 -0.37 -2.35 -11.49
C GLU A 71 0.02 -3.45 -10.46
N GLN A 72 1.20 -4.05 -10.66
CA GLN A 72 1.74 -5.11 -9.78
C GLN A 72 2.06 -4.55 -8.36
N LEU A 73 2.42 -3.26 -8.32
CA LEU A 73 2.61 -2.52 -7.04
C LEU A 73 1.28 -2.37 -6.26
N LEU A 74 0.16 -2.08 -6.98
CA LEU A 74 -1.22 -2.12 -6.39
C LEU A 74 -1.52 -3.49 -5.75
N GLU A 75 -1.13 -4.57 -6.46
CA GLU A 75 -1.37 -5.97 -6.02
C GLU A 75 -0.59 -6.28 -4.72
N GLU A 76 0.69 -5.86 -4.65
CA GLU A 76 1.54 -6.07 -3.44
C GLU A 76 0.96 -5.33 -2.21
N ILE A 77 0.47 -4.09 -2.42
CA ILE A 77 -0.21 -3.30 -1.35
C ILE A 77 -1.43 -4.07 -0.80
N GLU A 78 -2.18 -4.74 -1.71
CA GLU A 78 -3.35 -5.59 -1.35
C GLU A 78 -2.94 -6.83 -0.51
N LYS A 79 -1.84 -7.49 -0.94
CA LYS A 79 -1.30 -8.70 -0.25
C LYS A 79 -0.87 -8.37 1.19
N LEU A 80 -0.20 -7.23 1.34
CA LEU A 80 0.29 -6.71 2.64
C LEU A 80 -0.84 -6.08 3.48
N LEU A 81 -1.89 -5.55 2.82
CA LEU A 81 -3.10 -4.99 3.48
C LEU A 81 -3.83 -6.13 4.24
N LYS A 82 -4.01 -7.25 3.54
CA LYS A 82 -4.54 -8.50 4.09
C LYS A 82 -3.60 -9.08 5.18
N LYS A 83 -2.29 -9.09 4.88
CA LYS A 83 -1.24 -9.65 5.78
C LYS A 83 -1.10 -8.84 7.09
N ALA A 84 -1.40 -7.52 7.03
CA ALA A 84 -1.34 -6.60 8.19
C ALA A 84 -2.58 -6.71 9.12
N GLY A 85 -3.40 -7.77 8.94
CA GLY A 85 -4.51 -8.08 9.85
C GLY A 85 -4.05 -8.53 11.24
N SER A 86 -3.59 -7.56 12.06
CA SER A 86 -3.12 -7.82 13.44
C SER A 86 -4.32 -7.93 14.41
N LEU A 87 -4.47 -9.11 15.06
CA LEU A 87 -5.64 -9.51 15.88
C LEU A 87 -6.90 -9.70 14.98
N VAL A 88 -7.43 -8.59 14.42
CA VAL A 88 -8.56 -8.60 13.48
C VAL A 88 -8.15 -9.28 12.13
N PRO A 89 -8.92 -10.30 11.63
CA PRO A 89 -8.54 -11.09 10.42
C PRO A 89 -8.84 -10.36 9.07
N ARG A 90 -9.30 -9.09 9.16
CA ARG A 90 -9.59 -8.24 7.99
C ARG A 90 -9.39 -6.76 8.40
N GLY A 91 -10.27 -6.26 9.28
CA GLY A 91 -10.27 -4.85 9.71
C GLY A 91 -11.66 -4.21 9.53
N SER A 92 -12.45 -4.15 10.62
CA SER A 92 -13.83 -3.60 10.60
C SER A 92 -13.84 -2.08 10.92
N TYR A 93 -14.47 -1.30 10.02
CA TYR A 93 -14.66 0.16 10.21
C TYR A 93 -15.81 0.44 11.20
N LEU A 94 -16.90 -0.32 11.08
CA LEU A 94 -17.99 -0.37 12.08
C LEU A 94 -17.52 -1.21 13.29
N GLU A 95 -17.57 -0.59 14.48
CA GLU A 95 -17.10 -1.17 15.76
C GLU A 95 -15.57 -1.45 15.74
N HIS A 96 -14.79 -0.50 16.32
CA HIS A 96 -13.31 -0.56 16.39
C HIS A 96 -12.79 -1.15 17.74
N HIS A 97 -13.52 -2.15 18.29
CA HIS A 97 -13.09 -2.87 19.51
C HIS A 97 -11.78 -3.69 19.26
N HIS A 98 -10.78 -3.49 20.13
CA HIS A 98 -9.44 -4.11 19.98
C HIS A 98 -8.84 -4.40 21.37
N HIS A 99 -8.19 -5.57 21.54
CA HIS A 99 -7.50 -5.92 22.80
C HIS A 99 -6.23 -5.04 22.98
N HIS A 100 -5.96 -4.62 24.23
CA HIS A 100 -4.77 -3.81 24.58
C HIS A 100 -3.43 -4.56 24.35
N HIS A 101 -2.32 -3.83 24.47
CA HIS A 101 -0.97 -4.41 24.38
C HIS A 101 -0.63 -5.22 25.67
N MET A 1 10.65 -6.82 18.34
CA MET A 1 9.87 -8.09 18.22
C MET A 1 10.49 -9.02 17.15
N GLN A 2 9.77 -10.12 16.80
CA GLN A 2 10.23 -11.09 15.77
C GLN A 2 10.49 -10.43 14.39
N GLU A 3 11.46 -10.99 13.66
CA GLU A 3 11.93 -10.46 12.37
C GLU A 3 10.83 -10.48 11.30
N GLU A 4 9.91 -11.47 11.40
CA GLU A 4 8.76 -11.62 10.47
C GLU A 4 7.79 -10.40 10.51
N ARG A 5 7.59 -9.82 11.71
CA ARG A 5 6.73 -8.62 11.90
C ARG A 5 7.49 -7.34 11.48
N LYS A 6 8.82 -7.33 11.67
CA LYS A 6 9.70 -6.27 11.10
C LYS A 6 9.69 -6.30 9.55
N LYS A 7 9.66 -7.53 8.98
CA LYS A 7 9.57 -7.75 7.52
C LYS A 7 8.24 -7.22 6.97
N LEU A 8 7.18 -7.29 7.79
CA LEU A 8 5.85 -6.74 7.44
C LEU A 8 5.90 -5.20 7.25
N LEU A 9 6.62 -4.53 8.15
CA LEU A 9 6.73 -3.04 8.18
C LEU A 9 7.65 -2.51 7.05
N GLU A 10 8.87 -3.10 6.95
CA GLU A 10 9.87 -2.71 5.92
C GLU A 10 9.40 -3.07 4.50
N LYS A 11 8.65 -4.19 4.35
CA LYS A 11 8.10 -4.61 3.04
C LYS A 11 7.12 -3.57 2.50
N LEU A 12 6.31 -2.99 3.40
CA LEU A 12 5.36 -1.91 3.05
C LEU A 12 6.14 -0.69 2.49
N GLU A 13 7.16 -0.24 3.24
CA GLU A 13 8.06 0.87 2.82
C GLU A 13 8.83 0.54 1.51
N LYS A 14 9.11 -0.76 1.32
CA LYS A 14 9.81 -1.29 0.14
C LYS A 14 8.90 -1.31 -1.11
N ILE A 15 7.56 -1.48 -0.89
CA ILE A 15 6.55 -1.26 -1.95
C ILE A 15 6.65 0.20 -2.41
N LEU A 16 6.57 1.13 -1.42
CA LEU A 16 6.69 2.60 -1.63
C LEU A 16 7.98 2.97 -2.42
N ASP A 17 9.07 2.21 -2.19
CA ASP A 17 10.34 2.36 -2.94
C ASP A 17 10.15 1.95 -4.43
N GLU A 18 9.46 0.82 -4.66
CA GLU A 18 9.11 0.32 -6.02
C GLU A 18 8.09 1.25 -6.73
N VAL A 19 7.21 1.88 -5.92
CA VAL A 19 6.14 2.77 -6.41
C VAL A 19 6.73 4.10 -6.91
N THR A 20 7.57 4.74 -6.08
CA THR A 20 8.25 6.01 -6.42
C THR A 20 9.17 5.85 -7.65
N ASP A 21 9.82 4.67 -7.75
CA ASP A 21 10.68 4.32 -8.92
C ASP A 21 9.82 4.11 -10.21
N GLY A 22 8.68 3.40 -10.07
CA GLY A 22 7.78 3.12 -11.21
C GLY A 22 6.67 4.16 -11.39
N ALA A 23 6.78 5.29 -10.66
CA ALA A 23 5.79 6.38 -10.69
C ALA A 23 5.99 7.32 -11.90
N PRO A 24 4.89 7.84 -12.52
CA PRO A 24 4.96 9.01 -13.44
C PRO A 24 5.54 10.25 -12.70
N ASP A 25 6.38 11.04 -13.40
CA ASP A 25 7.18 12.16 -12.82
C ASP A 25 6.36 13.11 -11.89
N GLU A 26 5.27 13.68 -12.44
CA GLU A 26 4.39 14.61 -11.70
C GLU A 26 3.50 13.90 -10.66
N ALA A 27 3.08 12.66 -10.96
CA ALA A 27 2.26 11.81 -10.05
C ALA A 27 3.08 11.31 -8.83
N ARG A 28 4.42 11.26 -8.98
CA ARG A 28 5.33 10.80 -7.91
C ARG A 28 5.33 11.78 -6.72
N GLU A 29 5.14 13.07 -7.01
CA GLU A 29 5.08 14.14 -5.97
C GLU A 29 3.98 13.88 -4.92
N ARG A 30 2.86 13.29 -5.38
CA ARG A 30 1.76 12.81 -4.50
C ARG A 30 2.27 11.69 -3.54
N ILE A 31 3.02 10.75 -4.14
CA ILE A 31 3.56 9.55 -3.46
C ILE A 31 4.67 9.92 -2.45
N GLU A 32 5.50 10.94 -2.79
CA GLU A 32 6.64 11.41 -1.94
C GLU A 32 6.13 11.97 -0.59
N LYS A 33 5.18 12.92 -0.67
CA LYS A 33 4.59 13.59 0.51
C LYS A 33 3.79 12.62 1.41
N LEU A 34 3.08 11.68 0.78
CA LEU A 34 2.28 10.66 1.51
C LEU A 34 3.19 9.61 2.21
N ALA A 35 4.23 9.14 1.48
CA ALA A 35 5.21 8.12 1.97
C ALA A 35 5.99 8.60 3.21
N LYS A 36 6.19 9.93 3.31
CA LYS A 36 6.87 10.58 4.46
C LYS A 36 6.20 10.21 5.81
N ASP A 37 4.88 10.42 5.87
CA ASP A 37 4.10 10.28 7.12
C ASP A 37 3.85 8.80 7.49
N VAL A 38 3.86 7.89 6.47
CA VAL A 38 3.66 6.43 6.68
C VAL A 38 4.66 5.86 7.70
N LYS A 39 5.92 6.30 7.59
CA LYS A 39 7.03 5.87 8.46
C LYS A 39 6.78 6.23 9.95
N ASP A 40 6.31 7.47 10.20
CA ASP A 40 5.95 7.95 11.55
C ASP A 40 4.71 7.21 12.11
N GLU A 41 3.79 6.83 11.21
CA GLU A 41 2.56 6.08 11.57
C GLU A 41 2.86 4.60 11.91
N LEU A 42 3.95 4.07 11.33
CA LEU A 42 4.51 2.74 11.70
C LEU A 42 5.09 2.78 13.14
N GLU A 43 5.75 3.91 13.49
CA GLU A 43 6.43 4.10 14.81
C GLU A 43 5.43 4.35 15.97
N GLU A 44 4.56 5.38 15.82
CA GLU A 44 3.71 5.89 16.93
C GLU A 44 2.23 6.14 16.51
N GLY A 45 2.01 6.51 15.23
CA GLY A 45 0.64 6.77 14.73
C GLY A 45 -0.12 5.49 14.34
N ASP A 46 -1.12 5.62 13.45
CA ASP A 46 -1.90 4.48 12.93
C ASP A 46 -1.44 4.11 11.49
N ALA A 47 -0.70 3.01 11.37
CA ALA A 47 -0.21 2.51 10.07
C ALA A 47 -1.35 1.92 9.19
N LYS A 48 -2.37 1.32 9.84
CA LYS A 48 -3.48 0.60 9.14
C LYS A 48 -4.17 1.47 8.07
N ASN A 49 -4.68 2.64 8.49
CA ASN A 49 -5.36 3.61 7.59
C ASN A 49 -4.43 4.08 6.44
N MET A 50 -3.13 4.25 6.77
CA MET A 50 -2.11 4.71 5.81
C MET A 50 -1.86 3.71 4.66
N ILE A 51 -1.85 2.42 5.00
CA ILE A 51 -1.65 1.31 4.03
C ILE A 51 -2.88 1.17 3.09
N GLU A 52 -4.07 1.16 3.70
CA GLU A 52 -5.35 1.01 2.96
C GLU A 52 -5.70 2.27 2.12
N LYS A 53 -5.31 3.47 2.61
CA LYS A 53 -5.52 4.74 1.84
C LYS A 53 -4.47 4.89 0.72
N PHE A 54 -3.22 4.42 0.98
CA PHE A 54 -2.14 4.44 -0.04
C PHE A 54 -2.53 3.59 -1.26
N ARG A 55 -3.25 2.50 -0.98
CA ARG A 55 -3.84 1.62 -2.02
C ARG A 55 -4.86 2.41 -2.88
N ASP A 56 -5.71 3.21 -2.21
CA ASP A 56 -6.76 4.01 -2.87
C ASP A 56 -6.14 5.14 -3.75
N GLU A 57 -5.10 5.79 -3.21
CA GLU A 57 -4.33 6.85 -3.89
C GLU A 57 -3.61 6.29 -5.14
N MET A 58 -2.95 5.13 -4.97
CA MET A 58 -2.28 4.42 -6.08
C MET A 58 -3.26 3.93 -7.15
N GLU A 59 -4.45 3.49 -6.73
CA GLU A 59 -5.50 3.02 -7.68
C GLU A 59 -6.05 4.21 -8.50
N GLN A 60 -6.06 5.41 -7.89
CA GLN A 60 -6.41 6.68 -8.57
C GLN A 60 -5.34 7.04 -9.62
N MET A 61 -4.06 7.05 -9.21
CA MET A 61 -2.91 7.41 -10.09
C MET A 61 -2.61 6.33 -11.16
N TYR A 62 -3.03 5.08 -10.88
CA TYR A 62 -2.99 3.95 -11.85
C TYR A 62 -4.13 4.11 -12.88
N LYS A 63 -5.31 4.47 -12.38
CA LYS A 63 -6.50 4.71 -13.23
C LYS A 63 -6.27 5.91 -14.19
N ASP A 64 -5.54 6.92 -13.68
CA ASP A 64 -5.22 8.16 -14.43
C ASP A 64 -4.00 7.96 -15.37
N ALA A 65 -2.95 7.30 -14.86
CA ALA A 65 -1.68 7.07 -15.61
C ALA A 65 -1.14 5.62 -15.40
N PRO A 66 -1.72 4.60 -16.12
CA PRO A 66 -1.25 3.19 -16.05
C PRO A 66 -0.03 2.91 -16.98
N ASN A 67 1.16 2.80 -16.40
CA ASN A 67 2.38 2.38 -17.15
C ASN A 67 2.38 0.85 -17.42
N ALA A 68 2.83 0.04 -16.44
CA ALA A 68 2.84 -1.44 -16.53
C ALA A 68 3.14 -2.06 -15.14
N VAL A 69 4.29 -1.66 -14.55
CA VAL A 69 4.67 -2.05 -13.17
C VAL A 69 3.65 -1.52 -12.12
N MET A 70 3.00 -0.38 -12.47
CA MET A 70 1.97 0.30 -11.61
C MET A 70 0.85 -0.68 -11.14
N GLU A 71 0.51 -1.65 -12.01
CA GLU A 71 -0.49 -2.71 -11.73
C GLU A 71 0.05 -3.76 -10.72
N GLN A 72 1.31 -4.19 -10.93
CA GLN A 72 2.00 -5.14 -10.00
C GLN A 72 2.18 -4.52 -8.59
N LEU A 73 2.34 -3.18 -8.55
CA LEU A 73 2.41 -2.40 -7.31
C LEU A 73 1.08 -2.52 -6.52
N LEU A 74 -0.07 -2.26 -7.19
CA LEU A 74 -1.42 -2.44 -6.58
C LEU A 74 -1.64 -3.88 -6.06
N GLU A 75 -1.15 -4.87 -6.85
CA GLU A 75 -1.22 -6.30 -6.49
C GLU A 75 -0.46 -6.60 -5.17
N GLU A 76 0.74 -5.99 -5.03
CA GLU A 76 1.59 -6.15 -3.82
C GLU A 76 0.97 -5.48 -2.57
N ILE A 77 0.44 -4.23 -2.74
CA ILE A 77 -0.22 -3.47 -1.65
C ILE A 77 -1.43 -4.26 -1.08
N GLU A 78 -2.19 -4.90 -1.99
CA GLU A 78 -3.34 -5.76 -1.62
C GLU A 78 -2.94 -6.85 -0.59
N LYS A 79 -1.77 -7.47 -0.81
CA LYS A 79 -1.23 -8.54 0.08
C LYS A 79 -0.92 -7.97 1.48
N LEU A 80 -0.48 -6.70 1.52
CA LEU A 80 -0.21 -5.96 2.77
C LEU A 80 -1.52 -5.51 3.47
N LEU A 81 -2.62 -5.29 2.71
CA LEU A 81 -3.98 -5.09 3.29
C LEU A 81 -4.48 -6.38 4.01
N LYS A 82 -4.02 -7.55 3.50
CA LYS A 82 -4.32 -8.88 4.12
C LYS A 82 -3.51 -9.07 5.43
N LYS A 83 -2.18 -8.94 5.31
CA LYS A 83 -1.19 -9.20 6.39
C LYS A 83 -1.23 -8.11 7.52
N ALA A 84 -1.08 -6.84 7.09
CA ALA A 84 -0.97 -5.68 8.01
C ALA A 84 -2.34 -5.07 8.36
N GLY A 85 -2.35 -4.21 9.39
CA GLY A 85 -3.57 -3.62 9.94
C GLY A 85 -4.28 -4.58 10.92
N SER A 86 -4.68 -5.74 10.39
CA SER A 86 -5.25 -6.86 11.17
C SER A 86 -4.87 -8.21 10.52
N LEU A 87 -5.04 -9.30 11.26
CA LEU A 87 -4.81 -10.68 10.76
C LEU A 87 -6.11 -11.32 10.19
N VAL A 88 -7.07 -10.46 9.79
CA VAL A 88 -8.41 -10.89 9.33
C VAL A 88 -8.44 -11.15 7.80
N PRO A 89 -9.32 -12.10 7.32
CA PRO A 89 -9.48 -12.37 5.86
C PRO A 89 -10.23 -11.24 5.07
N ARG A 90 -10.87 -10.30 5.82
CA ARG A 90 -11.67 -9.17 5.25
C ARG A 90 -12.87 -9.67 4.40
N GLY A 91 -14.09 -9.61 4.98
CA GLY A 91 -15.32 -10.09 4.31
C GLY A 91 -15.94 -9.07 3.34
N SER A 92 -15.11 -8.53 2.42
CA SER A 92 -15.55 -7.53 1.40
C SER A 92 -15.96 -8.23 0.09
N TYR A 93 -16.83 -7.56 -0.70
CA TYR A 93 -17.38 -8.12 -1.97
C TYR A 93 -16.75 -7.44 -3.19
N LEU A 94 -16.85 -8.11 -4.37
CA LEU A 94 -16.19 -7.67 -5.64
C LEU A 94 -14.64 -7.62 -5.49
N GLU A 95 -13.94 -6.99 -6.46
CA GLU A 95 -12.46 -6.74 -6.40
C GLU A 95 -11.63 -8.08 -6.42
N HIS A 96 -10.30 -7.97 -6.65
CA HIS A 96 -9.36 -9.11 -6.61
C HIS A 96 -9.69 -10.16 -7.70
N HIS A 97 -9.22 -9.87 -8.94
CA HIS A 97 -9.45 -10.72 -10.13
C HIS A 97 -10.96 -10.87 -10.45
N HIS A 98 -11.52 -9.89 -11.18
CA HIS A 98 -12.90 -9.96 -11.67
C HIS A 98 -13.03 -11.06 -12.74
N HIS A 99 -13.93 -12.03 -12.50
CA HIS A 99 -14.18 -13.14 -13.43
C HIS A 99 -14.97 -12.65 -14.67
N HIS A 100 -14.82 -13.35 -15.82
CA HIS A 100 -15.56 -13.03 -17.07
C HIS A 100 -17.02 -13.57 -17.07
N HIS A 101 -17.61 -13.73 -15.87
CA HIS A 101 -19.03 -14.08 -15.63
C HIS A 101 -19.53 -13.41 -14.31
N MET A 1 6.48 -8.74 17.02
CA MET A 1 7.49 -8.59 15.94
C MET A 1 7.82 -9.96 15.27
N GLN A 2 7.72 -11.05 16.06
CA GLN A 2 8.14 -12.42 15.65
C GLN A 2 7.34 -13.02 14.47
N GLU A 3 6.12 -12.50 14.20
CA GLU A 3 5.24 -13.01 13.11
C GLU A 3 5.57 -12.36 11.73
N GLU A 4 6.87 -12.02 11.53
CA GLU A 4 7.37 -11.28 10.34
C GLU A 4 6.68 -9.90 10.19
N ARG A 5 6.42 -9.25 11.35
CA ARG A 5 5.80 -7.92 11.41
C ARG A 5 6.78 -6.81 10.94
N LYS A 6 8.08 -6.96 11.28
CA LYS A 6 9.13 -6.03 10.78
C LYS A 6 9.38 -6.25 9.27
N LYS A 7 9.25 -7.50 8.81
CA LYS A 7 9.32 -7.85 7.37
C LYS A 7 8.05 -7.36 6.60
N LEU A 8 6.91 -7.26 7.31
CA LEU A 8 5.67 -6.62 6.81
C LEU A 8 5.94 -5.11 6.55
N LEU A 9 6.59 -4.45 7.53
CA LEU A 9 7.03 -3.04 7.41
C LEU A 9 8.11 -2.85 6.33
N GLU A 10 9.04 -3.82 6.24
CA GLU A 10 10.18 -3.81 5.30
C GLU A 10 9.70 -3.93 3.84
N LYS A 11 8.73 -4.83 3.62
CA LYS A 11 8.08 -5.03 2.32
C LYS A 11 7.30 -3.77 1.92
N LEU A 12 6.52 -3.22 2.86
CA LEU A 12 5.70 -2.00 2.63
C LEU A 12 6.60 -0.80 2.21
N GLU A 13 7.75 -0.67 2.91
CA GLU A 13 8.79 0.33 2.57
C GLU A 13 9.36 0.11 1.15
N LYS A 14 9.58 -1.17 0.78
CA LYS A 14 10.10 -1.54 -0.57
C LYS A 14 9.09 -1.18 -1.67
N ILE A 15 7.79 -1.44 -1.42
CA ILE A 15 6.71 -1.18 -2.40
C ILE A 15 6.62 0.34 -2.70
N LEU A 16 6.43 1.15 -1.63
CA LEU A 16 6.30 2.64 -1.75
C LEU A 16 7.59 3.29 -2.32
N ASP A 17 8.74 2.67 -2.04
CA ASP A 17 10.05 3.03 -2.65
C ASP A 17 10.01 2.86 -4.20
N GLU A 18 9.43 1.74 -4.65
CA GLU A 18 9.29 1.42 -6.09
C GLU A 18 8.09 2.15 -6.75
N VAL A 19 7.08 2.56 -5.96
CA VAL A 19 5.89 3.31 -6.47
C VAL A 19 6.28 4.77 -6.85
N THR A 20 7.18 5.40 -6.05
CA THR A 20 7.70 6.76 -6.34
C THR A 20 8.48 6.79 -7.68
N ASP A 21 9.47 5.90 -7.83
CA ASP A 21 10.26 5.75 -9.08
C ASP A 21 9.43 5.08 -10.22
N GLY A 22 8.34 4.39 -9.84
CA GLY A 22 7.37 3.82 -10.81
C GLY A 22 6.40 4.86 -11.36
N ALA A 23 6.32 6.03 -10.68
CA ALA A 23 5.55 7.18 -11.15
C ALA A 23 6.27 7.86 -12.35
N PRO A 24 5.56 8.08 -13.51
CA PRO A 24 6.21 8.57 -14.77
C PRO A 24 6.58 10.08 -14.74
N ASP A 25 5.74 10.93 -14.10
CA ASP A 25 6.05 12.37 -13.94
C ASP A 25 5.25 13.01 -12.77
N GLU A 26 4.04 13.56 -13.06
CA GLU A 26 3.27 14.38 -12.10
C GLU A 26 2.47 13.55 -11.06
N ALA A 27 2.71 12.22 -11.02
CA ALA A 27 2.15 11.35 -9.97
C ALA A 27 3.08 11.29 -8.74
N ARG A 28 4.40 11.45 -8.98
CA ARG A 28 5.45 11.15 -7.98
C ARG A 28 5.38 12.02 -6.71
N GLU A 29 5.15 13.32 -6.88
CA GLU A 29 5.15 14.31 -5.75
C GLU A 29 4.02 14.02 -4.71
N ARG A 30 2.91 13.40 -5.18
CA ARG A 30 1.83 12.90 -4.31
C ARG A 30 2.33 11.71 -3.47
N ILE A 31 3.01 10.78 -4.18
CA ILE A 31 3.57 9.55 -3.60
C ILE A 31 4.75 9.86 -2.62
N GLU A 32 5.53 10.94 -2.89
CA GLU A 32 6.67 11.36 -2.04
C GLU A 32 6.19 11.73 -0.62
N LYS A 33 5.25 12.70 -0.55
CA LYS A 33 4.76 13.28 0.72
C LYS A 33 4.08 12.22 1.61
N LEU A 34 3.09 11.52 1.03
CA LEU A 34 2.25 10.56 1.76
C LEU A 34 3.09 9.38 2.32
N ALA A 35 4.07 8.89 1.53
CA ALA A 35 4.99 7.78 1.95
C ALA A 35 5.87 8.17 3.17
N LYS A 36 6.24 9.47 3.26
CA LYS A 36 7.00 10.02 4.41
C LYS A 36 6.19 9.90 5.72
N ASP A 37 4.90 10.33 5.66
CA ASP A 37 3.98 10.30 6.82
C ASP A 37 3.65 8.85 7.28
N VAL A 38 3.70 7.88 6.33
CA VAL A 38 3.52 6.44 6.65
C VAL A 38 4.60 5.94 7.64
N LYS A 39 5.84 6.45 7.47
CA LYS A 39 7.02 6.03 8.25
C LYS A 39 6.94 6.45 9.73
N ASP A 40 6.30 7.60 9.99
CA ASP A 40 5.99 8.06 11.36
C ASP A 40 4.94 7.14 12.04
N GLU A 41 3.96 6.70 11.25
CA GLU A 41 2.86 5.80 11.69
C GLU A 41 3.33 4.34 11.91
N LEU A 42 4.40 3.92 11.19
CA LEU A 42 5.04 2.58 11.38
C LEU A 42 5.48 2.38 12.86
N GLU A 43 6.04 3.45 13.45
CA GLU A 43 6.59 3.43 14.84
C GLU A 43 5.59 4.03 15.87
N GLU A 44 4.73 4.98 15.43
CA GLU A 44 3.76 5.68 16.32
C GLU A 44 2.46 6.05 15.57
N GLY A 45 1.36 5.34 15.90
CA GLY A 45 0.04 5.57 15.27
C GLY A 45 -0.59 4.27 14.77
N ASP A 46 -0.93 4.23 13.46
CA ASP A 46 -1.47 3.02 12.81
C ASP A 46 -1.04 3.00 11.33
N ALA A 47 -0.03 2.17 11.03
CA ALA A 47 0.49 1.99 9.66
C ALA A 47 -0.56 1.43 8.68
N LYS A 48 -1.40 0.49 9.17
CA LYS A 48 -2.40 -0.23 8.33
C LYS A 48 -3.43 0.77 7.73
N ASN A 49 -3.79 1.80 8.52
CA ASN A 49 -4.71 2.87 8.06
C ASN A 49 -4.07 3.72 6.93
N MET A 50 -2.76 3.93 7.02
CA MET A 50 -1.96 4.60 5.98
C MET A 50 -1.91 3.78 4.68
N ILE A 51 -1.76 2.45 4.81
CA ILE A 51 -1.64 1.52 3.67
C ILE A 51 -2.96 1.42 2.87
N GLU A 52 -4.11 1.40 3.59
CA GLU A 52 -5.45 1.29 2.95
C GLU A 52 -5.85 2.60 2.25
N LYS A 53 -5.50 3.76 2.84
CA LYS A 53 -5.78 5.07 2.22
C LYS A 53 -4.75 5.39 1.11
N PHE A 54 -3.53 4.81 1.22
CA PHE A 54 -2.52 4.87 0.16
C PHE A 54 -2.98 4.00 -1.03
N ARG A 55 -3.68 2.88 -0.74
CA ARG A 55 -4.25 1.97 -1.77
C ARG A 55 -5.37 2.68 -2.56
N ASP A 56 -6.16 3.51 -1.84
CA ASP A 56 -7.26 4.29 -2.43
C ASP A 56 -6.73 5.25 -3.53
N GLU A 57 -5.67 5.98 -3.18
CA GLU A 57 -4.96 6.90 -4.09
C GLU A 57 -4.07 6.15 -5.11
N MET A 58 -3.55 4.96 -4.73
CA MET A 58 -2.71 4.10 -5.60
C MET A 58 -3.45 3.70 -6.88
N GLU A 59 -4.67 3.18 -6.70
CA GLU A 59 -5.54 2.76 -7.82
C GLU A 59 -5.94 3.95 -8.71
N GLN A 60 -6.23 5.08 -8.05
CA GLN A 60 -6.58 6.35 -8.69
C GLN A 60 -5.47 6.85 -9.67
N MET A 61 -4.23 6.98 -9.19
CA MET A 61 -3.09 7.49 -10.01
C MET A 61 -2.58 6.42 -11.01
N TYR A 62 -2.86 5.14 -10.72
CA TYR A 62 -2.57 4.00 -11.63
C TYR A 62 -3.49 4.02 -12.87
N LYS A 63 -4.79 4.32 -12.70
CA LYS A 63 -5.74 4.39 -13.83
C LYS A 63 -5.41 5.55 -14.79
N ASP A 64 -4.87 6.64 -14.22
CA ASP A 64 -4.32 7.78 -14.98
C ASP A 64 -3.03 7.38 -15.73
N ALA A 65 -2.11 6.68 -15.02
CA ALA A 65 -0.79 6.29 -15.57
C ALA A 65 -0.45 4.81 -15.19
N PRO A 66 -0.89 3.80 -16.02
CA PRO A 66 -0.60 2.36 -15.77
C PRO A 66 0.80 1.92 -16.30
N ASN A 67 1.82 2.09 -15.45
CA ASN A 67 3.24 1.83 -15.82
C ASN A 67 3.69 0.39 -15.49
N ALA A 68 2.91 -0.61 -15.99
CA ALA A 68 3.21 -2.08 -15.90
C ALA A 68 3.48 -2.58 -14.44
N VAL A 69 4.71 -2.35 -13.94
CA VAL A 69 5.15 -2.72 -12.57
C VAL A 69 4.24 -2.05 -11.49
N MET A 70 3.75 -0.84 -11.84
CA MET A 70 2.85 -0.03 -10.99
C MET A 70 1.53 -0.80 -10.61
N GLU A 71 1.12 -1.79 -11.45
CA GLU A 71 -0.01 -2.69 -11.14
C GLU A 71 0.35 -3.70 -10.05
N GLN A 72 1.53 -4.35 -10.20
CA GLN A 72 2.00 -5.40 -9.26
C GLN A 72 2.25 -4.78 -7.85
N LEU A 73 2.76 -3.55 -7.84
CA LEU A 73 2.94 -2.74 -6.61
C LEU A 73 1.59 -2.46 -5.90
N LEU A 74 0.59 -2.03 -6.69
CA LEU A 74 -0.81 -1.83 -6.23
C LEU A 74 -1.36 -3.12 -5.57
N GLU A 75 -1.15 -4.24 -6.29
CA GLU A 75 -1.59 -5.58 -5.85
C GLU A 75 -0.95 -5.97 -4.50
N GLU A 76 0.35 -5.66 -4.35
CA GLU A 76 1.11 -5.91 -3.11
C GLU A 76 0.59 -5.09 -1.91
N ILE A 77 0.22 -3.82 -2.15
CA ILE A 77 -0.37 -2.93 -1.10
C ILE A 77 -1.69 -3.52 -0.56
N GLU A 78 -2.51 -4.09 -1.46
CA GLU A 78 -3.78 -4.77 -1.11
C GLU A 78 -3.51 -6.09 -0.33
N LYS A 79 -2.50 -6.86 -0.80
CA LYS A 79 -2.05 -8.10 -0.13
C LYS A 79 -1.44 -7.82 1.27
N LEU A 80 -0.82 -6.64 1.45
CA LEU A 80 -0.28 -6.19 2.75
C LEU A 80 -1.41 -5.82 3.73
N LEU A 81 -2.54 -5.32 3.22
CA LEU A 81 -3.76 -5.04 4.04
C LEU A 81 -4.37 -6.35 4.58
N LYS A 82 -4.51 -7.34 3.70
CA LYS A 82 -5.05 -8.66 4.06
C LYS A 82 -4.06 -9.43 4.98
N LYS A 83 -2.75 -9.16 4.79
CA LYS A 83 -1.66 -9.71 5.63
C LYS A 83 -1.62 -9.07 7.04
N ALA A 84 -1.93 -7.76 7.11
CA ALA A 84 -1.90 -6.99 8.39
C ALA A 84 -3.27 -6.99 9.11
N GLY A 85 -4.34 -7.35 8.38
CA GLY A 85 -5.70 -7.27 8.92
C GLY A 85 -6.76 -7.98 8.06
N SER A 86 -7.78 -7.21 7.58
CA SER A 86 -8.96 -7.75 6.81
C SER A 86 -9.81 -8.72 7.67
N LEU A 87 -9.64 -8.66 9.02
CA LEU A 87 -10.22 -9.61 10.01
C LEU A 87 -9.75 -11.07 9.79
N VAL A 88 -8.66 -11.25 9.01
CA VAL A 88 -8.04 -12.56 8.71
C VAL A 88 -6.57 -12.34 8.17
N PRO A 89 -5.60 -12.00 9.09
CA PRO A 89 -4.23 -11.55 8.70
C PRO A 89 -3.34 -12.66 8.05
N ARG A 90 -3.38 -12.74 6.70
CA ARG A 90 -2.55 -13.68 5.91
C ARG A 90 -2.42 -13.21 4.43
N GLY A 91 -3.55 -13.20 3.68
CA GLY A 91 -3.56 -12.70 2.29
C GLY A 91 -4.42 -13.52 1.32
N SER A 92 -4.28 -14.86 1.38
CA SER A 92 -4.93 -15.78 0.40
C SER A 92 -6.47 -15.89 0.55
N TYR A 93 -7.15 -16.22 -0.58
CA TYR A 93 -8.62 -16.45 -0.63
C TYR A 93 -8.93 -17.79 -1.37
N LEU A 94 -10.04 -18.45 -0.97
CA LEU A 94 -10.49 -19.71 -1.59
C LEU A 94 -11.27 -19.44 -2.90
N GLU A 95 -10.85 -20.07 -4.01
CA GLU A 95 -11.40 -19.83 -5.37
C GLU A 95 -12.79 -20.50 -5.60
N HIS A 96 -13.39 -21.08 -4.52
CA HIS A 96 -14.64 -21.89 -4.57
C HIS A 96 -14.40 -23.23 -5.33
N HIS A 97 -15.43 -24.09 -5.36
CA HIS A 97 -15.41 -25.32 -6.19
C HIS A 97 -15.84 -24.99 -7.64
N HIS A 98 -14.84 -24.87 -8.54
CA HIS A 98 -15.08 -24.65 -9.99
C HIS A 98 -15.51 -25.97 -10.68
N HIS A 99 -16.45 -25.86 -11.65
CA HIS A 99 -16.96 -27.02 -12.39
C HIS A 99 -15.90 -27.56 -13.39
N HIS A 100 -15.11 -26.63 -13.97
CA HIS A 100 -13.89 -26.97 -14.73
C HIS A 100 -12.72 -27.27 -13.75
N HIS A 101 -11.98 -28.37 -14.00
CA HIS A 101 -10.84 -28.79 -13.17
C HIS A 101 -9.54 -28.90 -14.04
N MET A 1 6.82 -6.51 19.55
CA MET A 1 6.25 -5.70 18.43
C MET A 1 4.74 -6.00 18.25
N GLN A 2 4.06 -5.17 17.43
CA GLN A 2 2.66 -5.38 17.00
C GLN A 2 2.58 -6.59 16.02
N GLU A 3 2.47 -7.82 16.60
CA GLU A 3 2.37 -9.10 15.86
C GLU A 3 3.60 -9.36 14.93
N GLU A 4 3.57 -8.76 13.71
CA GLU A 4 4.62 -8.90 12.68
C GLU A 4 4.85 -7.54 11.97
N ARG A 5 4.76 -6.45 12.76
CA ARG A 5 4.87 -5.05 12.29
C ARG A 5 6.17 -4.78 11.48
N LYS A 6 7.26 -5.52 11.84
CA LYS A 6 8.54 -5.48 11.11
C LYS A 6 8.37 -5.88 9.62
N LYS A 7 7.87 -7.09 9.35
CA LYS A 7 7.73 -7.61 7.96
C LYS A 7 6.71 -6.80 7.12
N LEU A 8 5.71 -6.22 7.81
CA LEU A 8 4.77 -5.24 7.20
C LEU A 8 5.55 -4.04 6.60
N LEU A 9 6.38 -3.36 7.43
CA LEU A 9 7.16 -2.17 6.99
C LEU A 9 8.34 -2.56 6.06
N GLU A 10 8.88 -3.79 6.19
CA GLU A 10 9.98 -4.29 5.33
C GLU A 10 9.55 -4.35 3.85
N LYS A 11 8.36 -4.95 3.58
CA LYS A 11 7.82 -5.02 2.21
C LYS A 11 7.25 -3.65 1.77
N LEU A 12 6.64 -2.90 2.73
CA LEU A 12 5.97 -1.61 2.43
C LEU A 12 6.99 -0.56 1.93
N GLU A 13 8.16 -0.47 2.59
CA GLU A 13 9.28 0.40 2.15
C GLU A 13 9.79 0.03 0.73
N LYS A 14 9.79 -1.29 0.43
CA LYS A 14 10.13 -1.80 -0.92
C LYS A 14 9.03 -1.51 -1.96
N ILE A 15 7.76 -1.44 -1.51
CA ILE A 15 6.64 -1.00 -2.37
C ILE A 15 6.88 0.47 -2.78
N LEU A 16 7.05 1.35 -1.76
CA LEU A 16 7.31 2.81 -1.95
C LEU A 16 8.49 3.07 -2.94
N ASP A 17 9.55 2.26 -2.78
CA ASP A 17 10.77 2.30 -3.63
C ASP A 17 10.44 2.17 -5.13
N GLU A 18 9.64 1.14 -5.46
CA GLU A 18 9.27 0.82 -6.86
C GLU A 18 8.08 1.69 -7.39
N VAL A 19 7.20 2.19 -6.47
CA VAL A 19 6.05 3.05 -6.86
C VAL A 19 6.56 4.44 -7.30
N THR A 20 7.46 5.06 -6.49
CA THR A 20 8.06 6.39 -6.78
C THR A 20 8.91 6.37 -8.07
N ASP A 21 9.66 5.27 -8.25
CA ASP A 21 10.50 5.04 -9.45
C ASP A 21 9.65 4.87 -10.73
N GLY A 22 8.54 4.12 -10.62
CA GLY A 22 7.59 3.91 -11.73
C GLY A 22 6.59 5.05 -11.92
N ALA A 23 6.51 5.96 -10.93
CA ALA A 23 5.63 7.15 -10.96
C ALA A 23 6.05 8.21 -12.01
N PRO A 24 5.05 8.90 -12.65
CA PRO A 24 5.29 10.20 -13.36
C PRO A 24 5.67 11.33 -12.36
N ASP A 25 6.20 12.45 -12.90
CA ASP A 25 6.71 13.60 -12.09
C ASP A 25 5.61 14.23 -11.15
N GLU A 26 4.37 14.30 -11.66
CA GLU A 26 3.21 14.89 -10.92
C GLU A 26 2.71 13.94 -9.80
N ALA A 27 2.48 12.67 -10.18
CA ALA A 27 1.98 11.62 -9.26
C ALA A 27 3.01 11.31 -8.14
N ARG A 28 4.30 11.42 -8.49
CA ARG A 28 5.45 11.20 -7.57
C ARG A 28 5.37 12.09 -6.30
N GLU A 29 4.86 13.33 -6.47
CA GLU A 29 4.63 14.26 -5.34
C GLU A 29 3.67 13.66 -4.29
N ARG A 30 2.53 13.12 -4.75
CA ARG A 30 1.54 12.45 -3.88
C ARG A 30 2.13 11.23 -3.18
N ILE A 31 2.95 10.48 -3.92
CA ILE A 31 3.51 9.20 -3.45
C ILE A 31 4.60 9.39 -2.38
N GLU A 32 5.57 10.29 -2.64
CA GLU A 32 6.73 10.51 -1.75
C GLU A 32 6.28 11.16 -0.41
N LYS A 33 5.42 12.17 -0.53
CA LYS A 33 4.94 12.97 0.62
C LYS A 33 3.95 12.17 1.51
N LEU A 34 3.15 11.28 0.88
CA LEU A 34 2.30 10.32 1.63
C LEU A 34 3.17 9.21 2.28
N ALA A 35 4.15 8.69 1.50
CA ALA A 35 5.11 7.64 1.97
C ALA A 35 5.88 8.09 3.24
N LYS A 36 6.28 9.36 3.23
CA LYS A 36 6.92 10.04 4.37
C LYS A 36 5.99 10.04 5.60
N ASP A 37 4.71 10.41 5.36
CA ASP A 37 3.68 10.46 6.42
C ASP A 37 3.38 9.04 6.99
N VAL A 38 3.53 7.99 6.13
CA VAL A 38 3.41 6.57 6.55
C VAL A 38 4.53 6.20 7.55
N LYS A 39 5.76 6.69 7.28
CA LYS A 39 6.96 6.42 8.12
C LYS A 39 6.79 6.97 9.56
N ASP A 40 6.14 8.15 9.69
CA ASP A 40 5.80 8.75 11.00
C ASP A 40 4.82 7.85 11.81
N GLU A 41 3.90 7.21 11.09
CA GLU A 41 2.92 6.24 11.65
C GLU A 41 3.57 4.87 11.94
N LEU A 42 4.60 4.50 11.14
CA LEU A 42 5.46 3.32 11.39
C LEU A 42 6.28 3.50 12.69
N GLU A 43 6.56 4.77 13.03
CA GLU A 43 7.23 5.14 14.30
C GLU A 43 6.23 5.10 15.50
N GLU A 44 5.16 5.94 15.43
CA GLU A 44 4.23 6.16 16.57
C GLU A 44 3.15 5.06 16.71
N GLY A 45 1.95 5.28 16.11
CA GLY A 45 0.77 4.42 16.36
C GLY A 45 0.49 3.43 15.23
N ASP A 46 -0.78 3.39 14.76
CA ASP A 46 -1.20 2.46 13.70
C ASP A 46 -0.73 2.93 12.30
N ALA A 47 -0.25 1.96 11.51
CA ALA A 47 0.19 2.18 10.12
C ALA A 47 -0.66 1.36 9.13
N LYS A 48 -1.55 0.46 9.64
CA LYS A 48 -2.46 -0.35 8.79
C LYS A 48 -3.37 0.58 7.96
N ASN A 49 -3.95 1.59 8.66
CA ASN A 49 -4.81 2.63 8.04
C ASN A 49 -4.09 3.36 6.88
N MET A 50 -2.76 3.57 7.05
CA MET A 50 -1.90 4.26 6.06
C MET A 50 -1.67 3.39 4.81
N ILE A 51 -1.56 2.06 5.01
CA ILE A 51 -1.38 1.09 3.90
C ILE A 51 -2.72 0.91 3.12
N GLU A 52 -3.84 0.91 3.87
CA GLU A 52 -5.21 0.90 3.29
C GLU A 52 -5.44 2.16 2.43
N LYS A 53 -5.00 3.32 2.97
CA LYS A 53 -5.10 4.63 2.29
C LYS A 53 -4.02 4.84 1.20
N PHE A 54 -2.91 4.09 1.28
CA PHE A 54 -1.87 4.11 0.23
C PHE A 54 -2.36 3.36 -1.03
N ARG A 55 -3.15 2.27 -0.82
CA ARG A 55 -3.83 1.56 -1.92
C ARG A 55 -4.94 2.47 -2.52
N ASP A 56 -5.69 3.14 -1.64
CA ASP A 56 -6.75 4.12 -1.99
C ASP A 56 -6.17 5.22 -2.93
N GLU A 57 -4.98 5.71 -2.57
CA GLU A 57 -4.22 6.73 -3.33
C GLU A 57 -3.73 6.16 -4.69
N MET A 58 -3.06 4.98 -4.64
CA MET A 58 -2.46 4.33 -5.82
C MET A 58 -3.48 3.85 -6.85
N GLU A 59 -4.69 3.46 -6.41
CA GLU A 59 -5.72 2.92 -7.34
C GLU A 59 -6.20 4.01 -8.32
N GLN A 60 -6.29 5.26 -7.83
CA GLN A 60 -6.57 6.45 -8.66
C GLN A 60 -5.38 6.77 -9.61
N MET A 61 -4.17 6.87 -9.04
CA MET A 61 -2.95 7.27 -9.80
C MET A 61 -2.53 6.20 -10.83
N TYR A 62 -2.98 4.95 -10.60
CA TYR A 62 -2.84 3.84 -11.55
C TYR A 62 -3.71 4.08 -12.81
N LYS A 63 -4.91 4.64 -12.61
CA LYS A 63 -5.82 5.02 -13.71
C LYS A 63 -5.22 6.19 -14.55
N ASP A 64 -4.42 7.06 -13.88
CA ASP A 64 -3.66 8.14 -14.54
C ASP A 64 -2.40 7.58 -15.27
N ALA A 65 -1.74 6.57 -14.67
CA ALA A 65 -0.50 5.96 -15.20
C ALA A 65 -0.56 4.41 -15.20
N PRO A 66 -1.27 3.76 -16.20
CA PRO A 66 -1.34 2.29 -16.32
C PRO A 66 -0.11 1.73 -17.08
N ASN A 67 1.07 1.86 -16.43
CA ASN A 67 2.38 1.55 -17.05
C ASN A 67 2.89 0.12 -16.70
N ALA A 68 1.97 -0.76 -16.23
CA ALA A 68 2.25 -2.18 -15.79
C ALA A 68 2.96 -2.27 -14.42
N VAL A 69 4.01 -1.44 -14.21
CA VAL A 69 4.74 -1.31 -12.91
C VAL A 69 3.77 -0.94 -11.78
N MET A 70 2.92 0.06 -12.06
CA MET A 70 1.94 0.59 -11.10
C MET A 70 0.93 -0.49 -10.64
N GLU A 71 0.61 -1.45 -11.53
CA GLU A 71 -0.29 -2.60 -11.22
C GLU A 71 0.42 -3.64 -10.32
N GLN A 72 1.73 -3.86 -10.58
CA GLN A 72 2.59 -4.78 -9.80
C GLN A 72 2.56 -4.43 -8.30
N LEU A 73 2.83 -3.15 -8.01
CA LEU A 73 2.83 -2.63 -6.63
C LEU A 73 1.41 -2.50 -6.04
N LEU A 74 0.42 -2.10 -6.89
CA LEU A 74 -1.00 -1.94 -6.46
C LEU A 74 -1.56 -3.23 -5.82
N GLU A 75 -1.25 -4.39 -6.46
CA GLU A 75 -1.62 -5.72 -5.94
C GLU A 75 -0.85 -6.04 -4.64
N GLU A 76 0.47 -5.74 -4.61
CA GLU A 76 1.34 -6.00 -3.42
C GLU A 76 0.83 -5.30 -2.14
N ILE A 77 0.20 -4.11 -2.30
CA ILE A 77 -0.41 -3.38 -1.17
C ILE A 77 -1.64 -4.17 -0.64
N GLU A 78 -2.53 -4.59 -1.58
CA GLU A 78 -3.77 -5.34 -1.25
C GLU A 78 -3.45 -6.71 -0.60
N LYS A 79 -2.36 -7.36 -1.06
CA LYS A 79 -1.82 -8.59 -0.46
C LYS A 79 -1.34 -8.32 0.98
N LEU A 80 -0.63 -7.19 1.17
CA LEU A 80 -0.14 -6.76 2.51
C LEU A 80 -1.33 -6.48 3.46
N LEU A 81 -2.43 -5.92 2.91
CA LEU A 81 -3.66 -5.58 3.68
C LEU A 81 -4.34 -6.82 4.28
N LYS A 82 -4.55 -7.85 3.44
CA LYS A 82 -5.18 -9.12 3.87
C LYS A 82 -4.30 -9.86 4.90
N LYS A 83 -2.98 -9.91 4.62
CA LYS A 83 -1.97 -10.55 5.50
C LYS A 83 -1.82 -9.79 6.85
N ALA A 84 -1.98 -8.46 6.83
CA ALA A 84 -1.94 -7.59 8.04
C ALA A 84 -3.26 -7.69 8.85
N GLY A 85 -4.36 -8.01 8.16
CA GLY A 85 -5.69 -8.09 8.77
C GLY A 85 -6.46 -6.77 8.74
N SER A 86 -7.02 -6.43 7.57
CA SER A 86 -7.86 -5.21 7.38
C SER A 86 -9.23 -5.32 8.07
N LEU A 87 -9.99 -4.21 8.08
CA LEU A 87 -11.33 -4.15 8.75
C LEU A 87 -12.35 -5.05 8.01
N VAL A 88 -12.27 -5.06 6.67
CA VAL A 88 -13.16 -5.85 5.78
C VAL A 88 -13.13 -7.37 6.11
N PRO A 89 -14.31 -8.07 6.14
CA PRO A 89 -14.37 -9.53 6.42
C PRO A 89 -13.78 -10.39 5.26
N ARG A 90 -13.08 -11.47 5.63
CA ARG A 90 -12.32 -12.31 4.67
C ARG A 90 -13.25 -13.29 3.89
N GLY A 91 -14.48 -13.52 4.40
CA GLY A 91 -15.46 -14.38 3.74
C GLY A 91 -16.09 -13.74 2.50
N SER A 92 -15.33 -13.72 1.38
CA SER A 92 -15.78 -13.15 0.10
C SER A 92 -16.67 -14.15 -0.69
N TYR A 93 -17.39 -13.64 -1.71
CA TYR A 93 -18.32 -14.47 -2.53
C TYR A 93 -17.61 -15.12 -3.75
N LEU A 94 -16.40 -14.60 -4.10
CA LEU A 94 -15.65 -14.94 -5.36
C LEU A 94 -16.36 -14.39 -6.63
N GLU A 95 -17.44 -13.60 -6.41
CA GLU A 95 -18.32 -13.08 -7.49
C GLU A 95 -17.62 -12.05 -8.41
N HIS A 96 -16.48 -11.50 -7.92
CA HIS A 96 -15.68 -10.49 -8.65
C HIS A 96 -15.22 -11.07 -10.01
N HIS A 97 -14.76 -12.34 -9.98
CA HIS A 97 -14.49 -13.19 -11.18
C HIS A 97 -14.04 -14.61 -10.72
N HIS A 98 -14.59 -15.66 -11.35
CA HIS A 98 -14.22 -17.07 -11.02
C HIS A 98 -13.23 -17.66 -12.06
N HIS A 99 -12.60 -18.77 -11.66
CA HIS A 99 -11.65 -19.52 -12.51
C HIS A 99 -12.40 -20.60 -13.33
N HIS A 100 -11.74 -21.15 -14.37
CA HIS A 100 -12.38 -22.02 -15.38
C HIS A 100 -11.90 -23.49 -15.24
N HIS A 101 -12.84 -24.41 -14.90
CA HIS A 101 -12.57 -25.88 -14.81
C HIS A 101 -13.71 -26.69 -15.51
N MET A 1 8.17 -4.94 19.65
CA MET A 1 7.94 -5.74 18.42
C MET A 1 8.84 -7.00 18.42
N GLN A 2 8.38 -8.08 17.76
CA GLN A 2 9.15 -9.35 17.66
C GLN A 2 9.09 -9.90 16.21
N GLU A 3 10.05 -9.44 15.37
CA GLU A 3 10.22 -9.85 13.95
C GLU A 3 9.02 -9.45 13.03
N GLU A 4 7.90 -10.19 13.13
CA GLU A 4 6.76 -10.13 12.17
C GLU A 4 6.11 -8.73 12.02
N ARG A 5 5.98 -7.97 13.14
CA ARG A 5 5.43 -6.57 13.09
C ARG A 5 6.22 -5.69 12.10
N LYS A 6 7.55 -5.84 12.11
CA LYS A 6 8.42 -5.14 11.15
C LYS A 6 8.28 -5.70 9.72
N LYS A 7 8.14 -7.04 9.56
CA LYS A 7 8.12 -7.68 8.21
C LYS A 7 6.95 -7.20 7.31
N LEU A 8 5.81 -6.86 7.93
CA LEU A 8 4.66 -6.26 7.21
C LEU A 8 4.96 -4.81 6.75
N LEU A 9 5.46 -3.96 7.68
CA LEU A 9 5.79 -2.55 7.34
C LEU A 9 7.02 -2.43 6.40
N GLU A 10 7.92 -3.44 6.43
CA GLU A 10 9.11 -3.52 5.53
C GLU A 10 8.69 -3.84 4.08
N LYS A 11 7.70 -4.76 3.92
CA LYS A 11 7.11 -5.08 2.60
C LYS A 11 6.41 -3.83 2.01
N LEU A 12 5.71 -3.08 2.88
CA LEU A 12 5.02 -1.84 2.52
C LEU A 12 6.06 -0.73 2.13
N GLU A 13 7.16 -0.62 2.92
CA GLU A 13 8.31 0.29 2.62
C GLU A 13 8.95 -0.02 1.26
N LYS A 14 9.05 -1.32 0.94
CA LYS A 14 9.60 -1.81 -0.33
C LYS A 14 8.77 -1.27 -1.52
N ILE A 15 7.44 -1.28 -1.35
CA ILE A 15 6.50 -0.76 -2.36
C ILE A 15 6.73 0.75 -2.60
N LEU A 16 6.77 1.50 -1.49
CA LEU A 16 6.95 2.97 -1.47
C LEU A 16 8.22 3.42 -2.24
N ASP A 17 9.30 2.64 -2.11
CA ASP A 17 10.58 2.91 -2.79
C ASP A 17 10.49 2.68 -4.32
N GLU A 18 9.81 1.59 -4.72
CA GLU A 18 9.69 1.19 -6.15
C GLU A 18 8.58 1.97 -6.91
N VAL A 19 7.51 2.39 -6.20
CA VAL A 19 6.36 3.07 -6.84
C VAL A 19 6.67 4.57 -7.14
N THR A 20 7.54 5.19 -6.32
CA THR A 20 8.06 6.56 -6.57
C THR A 20 8.99 6.57 -7.81
N ASP A 21 9.82 5.50 -7.93
CA ASP A 21 10.65 5.23 -9.11
C ASP A 21 9.78 5.04 -10.39
N GLY A 22 8.71 4.23 -10.27
CA GLY A 22 7.80 3.91 -11.40
C GLY A 22 6.75 5.00 -11.69
N ALA A 23 6.61 5.98 -10.77
CA ALA A 23 5.69 7.14 -10.92
C ALA A 23 6.08 8.07 -12.10
N PRO A 24 5.09 8.77 -12.74
CA PRO A 24 5.38 9.93 -13.62
C PRO A 24 5.89 11.14 -12.80
N ASP A 25 6.45 12.15 -13.47
CA ASP A 25 6.92 13.39 -12.79
C ASP A 25 5.75 14.18 -12.15
N GLU A 26 4.52 14.04 -12.71
CA GLU A 26 3.29 14.61 -12.12
C GLU A 26 2.92 13.89 -10.79
N ALA A 27 2.50 12.60 -10.90
CA ALA A 27 2.04 11.78 -9.74
C ALA A 27 3.18 11.45 -8.74
N ARG A 28 4.44 11.77 -9.13
CA ARG A 28 5.63 11.66 -8.26
C ARG A 28 5.39 12.36 -6.90
N GLU A 29 5.01 13.65 -7.01
CA GLU A 29 4.85 14.56 -5.86
C GLU A 29 3.77 14.09 -4.86
N ARG A 30 2.74 13.40 -5.38
CA ARG A 30 1.66 12.80 -4.55
C ARG A 30 2.22 11.66 -3.66
N ILE A 31 2.99 10.76 -4.29
CA ILE A 31 3.56 9.58 -3.62
C ILE A 31 4.72 9.97 -2.66
N GLU A 32 5.56 10.94 -3.07
CA GLU A 32 6.72 11.43 -2.28
C GLU A 32 6.29 11.96 -0.89
N LYS A 33 5.20 12.76 -0.87
CA LYS A 33 4.63 13.31 0.37
C LYS A 33 4.04 12.20 1.27
N LEU A 34 3.11 11.41 0.70
CA LEU A 34 2.34 10.39 1.47
C LEU A 34 3.24 9.23 1.97
N ALA A 35 4.24 8.84 1.15
CA ALA A 35 5.20 7.77 1.49
C ALA A 35 6.02 8.12 2.75
N LYS A 36 6.53 9.38 2.80
CA LYS A 36 7.30 9.89 3.95
C LYS A 36 6.43 9.90 5.24
N ASP A 37 5.16 10.31 5.10
CA ASP A 37 4.19 10.34 6.24
C ASP A 37 4.01 8.94 6.87
N VAL A 38 3.98 7.90 6.01
CA VAL A 38 3.89 6.49 6.44
C VAL A 38 5.15 6.10 7.27
N LYS A 39 6.34 6.59 6.86
CA LYS A 39 7.62 6.31 7.56
C LYS A 39 7.64 6.95 8.97
N ASP A 40 7.01 8.14 9.09
CA ASP A 40 6.81 8.82 10.39
C ASP A 40 5.79 8.05 11.29
N GLU A 41 4.80 7.38 10.65
CA GLU A 41 3.79 6.52 11.33
C GLU A 41 4.39 5.17 11.76
N LEU A 42 5.39 4.69 11.01
CA LEU A 42 6.19 3.50 11.37
C LEU A 42 7.05 3.77 12.63
N GLU A 43 7.63 4.98 12.68
CA GLU A 43 8.36 5.50 13.85
C GLU A 43 7.41 5.59 15.09
N GLU A 44 6.27 6.30 14.91
CA GLU A 44 5.23 6.42 15.95
C GLU A 44 3.89 6.86 15.28
N GLY A 45 2.89 5.96 15.29
CA GLY A 45 1.58 6.23 14.66
C GLY A 45 0.81 4.95 14.29
N ASP A 46 -0.37 5.13 13.65
CA ASP A 46 -1.24 4.01 13.22
C ASP A 46 -0.98 3.63 11.73
N ALA A 47 -0.03 2.68 11.56
CA ALA A 47 0.47 2.24 10.24
C ALA A 47 -0.60 1.51 9.38
N LYS A 48 -1.44 0.64 10.02
CA LYS A 48 -2.47 -0.17 9.31
C LYS A 48 -3.42 0.72 8.47
N ASN A 49 -3.91 1.79 9.11
CA ASN A 49 -4.77 2.82 8.48
C ASN A 49 -4.06 3.44 7.25
N MET A 50 -2.78 3.79 7.43
CA MET A 50 -1.92 4.39 6.38
C MET A 50 -1.67 3.45 5.18
N ILE A 51 -1.65 2.13 5.43
CA ILE A 51 -1.50 1.10 4.37
C ILE A 51 -2.78 1.03 3.50
N GLU A 52 -3.95 1.01 4.18
CA GLU A 52 -5.28 0.93 3.52
C GLU A 52 -5.59 2.21 2.69
N LYS A 53 -5.25 3.39 3.25
CA LYS A 53 -5.50 4.70 2.57
C LYS A 53 -4.44 4.96 1.47
N PHE A 54 -3.24 4.34 1.60
CA PHE A 54 -2.22 4.36 0.52
C PHE A 54 -2.68 3.46 -0.66
N ARG A 55 -3.35 2.33 -0.36
CA ARG A 55 -3.98 1.46 -1.39
C ARG A 55 -5.08 2.23 -2.15
N ASP A 56 -5.93 2.94 -1.39
CA ASP A 56 -7.07 3.70 -1.94
C ASP A 56 -6.59 4.87 -2.83
N GLU A 57 -5.45 5.46 -2.44
CA GLU A 57 -4.72 6.46 -3.24
C GLU A 57 -4.07 5.81 -4.50
N MET A 58 -3.40 4.66 -4.27
CA MET A 58 -2.64 3.91 -5.29
C MET A 58 -3.52 3.49 -6.48
N GLU A 59 -4.68 2.93 -6.15
CA GLU A 59 -5.66 2.43 -7.14
C GLU A 59 -6.25 3.60 -7.97
N GLN A 60 -6.34 4.78 -7.33
CA GLN A 60 -6.85 6.03 -7.98
C GLN A 60 -5.82 6.55 -9.03
N MET A 61 -4.57 6.80 -8.58
CA MET A 61 -3.52 7.47 -9.41
C MET A 61 -2.94 6.53 -10.51
N TYR A 62 -3.05 5.20 -10.29
CA TYR A 62 -2.71 4.19 -11.32
C TYR A 62 -3.69 4.24 -12.52
N LYS A 63 -4.96 4.58 -12.26
CA LYS A 63 -5.99 4.71 -13.33
C LYS A 63 -5.80 6.00 -14.17
N ASP A 64 -4.99 6.94 -13.65
CA ASP A 64 -4.49 8.09 -14.42
C ASP A 64 -3.14 7.77 -15.10
N ALA A 65 -2.33 6.88 -14.48
CA ALA A 65 -0.99 6.49 -14.99
C ALA A 65 -0.75 4.96 -14.91
N PRO A 66 -1.22 4.16 -15.93
CA PRO A 66 -1.01 2.69 -15.96
C PRO A 66 0.36 2.30 -16.59
N ASN A 67 1.45 2.75 -15.93
CA ASN A 67 2.83 2.56 -16.43
C ASN A 67 3.39 1.16 -16.07
N ALA A 68 2.80 0.11 -16.68
CA ALA A 68 3.18 -1.33 -16.56
C ALA A 68 3.59 -1.78 -15.12
N VAL A 69 4.84 -1.47 -14.71
CA VAL A 69 5.40 -1.81 -13.38
C VAL A 69 4.53 -1.27 -12.21
N MET A 70 3.83 -0.16 -12.44
CA MET A 70 2.96 0.50 -11.44
C MET A 70 1.79 -0.43 -10.99
N GLU A 71 1.35 -1.34 -11.88
CA GLU A 71 0.36 -2.40 -11.57
C GLU A 71 0.91 -3.42 -10.53
N GLN A 72 2.19 -3.80 -10.69
CA GLN A 72 2.88 -4.77 -9.80
C GLN A 72 2.84 -4.31 -8.33
N LEU A 73 3.22 -3.05 -8.09
CA LEU A 73 3.24 -2.45 -6.74
C LEU A 73 1.82 -2.40 -6.10
N LEU A 74 0.80 -2.10 -6.93
CA LEU A 74 -0.62 -2.07 -6.49
C LEU A 74 -1.08 -3.45 -5.96
N GLU A 75 -0.78 -4.50 -6.75
CA GLU A 75 -1.14 -5.90 -6.42
C GLU A 75 -0.41 -6.41 -5.14
N GLU A 76 0.83 -5.96 -4.95
CA GLU A 76 1.64 -6.25 -3.74
C GLU A 76 1.01 -5.65 -2.45
N ILE A 77 0.37 -4.46 -2.57
CA ILE A 77 -0.36 -3.81 -1.43
C ILE A 77 -1.65 -4.59 -1.12
N GLU A 78 -2.30 -5.14 -2.16
CA GLU A 78 -3.50 -6.02 -2.01
C GLU A 78 -3.16 -7.25 -1.12
N LYS A 79 -1.93 -7.78 -1.27
CA LYS A 79 -1.42 -8.90 -0.43
C LYS A 79 -1.21 -8.46 1.04
N LEU A 80 -0.87 -7.17 1.25
CA LEU A 80 -0.66 -6.59 2.60
C LEU A 80 -2.03 -6.44 3.32
N LEU A 81 -3.06 -5.93 2.63
CA LEU A 81 -4.43 -5.78 3.19
C LEU A 81 -5.11 -7.16 3.45
N LYS A 82 -4.77 -8.15 2.61
CA LYS A 82 -5.26 -9.53 2.75
C LYS A 82 -4.76 -10.18 4.07
N LYS A 83 -3.43 -10.14 4.27
CA LYS A 83 -2.75 -10.72 5.45
C LYS A 83 -2.96 -9.88 6.75
N ALA A 84 -2.59 -8.59 6.70
CA ALA A 84 -2.47 -7.71 7.89
C ALA A 84 -3.62 -6.67 8.04
N GLY A 85 -4.29 -6.34 6.93
CA GLY A 85 -5.32 -5.27 6.91
C GLY A 85 -6.69 -5.70 7.43
N SER A 86 -6.75 -6.02 8.75
CA SER A 86 -8.03 -6.30 9.50
C SER A 86 -8.92 -7.41 8.89
N LEU A 87 -8.33 -8.31 8.06
CA LEU A 87 -9.04 -9.42 7.38
C LEU A 87 -10.21 -8.92 6.48
N VAL A 88 -9.97 -7.79 5.77
CA VAL A 88 -10.96 -7.19 4.84
C VAL A 88 -11.34 -8.17 3.68
N PRO A 89 -12.67 -8.43 3.42
CA PRO A 89 -13.12 -9.35 2.35
C PRO A 89 -13.26 -8.66 0.97
N ARG A 90 -12.31 -7.73 0.69
CA ARG A 90 -12.31 -6.84 -0.50
C ARG A 90 -13.58 -5.92 -0.54
N GLY A 91 -13.70 -5.12 -1.63
CA GLY A 91 -14.92 -4.33 -1.88
C GLY A 91 -15.57 -4.69 -3.22
N SER A 92 -15.15 -5.84 -3.79
CA SER A 92 -15.51 -6.30 -5.16
C SER A 92 -14.98 -5.34 -6.26
N TYR A 93 -15.05 -5.77 -7.53
CA TYR A 93 -14.59 -4.97 -8.68
C TYR A 93 -15.51 -5.20 -9.90
N LEU A 94 -16.74 -5.72 -9.61
CA LEU A 94 -17.74 -6.12 -10.64
C LEU A 94 -17.16 -7.22 -11.58
N GLU A 95 -17.56 -8.47 -11.32
CA GLU A 95 -17.02 -9.66 -12.04
C GLU A 95 -17.24 -9.57 -13.57
N HIS A 96 -16.14 -9.34 -14.31
CA HIS A 96 -16.15 -9.12 -15.78
C HIS A 96 -16.60 -10.39 -16.56
N HIS A 97 -16.89 -10.20 -17.87
CA HIS A 97 -17.44 -11.28 -18.74
C HIS A 97 -16.51 -12.51 -18.84
N HIS A 98 -17.02 -13.68 -18.38
CA HIS A 98 -16.32 -14.98 -18.44
C HIS A 98 -16.40 -15.63 -19.85
N HIS A 99 -17.12 -14.97 -20.79
CA HIS A 99 -17.35 -15.47 -22.17
C HIS A 99 -16.03 -15.83 -22.91
N HIS A 100 -15.88 -17.12 -23.26
CA HIS A 100 -14.66 -17.64 -23.91
C HIS A 100 -14.99 -18.91 -24.74
N HIS A 101 -14.03 -19.35 -25.58
CA HIS A 101 -14.18 -20.58 -26.39
C HIS A 101 -12.80 -21.29 -26.55
N MET A 1 8.04 -3.59 18.11
CA MET A 1 7.37 -4.92 18.12
C MET A 1 8.36 -6.05 17.72
N GLN A 2 8.43 -7.11 18.54
CA GLN A 2 9.28 -8.31 18.27
C GLN A 2 8.62 -9.25 17.23
N GLU A 3 7.29 -9.10 17.08
CA GLU A 3 6.45 -9.93 16.18
C GLU A 3 6.69 -9.60 14.68
N GLU A 4 6.19 -10.50 13.79
CA GLU A 4 6.14 -10.34 12.32
C GLU A 4 5.58 -8.97 11.84
N ARG A 5 4.84 -8.26 12.72
CA ARG A 5 4.28 -6.91 12.45
C ARG A 5 5.36 -5.91 11.96
N LYS A 6 6.59 -6.00 12.53
CA LYS A 6 7.73 -5.13 12.13
C LYS A 6 8.23 -5.47 10.69
N LYS A 7 8.38 -6.78 10.42
CA LYS A 7 8.81 -7.31 9.11
C LYS A 7 7.71 -7.08 8.02
N LEU A 8 6.45 -7.03 8.48
CA LEU A 8 5.26 -6.74 7.67
C LEU A 8 5.29 -5.27 7.16
N LEU A 9 5.75 -4.37 8.06
CA LEU A 9 6.02 -2.94 7.74
C LEU A 9 7.24 -2.79 6.79
N GLU A 10 8.21 -3.72 6.93
CA GLU A 10 9.44 -3.74 6.09
C GLU A 10 9.08 -4.02 4.61
N LYS A 11 8.10 -4.92 4.41
CA LYS A 11 7.45 -5.18 3.10
C LYS A 11 6.85 -3.88 2.52
N LEU A 12 6.04 -3.19 3.34
CA LEU A 12 5.33 -1.94 2.97
C LEU A 12 6.33 -0.86 2.44
N GLU A 13 7.38 -0.61 3.22
CA GLU A 13 8.46 0.36 2.88
C GLU A 13 9.17 0.03 1.55
N LYS A 14 9.38 -1.28 1.30
CA LYS A 14 9.98 -1.77 0.03
C LYS A 14 9.07 -1.37 -1.16
N ILE A 15 7.76 -1.57 -1.01
CA ILE A 15 6.74 -1.23 -2.03
C ILE A 15 6.77 0.28 -2.35
N LEU A 16 6.71 1.12 -1.29
CA LEU A 16 6.75 2.60 -1.41
C LEU A 16 8.04 3.08 -2.11
N ASP A 17 9.14 2.32 -1.95
CA ASP A 17 10.41 2.61 -2.65
C ASP A 17 10.27 2.35 -4.17
N GLU A 18 9.61 1.22 -4.52
CA GLU A 18 9.31 0.84 -5.93
C GLU A 18 8.42 1.91 -6.62
N VAL A 19 7.42 2.42 -5.87
CA VAL A 19 6.40 3.36 -6.40
C VAL A 19 7.00 4.79 -6.61
N THR A 20 7.77 5.30 -5.63
CA THR A 20 8.41 6.64 -5.71
C THR A 20 9.55 6.68 -6.76
N ASP A 21 10.27 5.55 -6.91
CA ASP A 21 11.31 5.41 -7.96
C ASP A 21 10.67 5.30 -9.36
N GLY A 22 9.56 4.53 -9.44
CA GLY A 22 8.77 4.40 -10.69
C GLY A 22 7.92 5.64 -10.98
N ALA A 23 6.60 5.55 -10.65
CA ALA A 23 5.62 6.68 -10.75
C ALA A 23 5.39 7.27 -12.20
N PRO A 24 4.15 7.77 -12.51
CA PRO A 24 3.89 8.55 -13.77
C PRO A 24 4.38 10.02 -13.67
N ASP A 25 5.72 10.20 -13.77
CA ASP A 25 6.48 11.50 -13.75
C ASP A 25 5.95 12.59 -12.74
N GLU A 26 4.87 13.32 -13.11
CA GLU A 26 4.34 14.43 -12.28
C GLU A 26 3.54 13.92 -11.06
N ALA A 27 2.91 12.74 -11.18
CA ALA A 27 2.18 12.09 -10.07
C ALA A 27 3.13 11.57 -8.96
N ARG A 28 4.45 11.52 -9.26
CA ARG A 28 5.50 11.08 -8.32
C ARG A 28 5.51 11.92 -7.03
N GLU A 29 5.47 13.27 -7.17
CA GLU A 29 5.55 14.18 -6.01
C GLU A 29 4.38 14.02 -5.02
N ARG A 30 3.20 13.58 -5.51
CA ARG A 30 2.08 13.15 -4.65
C ARG A 30 2.52 12.00 -3.72
N ILE A 31 3.12 10.99 -4.36
CA ILE A 31 3.53 9.74 -3.69
C ILE A 31 4.64 9.99 -2.64
N GLU A 32 5.64 10.81 -3.02
CA GLU A 32 6.83 11.10 -2.17
C GLU A 32 6.44 11.80 -0.84
N LYS A 33 5.48 12.73 -0.91
CA LYS A 33 4.93 13.43 0.28
C LYS A 33 4.22 12.44 1.23
N LEU A 34 3.25 11.68 0.67
CA LEU A 34 2.40 10.73 1.45
C LEU A 34 3.22 9.54 2.03
N ALA A 35 4.22 9.09 1.25
CA ALA A 35 5.13 7.98 1.63
C ALA A 35 5.94 8.33 2.90
N LYS A 36 6.30 9.61 3.04
CA LYS A 36 7.00 10.13 4.25
C LYS A 36 6.08 10.05 5.48
N ASP A 37 4.81 10.50 5.33
CA ASP A 37 3.80 10.46 6.43
C ASP A 37 3.58 9.04 6.97
N VAL A 38 3.76 8.03 6.08
CA VAL A 38 3.72 6.60 6.48
C VAL A 38 4.93 6.25 7.38
N LYS A 39 6.14 6.70 6.99
CA LYS A 39 7.40 6.45 7.76
C LYS A 39 7.36 7.11 9.16
N ASP A 40 6.74 8.31 9.23
CA ASP A 40 6.48 9.04 10.49
C ASP A 40 5.51 8.24 11.42
N GLU A 41 4.60 7.43 10.82
CA GLU A 41 3.74 6.46 11.56
C GLU A 41 4.57 5.27 12.11
N LEU A 42 5.53 4.75 11.30
CA LEU A 42 6.45 3.65 11.74
C LEU A 42 7.33 4.07 12.96
N GLU A 43 7.56 5.39 13.11
CA GLU A 43 8.32 5.96 14.26
C GLU A 43 7.63 5.73 15.63
N GLU A 44 6.28 5.70 15.64
CA GLU A 44 5.47 5.62 16.90
C GLU A 44 4.56 4.37 16.94
N GLY A 45 4.81 3.41 16.05
CA GLY A 45 4.05 2.14 16.00
C GLY A 45 3.97 1.55 14.59
N ASP A 46 2.82 0.94 14.26
CA ASP A 46 2.60 0.39 12.90
C ASP A 46 1.70 1.32 12.04
N ALA A 47 1.70 1.05 10.73
CA ALA A 47 1.03 1.88 9.71
C ALA A 47 -0.21 1.15 9.11
N LYS A 48 -1.01 0.49 9.99
CA LYS A 48 -2.23 -0.29 9.59
C LYS A 48 -3.17 0.51 8.64
N ASN A 49 -3.60 1.69 9.12
CA ASN A 49 -4.48 2.62 8.37
C ASN A 49 -3.82 3.08 7.05
N MET A 50 -2.50 3.28 7.11
CA MET A 50 -1.70 3.82 6.00
C MET A 50 -1.58 2.82 4.83
N ILE A 51 -1.59 1.51 5.13
CA ILE A 51 -1.59 0.44 4.08
C ILE A 51 -2.95 0.44 3.34
N GLU A 52 -4.04 0.58 4.13
CA GLU A 52 -5.42 0.63 3.63
C GLU A 52 -5.63 1.84 2.69
N LYS A 53 -5.25 3.04 3.19
CA LYS A 53 -5.55 4.32 2.50
C LYS A 53 -4.60 4.57 1.31
N PHE A 54 -3.29 4.25 1.46
CA PHE A 54 -2.27 4.47 0.39
C PHE A 54 -2.61 3.68 -0.90
N ARG A 55 -3.20 2.48 -0.73
CA ARG A 55 -3.67 1.65 -1.86
C ARG A 55 -4.80 2.36 -2.66
N ASP A 56 -5.67 3.09 -1.92
CA ASP A 56 -6.81 3.83 -2.51
C ASP A 56 -6.33 5.01 -3.40
N GLU A 57 -5.35 5.80 -2.90
CA GLU A 57 -4.67 6.85 -3.72
C GLU A 57 -3.97 6.21 -4.95
N MET A 58 -3.25 5.09 -4.71
CA MET A 58 -2.55 4.34 -5.79
C MET A 58 -3.50 3.86 -6.90
N GLU A 59 -4.70 3.39 -6.52
CA GLU A 59 -5.70 2.91 -7.49
C GLU A 59 -6.27 4.08 -8.34
N GLN A 60 -6.38 5.27 -7.72
CA GLN A 60 -6.86 6.49 -8.39
C GLN A 60 -5.87 6.98 -9.48
N MET A 61 -4.60 7.20 -9.08
CA MET A 61 -3.55 7.73 -9.99
C MET A 61 -3.05 6.67 -11.01
N TYR A 62 -3.23 5.38 -10.69
CA TYR A 62 -3.04 4.28 -11.67
C TYR A 62 -4.19 4.29 -12.72
N LYS A 63 -5.42 4.53 -12.27
CA LYS A 63 -6.60 4.62 -13.18
C LYS A 63 -6.44 5.85 -14.11
N ASP A 64 -5.85 6.93 -13.56
CA ASP A 64 -5.51 8.17 -14.32
C ASP A 64 -4.45 7.88 -15.43
N ALA A 65 -3.34 7.23 -15.03
CA ALA A 65 -2.23 6.85 -15.95
C ALA A 65 -1.90 5.34 -15.78
N PRO A 66 -2.58 4.43 -16.57
CA PRO A 66 -2.39 2.94 -16.46
C PRO A 66 -0.98 2.46 -16.92
N ASN A 67 -0.20 1.93 -15.96
CA ASN A 67 1.12 1.31 -16.22
C ASN A 67 1.12 -0.16 -15.71
N ALA A 68 1.68 -1.09 -16.52
CA ALA A 68 1.74 -2.53 -16.19
C ALA A 68 2.54 -2.81 -14.90
N VAL A 69 3.70 -2.13 -14.77
CA VAL A 69 4.57 -2.21 -13.57
C VAL A 69 3.85 -1.63 -12.33
N MET A 70 3.15 -0.48 -12.52
CA MET A 70 2.40 0.21 -11.44
C MET A 70 1.19 -0.64 -10.95
N GLU A 71 0.62 -1.46 -11.86
CA GLU A 71 -0.46 -2.43 -11.53
C GLU A 71 0.07 -3.52 -10.55
N GLN A 72 1.31 -3.98 -10.81
CA GLN A 72 2.04 -4.93 -9.94
C GLN A 72 2.36 -4.29 -8.56
N LEU A 73 2.54 -2.96 -8.53
CA LEU A 73 2.74 -2.21 -7.26
C LEU A 73 1.43 -2.11 -6.44
N LEU A 74 0.26 -1.99 -7.13
CA LEU A 74 -1.08 -2.13 -6.48
C LEU A 74 -1.23 -3.56 -5.88
N GLU A 75 -0.78 -4.57 -6.66
CA GLU A 75 -0.78 -5.98 -6.25
C GLU A 75 0.07 -6.21 -4.99
N GLU A 76 1.26 -5.56 -4.94
CA GLU A 76 2.17 -5.59 -3.78
C GLU A 76 1.46 -5.13 -2.49
N ILE A 77 0.76 -3.98 -2.55
CA ILE A 77 0.01 -3.42 -1.39
C ILE A 77 -1.23 -4.29 -1.04
N GLU A 78 -1.89 -4.87 -2.08
CA GLU A 78 -3.15 -5.62 -1.90
C GLU A 78 -2.92 -7.00 -1.23
N LYS A 79 -1.89 -7.75 -1.71
CA LYS A 79 -1.45 -9.02 -1.07
C LYS A 79 -1.06 -8.77 0.39
N LEU A 80 -0.26 -7.70 0.60
CA LEU A 80 0.13 -7.21 1.94
C LEU A 80 -1.09 -6.90 2.82
N LEU A 81 -2.06 -6.15 2.28
CA LEU A 81 -3.25 -5.65 3.02
C LEU A 81 -4.15 -6.81 3.50
N LYS A 82 -4.32 -7.80 2.62
CA LYS A 82 -5.01 -9.07 2.91
C LYS A 82 -4.35 -9.81 4.10
N LYS A 83 -3.03 -9.98 4.02
CA LYS A 83 -2.20 -10.66 5.04
C LYS A 83 -2.03 -9.84 6.34
N ALA A 84 -2.09 -8.49 6.22
CA ALA A 84 -1.86 -7.54 7.33
C ALA A 84 -3.04 -7.49 8.32
N GLY A 85 -2.95 -6.61 9.32
CA GLY A 85 -4.02 -6.43 10.31
C GLY A 85 -5.15 -5.51 9.81
N SER A 86 -5.74 -5.83 8.64
CA SER A 86 -6.89 -5.08 8.05
C SER A 86 -8.25 -5.70 8.49
N LEU A 87 -8.16 -6.86 9.19
CA LEU A 87 -9.32 -7.62 9.72
C LEU A 87 -10.29 -8.05 8.59
N VAL A 88 -9.71 -8.58 7.48
CA VAL A 88 -10.50 -9.13 6.35
C VAL A 88 -11.25 -10.43 6.80
N PRO A 89 -12.62 -10.41 6.87
CA PRO A 89 -13.41 -11.44 7.58
C PRO A 89 -13.74 -12.71 6.74
N ARG A 90 -14.22 -13.75 7.44
CA ARG A 90 -14.75 -14.99 6.80
C ARG A 90 -16.26 -14.81 6.45
N GLY A 91 -17.00 -15.91 6.24
CA GLY A 91 -18.43 -15.83 5.89
C GLY A 91 -18.64 -15.57 4.41
N SER A 92 -18.29 -14.34 3.98
CA SER A 92 -18.16 -13.97 2.55
C SER A 92 -16.94 -14.71 1.93
N TYR A 93 -15.81 -14.67 2.66
CA TYR A 93 -14.58 -15.39 2.29
C TYR A 93 -14.54 -16.79 2.96
N LEU A 94 -14.96 -17.81 2.20
CA LEU A 94 -14.80 -19.23 2.59
C LEU A 94 -14.59 -20.08 1.33
N GLU A 95 -13.31 -20.42 1.03
CA GLU A 95 -12.94 -21.21 -0.16
C GLU A 95 -11.79 -22.18 0.23
N HIS A 96 -11.87 -23.41 -0.30
CA HIS A 96 -10.93 -24.49 0.00
C HIS A 96 -9.59 -24.32 -0.78
N HIS A 97 -8.66 -23.57 -0.19
CA HIS A 97 -7.32 -23.31 -0.80
C HIS A 97 -6.33 -24.44 -0.44
N HIS A 98 -6.11 -25.38 -1.38
CA HIS A 98 -5.19 -26.54 -1.18
C HIS A 98 -4.33 -26.76 -2.45
N HIS A 99 -3.00 -26.85 -2.27
CA HIS A 99 -2.03 -27.07 -3.38
C HIS A 99 -1.59 -28.56 -3.47
N HIS A 100 -1.67 -29.28 -2.34
CA HIS A 100 -1.35 -30.73 -2.25
C HIS A 100 -2.66 -31.57 -2.21
N HIS A 101 -2.67 -32.72 -2.93
CA HIS A 101 -3.80 -33.69 -2.89
C HIS A 101 -3.89 -34.40 -1.48
N MET A 1 12.01 -7.20 19.99
CA MET A 1 10.61 -7.49 19.54
C MET A 1 10.57 -8.50 18.36
N GLN A 2 11.70 -9.20 18.13
CA GLN A 2 11.90 -10.14 17.00
C GLN A 2 11.85 -9.42 15.61
N GLU A 3 12.27 -10.14 14.57
CA GLU A 3 12.41 -9.58 13.21
C GLU A 3 11.06 -9.47 12.45
N GLU A 4 10.06 -10.33 12.80
CA GLU A 4 8.78 -10.47 12.04
C GLU A 4 8.00 -9.13 11.91
N ARG A 5 8.01 -8.34 13.00
CA ARG A 5 7.39 -6.99 13.03
C ARG A 5 8.13 -6.03 12.06
N LYS A 6 9.46 -6.12 12.08
CA LYS A 6 10.34 -5.39 11.13
C LYS A 6 10.18 -5.88 9.66
N LYS A 7 9.88 -7.18 9.46
CA LYS A 7 9.66 -7.75 8.10
C LYS A 7 8.29 -7.33 7.51
N LEU A 8 7.31 -7.10 8.41
CA LEU A 8 6.00 -6.55 8.04
C LEU A 8 6.14 -5.13 7.45
N LEU A 9 6.87 -4.24 8.17
CA LEU A 9 7.12 -2.85 7.72
C LEU A 9 8.18 -2.79 6.59
N GLU A 10 9.07 -3.80 6.53
CA GLU A 10 10.03 -4.02 5.39
C GLU A 10 9.27 -4.04 4.04
N LYS A 11 8.14 -4.77 4.03
CA LYS A 11 7.22 -4.81 2.89
C LYS A 11 6.78 -3.38 2.50
N LEU A 12 6.23 -2.61 3.47
CA LEU A 12 5.71 -1.24 3.23
C LEU A 12 6.80 -0.30 2.65
N GLU A 13 8.01 -0.32 3.25
CA GLU A 13 9.15 0.52 2.79
C GLU A 13 9.46 0.25 1.30
N LYS A 14 9.61 -1.04 0.95
CA LYS A 14 9.93 -1.47 -0.43
C LYS A 14 8.77 -1.19 -1.42
N ILE A 15 7.49 -1.31 -0.96
CA ILE A 15 6.30 -0.99 -1.80
C ILE A 15 6.39 0.47 -2.26
N LEU A 16 6.49 1.37 -1.28
CA LEU A 16 6.47 2.84 -1.49
C LEU A 16 7.63 3.29 -2.39
N ASP A 17 8.85 2.82 -2.07
CA ASP A 17 10.08 3.17 -2.82
C ASP A 17 10.06 2.61 -4.28
N GLU A 18 9.36 1.49 -4.51
CA GLU A 18 9.10 0.97 -5.87
C GLU A 18 8.02 1.82 -6.61
N VAL A 19 6.96 2.22 -5.89
CA VAL A 19 5.83 3.01 -6.47
C VAL A 19 6.28 4.44 -6.89
N THR A 20 7.25 5.01 -6.14
CA THR A 20 7.80 6.37 -6.43
C THR A 20 8.63 6.38 -7.74
N ASP A 21 9.53 5.39 -7.89
CA ASP A 21 10.31 5.20 -9.15
C ASP A 21 9.50 4.47 -10.26
N GLY A 22 8.33 3.92 -9.89
CA GLY A 22 7.37 3.35 -10.85
C GLY A 22 6.23 4.32 -11.18
N ALA A 23 6.38 5.60 -10.78
CA ALA A 23 5.38 6.67 -10.98
C ALA A 23 5.66 7.53 -12.24
N PRO A 24 4.59 8.19 -12.82
CA PRO A 24 4.79 9.32 -13.78
C PRO A 24 5.36 10.58 -13.06
N ASP A 25 5.96 11.50 -13.84
CA ASP A 25 6.76 12.64 -13.31
C ASP A 25 6.05 13.51 -12.23
N GLU A 26 4.87 14.05 -12.56
CA GLU A 26 4.13 14.97 -11.65
C GLU A 26 3.45 14.22 -10.46
N ALA A 27 3.05 12.96 -10.68
CA ALA A 27 2.36 12.16 -9.64
C ALA A 27 3.34 11.57 -8.60
N ARG A 28 4.65 11.54 -8.94
CA ARG A 28 5.71 11.01 -8.07
C ARG A 28 5.76 11.72 -6.70
N GLU A 29 5.74 13.08 -6.72
CA GLU A 29 5.81 13.90 -5.49
C GLU A 29 4.61 13.63 -4.53
N ARG A 30 3.41 13.39 -5.11
CA ARG A 30 2.18 13.02 -4.36
C ARG A 30 2.42 11.71 -3.57
N ILE A 31 3.03 10.73 -4.27
CA ILE A 31 3.37 9.42 -3.71
C ILE A 31 4.46 9.55 -2.62
N GLU A 32 5.57 10.27 -2.91
CA GLU A 32 6.74 10.38 -1.99
C GLU A 32 6.37 11.06 -0.64
N LYS A 33 5.44 12.04 -0.70
CA LYS A 33 4.92 12.74 0.50
C LYS A 33 4.10 11.77 1.39
N LEU A 34 3.08 11.12 0.78
CA LEU A 34 2.18 10.18 1.49
C LEU A 34 2.93 8.91 1.95
N ALA A 35 3.97 8.52 1.18
CA ALA A 35 4.85 7.38 1.48
C ALA A 35 5.70 7.64 2.73
N LYS A 36 6.26 8.87 2.79
CA LYS A 36 6.99 9.39 3.95
C LYS A 36 6.10 9.30 5.22
N ASP A 37 4.85 9.81 5.07
CA ASP A 37 3.84 9.81 6.14
C ASP A 37 3.61 8.39 6.70
N VAL A 38 3.39 7.39 5.80
CA VAL A 38 3.16 5.97 6.19
C VAL A 38 4.32 5.44 7.08
N LYS A 39 5.57 5.78 6.72
CA LYS A 39 6.78 5.32 7.44
C LYS A 39 6.88 5.87 8.88
N ASP A 40 6.44 7.12 9.11
CA ASP A 40 6.34 7.70 10.48
C ASP A 40 5.21 7.01 11.29
N GLU A 41 4.08 6.70 10.60
CA GLU A 41 2.89 6.06 11.20
C GLU A 41 3.17 4.60 11.61
N LEU A 42 4.11 3.93 10.91
CA LEU A 42 4.59 2.56 11.25
C LEU A 42 5.16 2.51 12.70
N GLU A 43 5.71 3.65 13.17
CA GLU A 43 6.13 3.82 14.59
C GLU A 43 4.91 4.20 15.46
N GLU A 44 4.25 5.32 15.13
CA GLU A 44 3.10 5.84 15.92
C GLU A 44 2.12 6.59 14.97
N GLY A 45 0.84 6.14 14.96
CA GLY A 45 -0.21 6.73 14.12
C GLY A 45 -1.26 5.71 13.66
N ASP A 46 -1.88 5.97 12.51
CA ASP A 46 -2.87 5.07 11.88
C ASP A 46 -2.24 3.75 11.36
N ALA A 47 -1.08 3.87 10.67
CA ALA A 47 -0.28 2.74 10.11
C ALA A 47 -1.06 1.85 9.11
N LYS A 48 -1.93 0.93 9.60
CA LYS A 48 -2.73 0.03 8.73
C LYS A 48 -3.81 0.82 7.95
N ASN A 49 -4.42 1.82 8.61
CA ASN A 49 -5.36 2.75 7.94
C ASN A 49 -4.64 3.55 6.82
N MET A 50 -3.34 3.87 7.04
CA MET A 50 -2.48 4.53 6.03
C MET A 50 -2.27 3.65 4.78
N ILE A 51 -2.19 2.32 4.98
CA ILE A 51 -1.99 1.33 3.89
C ILE A 51 -3.22 1.29 2.94
N GLU A 52 -4.43 1.24 3.54
CA GLU A 52 -5.70 1.20 2.76
C GLU A 52 -6.02 2.57 2.12
N LYS A 53 -5.64 3.68 2.80
CA LYS A 53 -5.81 5.06 2.23
C LYS A 53 -4.86 5.28 1.04
N PHE A 54 -3.64 4.74 1.16
CA PHE A 54 -2.63 4.76 0.09
C PHE A 54 -3.05 3.84 -1.07
N ARG A 55 -3.83 2.77 -0.76
CA ARG A 55 -4.35 1.83 -1.77
C ARG A 55 -5.37 2.55 -2.70
N ASP A 56 -6.37 3.23 -2.09
CA ASP A 56 -7.39 4.01 -2.82
C ASP A 56 -6.74 5.12 -3.68
N GLU A 57 -5.76 5.84 -3.08
CA GLU A 57 -4.96 6.87 -3.76
C GLU A 57 -4.10 6.26 -4.91
N MET A 58 -3.56 5.05 -4.67
CA MET A 58 -2.77 4.29 -5.66
C MET A 58 -3.61 3.96 -6.91
N GLU A 59 -4.89 3.55 -6.69
CA GLU A 59 -5.85 3.27 -7.78
C GLU A 59 -6.17 4.55 -8.59
N GLN A 60 -6.23 5.71 -7.90
CA GLN A 60 -6.44 7.04 -8.53
C GLN A 60 -5.28 7.37 -9.52
N MET A 61 -4.03 7.24 -9.03
CA MET A 61 -2.81 7.64 -9.78
C MET A 61 -2.49 6.63 -10.91
N TYR A 62 -2.77 5.34 -10.65
CA TYR A 62 -2.52 4.24 -11.61
C TYR A 62 -3.55 4.24 -12.77
N LYS A 63 -4.85 4.33 -12.45
CA LYS A 63 -5.93 4.21 -13.46
C LYS A 63 -5.87 5.35 -14.51
N ASP A 64 -5.55 6.56 -14.04
CA ASP A 64 -5.40 7.76 -14.89
C ASP A 64 -3.98 7.87 -15.50
N ALA A 65 -3.01 7.06 -15.04
CA ALA A 65 -1.62 7.05 -15.58
C ALA A 65 -0.92 5.67 -15.35
N PRO A 66 -1.30 4.60 -16.14
CA PRO A 66 -0.70 3.24 -16.01
C PRO A 66 0.66 3.12 -16.74
N ASN A 67 1.74 2.86 -15.99
CA ASN A 67 3.10 2.63 -16.55
C ASN A 67 3.31 1.11 -16.88
N ALA A 68 3.80 0.30 -15.90
CA ALA A 68 3.97 -1.18 -16.08
C ALA A 68 4.06 -1.90 -14.72
N VAL A 69 5.22 -1.78 -14.02
CA VAL A 69 5.41 -2.39 -12.69
C VAL A 69 4.43 -1.79 -11.64
N MET A 70 4.01 -0.53 -11.92
CA MET A 70 3.03 0.22 -11.08
C MET A 70 1.73 -0.60 -10.79
N GLU A 71 1.34 -1.44 -11.77
CA GLU A 71 0.19 -2.39 -11.62
C GLU A 71 0.48 -3.46 -10.54
N GLN A 72 1.63 -4.16 -10.69
CA GLN A 72 2.06 -5.23 -9.76
C GLN A 72 2.19 -4.72 -8.30
N LEU A 73 2.60 -3.44 -8.18
CA LEU A 73 2.80 -2.76 -6.89
C LEU A 73 1.46 -2.40 -6.20
N LEU A 74 0.42 -2.12 -7.02
CA LEU A 74 -0.94 -1.85 -6.52
C LEU A 74 -1.50 -3.14 -5.85
N GLU A 75 -1.33 -4.28 -6.55
CA GLU A 75 -1.69 -5.61 -6.05
C GLU A 75 -0.86 -6.02 -4.81
N GLU A 76 0.39 -5.54 -4.71
CA GLU A 76 1.26 -5.80 -3.53
C GLU A 76 0.65 -5.17 -2.24
N ILE A 77 0.08 -3.96 -2.38
CA ILE A 77 -0.64 -3.25 -1.28
C ILE A 77 -1.91 -4.04 -0.85
N GLU A 78 -2.62 -4.61 -1.85
CA GLU A 78 -3.80 -5.49 -1.63
C GLU A 78 -3.44 -6.71 -0.73
N LYS A 79 -2.24 -7.27 -0.96
CA LYS A 79 -1.71 -8.42 -0.20
C LYS A 79 -1.33 -8.01 1.25
N LEU A 80 -0.90 -6.74 1.43
CA LEU A 80 -0.64 -6.13 2.75
C LEU A 80 -1.95 -5.75 3.50
N LEU A 81 -3.05 -5.49 2.77
CA LEU A 81 -4.39 -5.32 3.39
C LEU A 81 -4.81 -6.60 4.16
N LYS A 82 -4.46 -7.76 3.59
CA LYS A 82 -4.61 -9.07 4.24
C LYS A 82 -3.54 -9.28 5.36
N LYS A 83 -2.27 -9.07 4.99
CA LYS A 83 -1.09 -9.46 5.81
C LYS A 83 -0.94 -8.63 7.12
N ALA A 84 -1.06 -7.29 7.03
CA ALA A 84 -0.83 -6.37 8.16
C ALA A 84 -2.07 -6.27 9.10
N GLY A 85 -2.45 -7.42 9.69
CA GLY A 85 -3.63 -7.48 10.58
C GLY A 85 -4.98 -7.41 9.83
N SER A 86 -6.08 -7.49 10.60
CA SER A 86 -7.45 -7.42 10.06
C SER A 86 -8.43 -6.82 11.12
N LEU A 87 -9.63 -6.42 10.66
CA LEU A 87 -10.71 -5.93 11.53
C LEU A 87 -11.42 -7.13 12.21
N VAL A 88 -11.55 -8.23 11.42
CA VAL A 88 -12.32 -9.45 11.77
C VAL A 88 -13.80 -9.08 12.15
N PRO A 89 -14.64 -8.64 11.16
CA PRO A 89 -16.06 -8.28 11.41
C PRO A 89 -17.02 -9.49 11.23
N ARG A 90 -18.32 -9.25 11.49
CA ARG A 90 -19.37 -10.28 11.32
C ARG A 90 -19.84 -10.38 9.86
N GLY A 91 -19.20 -11.30 9.11
CA GLY A 91 -19.58 -11.61 7.73
C GLY A 91 -19.79 -13.11 7.55
N SER A 92 -18.67 -13.84 7.32
CA SER A 92 -18.63 -15.33 7.27
C SER A 92 -19.42 -15.92 6.06
N TYR A 93 -19.68 -15.09 5.04
CA TYR A 93 -20.41 -15.51 3.81
C TYR A 93 -19.41 -15.98 2.72
N LEU A 94 -19.11 -17.29 2.71
CA LEU A 94 -18.23 -17.93 1.69
C LEU A 94 -19.01 -18.20 0.38
N GLU A 95 -20.34 -18.33 0.48
CA GLU A 95 -21.24 -18.52 -0.68
C GLU A 95 -21.24 -17.23 -1.55
N HIS A 96 -20.81 -17.36 -2.82
CA HIS A 96 -20.59 -16.19 -3.72
C HIS A 96 -21.88 -15.81 -4.49
N HIS A 97 -22.02 -14.51 -4.79
CA HIS A 97 -23.17 -13.96 -5.53
C HIS A 97 -22.96 -14.13 -7.06
N HIS A 98 -23.99 -14.68 -7.74
CA HIS A 98 -23.99 -14.86 -9.21
C HIS A 98 -24.13 -13.48 -9.92
N HIS A 99 -23.35 -13.27 -10.98
CA HIS A 99 -23.35 -12.01 -11.75
C HIS A 99 -24.52 -11.98 -12.78
N HIS A 100 -24.94 -10.76 -13.16
CA HIS A 100 -26.06 -10.55 -14.13
C HIS A 100 -25.74 -9.42 -15.13
N HIS A 101 -26.72 -9.12 -16.02
CA HIS A 101 -26.65 -7.99 -16.98
C HIS A 101 -27.46 -6.78 -16.42
N MET A 1 5.59 -5.22 18.65
CA MET A 1 4.68 -6.17 17.95
C MET A 1 5.47 -7.40 17.42
N GLN A 2 5.23 -8.59 18.03
CA GLN A 2 6.06 -9.80 17.83
C GLN A 2 5.54 -10.73 16.69
N GLU A 3 4.27 -10.56 16.27
CA GLU A 3 3.61 -11.48 15.29
C GLU A 3 4.01 -11.16 13.82
N GLU A 4 5.34 -11.29 13.52
CA GLU A 4 5.95 -11.02 12.17
C GLU A 4 5.72 -9.55 11.68
N ARG A 5 5.10 -8.69 12.52
CA ARG A 5 4.53 -7.40 12.08
C ARG A 5 5.58 -6.33 11.67
N LYS A 6 6.77 -6.36 12.28
CA LYS A 6 7.90 -5.49 11.83
C LYS A 6 8.49 -5.97 10.48
N LYS A 7 8.65 -7.31 10.31
CA LYS A 7 9.19 -7.92 9.06
C LYS A 7 8.20 -7.77 7.88
N LEU A 8 6.92 -7.70 8.24
CA LEU A 8 5.81 -7.26 7.34
C LEU A 8 6.16 -5.87 6.72
N LEU A 9 6.60 -4.94 7.59
CA LEU A 9 6.97 -3.56 7.18
C LEU A 9 8.27 -3.54 6.34
N GLU A 10 9.24 -4.40 6.68
CA GLU A 10 10.59 -4.39 6.05
C GLU A 10 10.54 -4.41 4.49
N LYS A 11 9.63 -5.22 3.92
CA LYS A 11 9.35 -5.23 2.45
C LYS A 11 8.39 -4.07 2.02
N LEU A 12 7.48 -3.67 2.93
CA LEU A 12 6.39 -2.69 2.65
C LEU A 12 6.94 -1.29 2.22
N GLU A 13 7.98 -0.77 2.91
CA GLU A 13 8.64 0.50 2.52
C GLU A 13 9.18 0.44 1.06
N LYS A 14 9.77 -0.72 0.67
CA LYS A 14 10.31 -0.94 -0.69
C LYS A 14 9.22 -0.80 -1.77
N ILE A 15 7.98 -1.26 -1.47
CA ILE A 15 6.81 -1.07 -2.36
C ILE A 15 6.61 0.42 -2.66
N LEU A 16 6.49 1.22 -1.57
CA LEU A 16 6.25 2.69 -1.63
C LEU A 16 7.35 3.44 -2.43
N ASP A 17 8.62 3.00 -2.30
CA ASP A 17 9.76 3.56 -3.06
C ASP A 17 9.74 3.12 -4.54
N GLU A 18 9.19 1.93 -4.82
CA GLU A 18 8.97 1.46 -6.20
C GLU A 18 7.74 2.13 -6.84
N VAL A 19 6.81 2.66 -6.00
CA VAL A 19 5.65 3.45 -6.48
C VAL A 19 6.10 4.86 -6.94
N THR A 20 7.04 5.48 -6.19
CA THR A 20 7.64 6.80 -6.56
C THR A 20 8.41 6.68 -7.90
N ASP A 21 9.17 5.58 -8.04
CA ASP A 21 9.88 5.24 -9.29
C ASP A 21 8.88 4.78 -10.40
N GLY A 22 7.79 4.11 -9.99
CA GLY A 22 6.73 3.63 -10.89
C GLY A 22 5.69 4.69 -11.24
N ALA A 23 5.95 5.95 -10.83
CA ALA A 23 5.14 7.13 -11.22
C ALA A 23 5.45 7.57 -12.68
N PRO A 24 4.48 8.24 -13.40
CA PRO A 24 4.71 8.72 -14.79
C PRO A 24 5.78 9.86 -14.87
N ASP A 25 5.62 10.89 -14.02
CA ASP A 25 6.52 12.07 -13.99
C ASP A 25 6.35 12.85 -12.66
N GLU A 26 5.37 13.78 -12.62
CA GLU A 26 5.17 14.70 -11.46
C GLU A 26 4.41 14.03 -10.29
N ALA A 27 3.75 12.89 -10.56
CA ALA A 27 3.05 12.09 -9.52
C ALA A 27 4.02 11.53 -8.47
N ARG A 28 5.32 11.38 -8.83
CA ARG A 28 6.40 10.95 -7.91
C ARG A 28 6.41 11.77 -6.60
N GLU A 29 6.23 13.09 -6.75
CA GLU A 29 6.21 14.04 -5.62
C GLU A 29 5.00 13.81 -4.68
N ARG A 30 3.81 13.60 -5.26
CA ARG A 30 2.56 13.30 -4.52
C ARG A 30 2.69 11.99 -3.71
N ILE A 31 3.34 10.99 -4.34
CA ILE A 31 3.62 9.69 -3.71
C ILE A 31 4.66 9.83 -2.57
N GLU A 32 5.75 10.60 -2.80
CA GLU A 32 6.80 10.86 -1.78
C GLU A 32 6.24 11.66 -0.58
N LYS A 33 5.17 12.44 -0.82
CA LYS A 33 4.46 13.18 0.23
C LYS A 33 3.66 12.20 1.13
N LEU A 34 2.76 11.41 0.52
CA LEU A 34 1.86 10.50 1.26
C LEU A 34 2.62 9.31 1.88
N ALA A 35 3.51 8.68 1.09
CA ALA A 35 4.38 7.57 1.53
C ALA A 35 5.26 7.96 2.74
N LYS A 36 5.70 9.24 2.80
CA LYS A 36 6.44 9.79 3.96
C LYS A 36 5.53 9.75 5.22
N ASP A 37 4.28 10.24 5.07
CA ASP A 37 3.28 10.25 6.17
C ASP A 37 2.95 8.82 6.65
N VAL A 38 2.88 7.88 5.69
CA VAL A 38 2.68 6.44 6.00
C VAL A 38 3.89 5.90 6.80
N LYS A 39 5.12 6.28 6.38
CA LYS A 39 6.39 5.86 7.03
C LYS A 39 6.56 6.45 8.45
N ASP A 40 5.97 7.63 8.70
CA ASP A 40 5.86 8.20 10.07
C ASP A 40 4.96 7.28 10.94
N GLU A 41 3.80 6.92 10.39
CA GLU A 41 2.81 6.04 11.04
C GLU A 41 3.31 4.59 11.20
N LEU A 42 4.22 4.15 10.31
CA LEU A 42 4.88 2.82 10.43
C LEU A 42 5.77 2.75 11.70
N GLU A 43 6.21 3.93 12.19
CA GLU A 43 6.99 4.08 13.44
C GLU A 43 6.04 4.45 14.62
N GLU A 44 5.60 5.73 14.68
CA GLU A 44 4.85 6.28 15.84
C GLU A 44 3.34 5.91 15.84
N GLY A 45 2.74 5.75 14.66
CA GLY A 45 1.28 5.55 14.53
C GLY A 45 0.84 4.07 14.41
N ASP A 46 -0.41 3.85 13.97
CA ASP A 46 -0.98 2.49 13.79
C ASP A 46 -0.64 1.92 12.39
N ALA A 47 -0.57 2.83 11.39
CA ALA A 47 -0.09 2.56 10.01
C ALA A 47 -1.10 1.83 9.10
N LYS A 48 -1.78 0.78 9.60
CA LYS A 48 -2.58 -0.17 8.78
C LYS A 48 -3.60 0.56 7.85
N ASN A 49 -4.36 1.51 8.43
CA ASN A 49 -5.38 2.29 7.68
C ASN A 49 -4.73 3.29 6.68
N MET A 50 -3.53 3.81 7.02
CA MET A 50 -2.71 4.68 6.13
C MET A 50 -2.21 3.92 4.87
N ILE A 51 -1.94 2.61 5.02
CA ILE A 51 -1.52 1.72 3.92
C ILE A 51 -2.72 1.45 2.97
N GLU A 52 -3.92 1.28 3.56
CA GLU A 52 -5.19 1.16 2.80
C GLU A 52 -5.53 2.47 2.05
N LYS A 53 -5.26 3.61 2.70
CA LYS A 53 -5.47 4.96 2.13
C LYS A 53 -4.42 5.29 1.06
N PHE A 54 -3.24 4.67 1.20
CA PHE A 54 -2.19 4.77 0.19
C PHE A 54 -2.60 4.01 -1.10
N ARG A 55 -3.24 2.83 -0.91
CA ARG A 55 -3.85 2.04 -2.00
C ARG A 55 -5.02 2.83 -2.67
N ASP A 56 -5.83 3.50 -1.83
CA ASP A 56 -6.97 4.33 -2.27
C ASP A 56 -6.50 5.49 -3.19
N GLU A 57 -5.34 6.07 -2.85
CA GLU A 57 -4.67 7.10 -3.66
C GLU A 57 -4.06 6.50 -4.96
N MET A 58 -3.33 5.37 -4.81
CA MET A 58 -2.72 4.64 -5.93
C MET A 58 -3.75 4.14 -6.98
N GLU A 59 -4.98 3.86 -6.53
CA GLU A 59 -6.09 3.44 -7.42
C GLU A 59 -6.45 4.56 -8.42
N GLN A 60 -6.47 5.80 -7.89
CA GLN A 60 -6.69 7.02 -8.69
C GLN A 60 -5.48 7.32 -9.64
N MET A 61 -4.24 7.27 -9.08
CA MET A 61 -3.01 7.66 -9.83
C MET A 61 -2.61 6.61 -10.90
N TYR A 62 -2.95 5.34 -10.64
CA TYR A 62 -2.73 4.22 -11.60
C TYR A 62 -3.69 4.34 -12.82
N LYS A 63 -4.99 4.50 -12.55
CA LYS A 63 -6.00 4.67 -13.63
C LYS A 63 -5.92 6.07 -14.29
N ASP A 64 -5.09 6.95 -13.71
CA ASP A 64 -4.64 8.19 -14.37
C ASP A 64 -3.53 7.87 -15.42
N ALA A 65 -2.50 7.12 -14.99
CA ALA A 65 -1.36 6.75 -15.85
C ALA A 65 -0.85 5.30 -15.52
N PRO A 66 -1.39 4.24 -16.21
CA PRO A 66 -0.95 2.82 -16.01
C PRO A 66 0.51 2.57 -16.48
N ASN A 67 1.44 2.43 -15.51
CA ASN A 67 2.90 2.28 -15.77
C ASN A 67 3.39 0.82 -15.54
N ALA A 68 2.61 -0.16 -16.06
CA ALA A 68 2.92 -1.63 -16.03
C ALA A 68 3.11 -2.20 -14.60
N VAL A 69 4.33 -2.00 -14.03
CA VAL A 69 4.70 -2.48 -12.68
C VAL A 69 3.84 -1.79 -11.58
N MET A 70 3.36 -0.55 -11.88
CA MET A 70 2.50 0.23 -10.98
C MET A 70 1.20 -0.54 -10.60
N GLU A 71 0.68 -1.36 -11.55
CA GLU A 71 -0.49 -2.24 -11.30
C GLU A 71 -0.19 -3.31 -10.22
N GLN A 72 0.97 -3.97 -10.37
CA GLN A 72 1.46 -4.98 -9.41
C GLN A 72 1.60 -4.39 -8.01
N LEU A 73 2.03 -3.13 -7.93
CA LEU A 73 2.18 -2.38 -6.67
C LEU A 73 0.81 -2.16 -5.96
N LEU A 74 -0.30 -1.97 -6.74
CA LEU A 74 -1.69 -1.96 -6.18
C LEU A 74 -2.01 -3.31 -5.47
N GLU A 75 -1.61 -4.41 -6.14
CA GLU A 75 -1.85 -5.79 -5.65
C GLU A 75 -0.98 -6.11 -4.40
N GLU A 76 0.29 -5.66 -4.41
CA GLU A 76 1.26 -5.92 -3.33
C GLU A 76 0.82 -5.29 -2.00
N ILE A 77 0.25 -4.07 -2.08
CA ILE A 77 -0.35 -3.39 -0.89
C ILE A 77 -1.46 -4.28 -0.25
N GLU A 78 -2.32 -4.89 -1.09
CA GLU A 78 -3.42 -5.77 -0.65
C GLU A 78 -2.89 -7.09 -0.02
N LYS A 79 -1.77 -7.58 -0.56
CA LYS A 79 -1.06 -8.79 -0.06
C LYS A 79 -0.36 -8.52 1.30
N LEU A 80 0.06 -7.26 1.51
CA LEU A 80 0.56 -6.77 2.83
C LEU A 80 -0.60 -6.49 3.81
N LEU A 81 -1.78 -6.08 3.28
CA LEU A 81 -3.04 -5.96 4.06
C LEU A 81 -3.50 -7.34 4.59
N LYS A 82 -3.27 -8.38 3.75
CA LYS A 82 -3.58 -9.79 4.08
C LYS A 82 -2.78 -10.24 5.34
N LYS A 83 -1.51 -9.80 5.39
CA LYS A 83 -0.63 -9.97 6.57
C LYS A 83 -1.00 -9.02 7.75
N ALA A 84 -1.37 -7.77 7.41
CA ALA A 84 -1.53 -6.66 8.39
C ALA A 84 -2.74 -6.83 9.35
N GLY A 85 -3.80 -7.47 8.86
CA GLY A 85 -5.02 -7.69 9.66
C GLY A 85 -6.28 -7.24 8.91
N SER A 86 -7.43 -7.30 9.63
CA SER A 86 -8.77 -6.93 9.11
C SER A 86 -9.25 -7.84 7.96
N LEU A 87 -10.46 -8.43 8.11
CA LEU A 87 -11.05 -9.32 7.10
C LEU A 87 -11.61 -8.48 5.92
N VAL A 88 -10.73 -8.15 4.96
CA VAL A 88 -11.07 -7.43 3.72
C VAL A 88 -11.91 -8.32 2.76
N PRO A 89 -12.72 -7.74 1.81
CA PRO A 89 -13.46 -8.54 0.80
C PRO A 89 -12.51 -9.39 -0.10
N ARG A 90 -13.04 -10.48 -0.65
CA ARG A 90 -12.27 -11.46 -1.47
C ARG A 90 -11.63 -10.77 -2.71
N GLY A 91 -10.28 -10.70 -2.73
CA GLY A 91 -9.52 -9.95 -3.75
C GLY A 91 -9.68 -10.51 -5.17
N SER A 92 -10.71 -10.02 -5.88
CA SER A 92 -11.05 -10.47 -7.25
C SER A 92 -11.99 -9.45 -7.94
N TYR A 93 -11.52 -8.85 -9.06
CA TYR A 93 -12.32 -7.87 -9.87
C TYR A 93 -12.08 -8.12 -11.38
N LEU A 94 -13.06 -7.72 -12.22
CA LEU A 94 -12.96 -7.84 -13.71
C LEU A 94 -13.51 -6.55 -14.38
N GLU A 95 -12.61 -5.60 -14.71
CA GLU A 95 -12.97 -4.34 -15.38
C GLU A 95 -12.14 -4.14 -16.68
N HIS A 96 -12.83 -4.30 -17.83
CA HIS A 96 -12.27 -3.99 -19.18
C HIS A 96 -13.31 -3.19 -19.99
N HIS A 97 -12.88 -2.05 -20.57
CA HIS A 97 -13.75 -1.21 -21.42
C HIS A 97 -13.98 -1.86 -22.81
N HIS A 98 -14.91 -2.84 -22.85
CA HIS A 98 -15.31 -3.51 -24.09
C HIS A 98 -16.40 -2.65 -24.81
N HIS A 99 -16.08 -2.16 -26.02
CA HIS A 99 -16.94 -1.19 -26.74
C HIS A 99 -18.23 -1.85 -27.29
N HIS A 100 -19.34 -1.10 -27.24
CA HIS A 100 -20.66 -1.51 -27.79
C HIS A 100 -21.31 -0.36 -28.57
N HIS A 101 -21.91 -0.68 -29.73
CA HIS A 101 -22.60 0.30 -30.61
C HIS A 101 -23.85 -0.35 -31.27
N MET A 1 4.48 -6.99 19.41
CA MET A 1 5.17 -6.31 18.28
C MET A 1 6.67 -6.69 18.27
N GLN A 2 7.06 -7.57 17.32
CA GLN A 2 8.45 -8.06 17.18
C GLN A 2 8.70 -8.66 15.78
N GLU A 3 7.83 -9.61 15.38
CA GLU A 3 8.07 -10.46 14.19
C GLU A 3 7.07 -10.16 13.02
N GLU A 4 5.79 -10.57 13.20
CA GLU A 4 4.76 -10.55 12.14
C GLU A 4 4.52 -9.13 11.56
N ARG A 5 3.99 -8.22 12.41
CA ARG A 5 3.67 -6.83 12.03
C ARG A 5 4.93 -6.06 11.60
N LYS A 6 6.06 -6.30 12.30
CA LYS A 6 7.33 -5.56 12.05
C LYS A 6 7.89 -5.86 10.63
N LYS A 7 7.94 -7.16 10.26
CA LYS A 7 8.42 -7.62 8.93
C LYS A 7 7.43 -7.14 7.82
N LEU A 8 6.12 -7.14 8.15
CA LEU A 8 5.05 -6.68 7.25
C LEU A 8 5.28 -5.18 6.85
N LEU A 9 5.56 -4.34 7.86
CA LEU A 9 5.81 -2.88 7.67
C LEU A 9 7.19 -2.61 7.00
N GLU A 10 8.16 -3.50 7.26
CA GLU A 10 9.50 -3.47 6.62
C GLU A 10 9.39 -3.68 5.09
N LYS A 11 8.53 -4.63 4.71
CA LYS A 11 8.21 -4.94 3.30
C LYS A 11 7.50 -3.74 2.61
N LEU A 12 6.64 -3.00 3.36
CA LEU A 12 6.04 -1.72 2.88
C LEU A 12 7.10 -0.71 2.43
N GLU A 13 8.16 -0.55 3.25
CA GLU A 13 9.21 0.47 3.06
C GLU A 13 9.89 0.37 1.66
N LYS A 14 10.22 -0.86 1.23
CA LYS A 14 10.72 -1.12 -0.14
C LYS A 14 9.68 -0.67 -1.20
N ILE A 15 8.41 -1.08 -1.01
CA ILE A 15 7.31 -0.81 -1.96
C ILE A 15 7.11 0.72 -2.16
N LEU A 16 7.26 1.52 -1.10
CA LEU A 16 7.23 3.00 -1.19
C LEU A 16 8.30 3.54 -2.19
N ASP A 17 9.51 2.96 -2.12
CA ASP A 17 10.62 3.25 -3.06
C ASP A 17 10.30 2.76 -4.50
N GLU A 18 9.64 1.58 -4.59
CA GLU A 18 9.22 0.95 -5.87
C GLU A 18 8.13 1.80 -6.59
N VAL A 19 7.20 2.37 -5.80
CA VAL A 19 6.05 3.16 -6.32
C VAL A 19 6.49 4.57 -6.76
N THR A 20 7.34 5.24 -5.94
CA THR A 20 7.89 6.57 -6.30
C THR A 20 8.76 6.50 -7.58
N ASP A 21 9.62 5.46 -7.67
CA ASP A 21 10.48 5.24 -8.87
C ASP A 21 9.64 4.80 -10.11
N GLY A 22 8.72 3.83 -9.91
CA GLY A 22 7.88 3.29 -11.00
C GLY A 22 6.70 4.18 -11.40
N ALA A 23 6.50 5.27 -10.65
CA ALA A 23 5.45 6.27 -10.93
C ALA A 23 5.60 6.97 -12.30
N PRO A 24 4.48 7.46 -12.92
CA PRO A 24 4.56 8.53 -13.94
C PRO A 24 5.13 9.83 -13.30
N ASP A 25 6.01 10.54 -14.04
CA ASP A 25 6.85 11.66 -13.53
C ASP A 25 6.08 12.73 -12.71
N GLU A 26 4.89 13.11 -13.21
CA GLU A 26 4.04 14.14 -12.56
C GLU A 26 3.32 13.60 -11.29
N ALA A 27 2.92 12.31 -11.31
CA ALA A 27 2.23 11.65 -10.17
C ALA A 27 3.21 11.28 -9.02
N ARG A 28 4.51 11.16 -9.36
CA ARG A 28 5.59 10.84 -8.41
C ARG A 28 5.63 11.81 -7.20
N GLU A 29 5.38 13.10 -7.49
CA GLU A 29 5.35 14.19 -6.49
C GLU A 29 4.37 13.86 -5.32
N ARG A 30 3.16 13.40 -5.69
CA ARG A 30 2.08 13.03 -4.76
C ARG A 30 2.50 11.85 -3.83
N ILE A 31 3.18 10.87 -4.43
CA ILE A 31 3.59 9.62 -3.75
C ILE A 31 4.72 9.87 -2.74
N GLU A 32 5.68 10.74 -3.11
CA GLU A 32 6.87 11.07 -2.28
C GLU A 32 6.47 11.68 -0.91
N LYS A 33 5.41 12.52 -0.91
CA LYS A 33 4.85 13.11 0.33
C LYS A 33 4.23 12.03 1.24
N LEU A 34 3.30 11.24 0.68
CA LEU A 34 2.56 10.20 1.43
C LEU A 34 3.50 9.05 1.92
N ALA A 35 4.60 8.83 1.17
CA ALA A 35 5.64 7.84 1.53
C ALA A 35 6.31 8.20 2.89
N LYS A 36 6.51 9.51 3.12
CA LYS A 36 7.00 10.04 4.40
C LYS A 36 5.97 9.78 5.53
N ASP A 37 4.68 10.11 5.26
CA ASP A 37 3.57 9.97 6.24
C ASP A 37 3.37 8.51 6.73
N VAL A 38 3.63 7.53 5.84
CA VAL A 38 3.62 6.09 6.21
C VAL A 38 4.71 5.80 7.27
N LYS A 39 5.91 6.41 7.07
CA LYS A 39 7.07 6.28 7.99
C LYS A 39 6.80 6.95 9.36
N ASP A 40 6.03 8.07 9.37
CA ASP A 40 5.51 8.70 10.62
C ASP A 40 4.70 7.68 11.46
N GLU A 41 3.85 6.92 10.78
CA GLU A 41 3.01 5.87 11.41
C GLU A 41 3.82 4.60 11.75
N LEU A 42 4.94 4.36 11.02
CA LEU A 42 5.93 3.30 11.40
C LEU A 42 6.61 3.62 12.76
N GLU A 43 6.62 4.91 13.15
CA GLU A 43 7.05 5.35 14.51
C GLU A 43 5.97 4.99 15.56
N GLU A 44 4.72 5.46 15.32
CA GLU A 44 3.57 5.27 16.23
C GLU A 44 2.22 5.55 15.51
N GLY A 45 1.09 5.29 16.19
CA GLY A 45 -0.25 5.52 15.63
C GLY A 45 -0.86 4.26 14.99
N ASP A 46 -1.15 4.30 13.68
CA ASP A 46 -1.76 3.16 12.95
C ASP A 46 -1.19 3.08 11.51
N ALA A 47 -0.27 2.12 11.29
CA ALA A 47 0.39 1.90 9.97
C ALA A 47 -0.49 1.04 9.03
N LYS A 48 -1.40 0.23 9.61
CA LYS A 48 -2.38 -0.58 8.84
C LYS A 48 -3.35 0.34 8.04
N ASN A 49 -3.75 1.45 8.69
CA ASN A 49 -4.52 2.54 8.07
C ASN A 49 -3.80 3.09 6.82
N MET A 50 -2.48 3.23 6.92
CA MET A 50 -1.63 3.75 5.84
C MET A 50 -1.51 2.77 4.66
N ILE A 51 -1.64 1.45 4.92
CA ILE A 51 -1.69 0.44 3.84
C ILE A 51 -2.98 0.64 3.00
N GLU A 52 -4.10 0.89 3.71
CA GLU A 52 -5.42 1.19 3.09
C GLU A 52 -5.40 2.52 2.31
N LYS A 53 -4.85 3.57 2.95
CA LYS A 53 -4.84 4.95 2.39
C LYS A 53 -3.87 5.10 1.20
N PHE A 54 -2.71 4.42 1.29
CA PHE A 54 -1.71 4.41 0.23
C PHE A 54 -2.19 3.56 -0.97
N ARG A 55 -2.95 2.47 -0.68
CA ARG A 55 -3.60 1.63 -1.71
C ARG A 55 -4.68 2.45 -2.46
N ASP A 56 -5.44 3.24 -1.69
CA ASP A 56 -6.55 4.08 -2.20
C ASP A 56 -6.03 5.23 -3.10
N GLU A 57 -4.92 5.85 -2.65
CA GLU A 57 -4.25 6.93 -3.39
C GLU A 57 -3.62 6.38 -4.70
N MET A 58 -2.86 5.27 -4.56
CA MET A 58 -2.30 4.51 -5.72
C MET A 58 -3.40 4.02 -6.68
N GLU A 59 -4.56 3.61 -6.14
CA GLU A 59 -5.71 3.13 -6.93
C GLU A 59 -6.20 4.24 -7.89
N GLN A 60 -6.37 5.44 -7.32
CA GLN A 60 -6.72 6.67 -8.07
C GLN A 60 -5.71 6.98 -9.20
N MET A 61 -4.41 7.06 -8.84
CA MET A 61 -3.32 7.41 -9.78
C MET A 61 -3.07 6.30 -10.85
N TYR A 62 -3.48 5.06 -10.51
CA TYR A 62 -3.48 3.91 -11.45
C TYR A 62 -4.62 4.08 -12.50
N LYS A 63 -5.79 4.57 -12.05
CA LYS A 63 -6.93 4.85 -12.96
C LYS A 63 -6.66 6.08 -13.86
N ASP A 64 -5.81 7.01 -13.38
CA ASP A 64 -5.35 8.17 -14.18
C ASP A 64 -4.34 7.72 -15.26
N ALA A 65 -3.25 7.04 -14.82
CA ALA A 65 -2.20 6.52 -15.72
C ALA A 65 -1.81 5.06 -15.33
N PRO A 66 -2.48 4.01 -15.95
CA PRO A 66 -2.13 2.58 -15.72
C PRO A 66 -0.87 2.14 -16.54
N ASN A 67 0.31 2.61 -16.09
CA ASN A 67 1.60 2.38 -16.81
C ASN A 67 2.29 1.05 -16.38
N ALA A 68 1.57 -0.08 -16.61
CA ALA A 68 2.09 -1.47 -16.44
C ALA A 68 2.57 -1.80 -14.99
N VAL A 69 3.79 -1.33 -14.63
CA VAL A 69 4.39 -1.54 -13.30
C VAL A 69 3.45 -1.05 -12.16
N MET A 70 2.67 0.01 -12.43
CA MET A 70 1.72 0.62 -11.47
C MET A 70 0.68 -0.41 -10.92
N GLU A 71 0.34 -1.42 -11.75
CA GLU A 71 -0.56 -2.53 -11.35
C GLU A 71 0.15 -3.54 -10.42
N GLN A 72 1.43 -3.84 -10.74
CA GLN A 72 2.30 -4.73 -9.94
C GLN A 72 2.49 -4.13 -8.51
N LEU A 73 2.66 -2.79 -8.48
CA LEU A 73 2.82 -2.01 -7.25
C LEU A 73 1.53 -2.01 -6.40
N LEU A 74 0.36 -1.95 -7.07
CA LEU A 74 -0.96 -2.03 -6.40
C LEU A 74 -1.15 -3.46 -5.80
N GLU A 75 -0.66 -4.49 -6.53
CA GLU A 75 -0.65 -5.90 -6.08
C GLU A 75 0.29 -6.10 -4.85
N GLU A 76 1.45 -5.40 -4.88
CA GLU A 76 2.43 -5.40 -3.77
C GLU A 76 1.78 -4.95 -2.43
N ILE A 77 0.93 -3.91 -2.53
CA ILE A 77 0.15 -3.40 -1.36
C ILE A 77 -1.00 -4.37 -0.99
N GLU A 78 -1.72 -4.86 -2.02
CA GLU A 78 -2.95 -5.66 -1.88
C GLU A 78 -2.74 -6.95 -1.04
N LYS A 79 -1.67 -7.70 -1.36
CA LYS A 79 -1.33 -8.96 -0.68
C LYS A 79 -0.99 -8.73 0.82
N LEU A 80 -0.35 -7.59 1.13
CA LEU A 80 0.01 -7.20 2.52
C LEU A 80 -1.20 -6.65 3.31
N LEU A 81 -2.11 -6.00 2.58
CA LEU A 81 -3.34 -5.43 3.17
C LEU A 81 -4.31 -6.56 3.57
N LYS A 82 -4.35 -7.61 2.74
CA LYS A 82 -5.08 -8.87 3.02
C LYS A 82 -4.41 -9.63 4.20
N LYS A 83 -3.05 -9.64 4.19
CA LYS A 83 -2.21 -10.29 5.23
C LYS A 83 -2.44 -9.65 6.62
N ALA A 84 -2.58 -8.31 6.64
CA ALA A 84 -2.87 -7.52 7.87
C ALA A 84 -4.34 -7.66 8.31
N GLY A 85 -5.26 -7.60 7.31
CA GLY A 85 -6.71 -7.72 7.56
C GLY A 85 -7.39 -6.38 7.91
N SER A 86 -8.12 -5.79 6.93
CA SER A 86 -8.94 -4.58 7.15
C SER A 86 -10.29 -4.94 7.82
N LEU A 87 -10.53 -4.38 9.03
CA LEU A 87 -11.77 -4.61 9.83
C LEU A 87 -11.93 -6.11 10.27
N VAL A 88 -10.85 -6.92 10.09
CA VAL A 88 -10.87 -8.39 10.22
C VAL A 88 -11.93 -9.02 9.26
N PRO A 89 -11.51 -9.54 8.05
CA PRO A 89 -12.46 -9.99 6.98
C PRO A 89 -13.47 -11.09 7.43
N ARG A 90 -12.99 -12.13 8.14
CA ARG A 90 -13.82 -13.27 8.59
C ARG A 90 -13.72 -13.50 10.12
N GLY A 91 -14.69 -14.24 10.69
CA GLY A 91 -14.63 -14.68 12.10
C GLY A 91 -15.35 -13.75 13.10
N SER A 92 -16.42 -13.06 12.66
CA SER A 92 -17.25 -12.20 13.54
C SER A 92 -18.74 -12.57 13.44
N TYR A 93 -19.37 -12.34 12.28
CA TYR A 93 -20.81 -12.55 12.07
C TYR A 93 -21.04 -13.72 11.08
N LEU A 94 -21.19 -14.94 11.63
CA LEU A 94 -21.43 -16.15 10.82
C LEU A 94 -22.95 -16.32 10.55
N GLU A 95 -23.34 -16.20 9.26
CA GLU A 95 -24.74 -16.40 8.82
C GLU A 95 -25.06 -17.92 8.80
N HIS A 96 -25.82 -18.37 9.82
CA HIS A 96 -26.14 -19.81 10.02
C HIS A 96 -27.59 -19.95 10.56
N HIS A 97 -28.55 -20.16 9.63
CA HIS A 97 -30.01 -20.19 9.95
C HIS A 97 -30.76 -21.16 8.98
N HIS A 98 -30.02 -22.13 8.43
CA HIS A 98 -30.53 -23.11 7.43
C HIS A 98 -30.43 -24.56 7.97
N HIS A 99 -31.49 -25.36 7.77
CA HIS A 99 -31.55 -26.77 8.22
C HIS A 99 -31.72 -27.74 7.02
N HIS A 100 -31.02 -28.88 7.09
CA HIS A 100 -31.26 -30.04 6.21
C HIS A 100 -32.40 -30.91 6.80
N HIS A 101 -32.54 -30.87 8.13
CA HIS A 101 -33.65 -31.49 8.89
C HIS A 101 -34.34 -30.41 9.78
N MET A 1 6.84 -5.40 20.69
CA MET A 1 6.32 -5.56 19.30
C MET A 1 6.91 -6.82 18.64
N GLN A 2 6.05 -7.65 18.03
CA GLN A 2 6.46 -8.89 17.33
C GLN A 2 7.39 -8.59 16.12
N GLU A 3 8.35 -9.50 15.89
CA GLU A 3 9.31 -9.43 14.76
C GLU A 3 8.57 -9.28 13.40
N GLU A 4 7.66 -10.23 13.08
CA GLU A 4 6.83 -10.20 11.85
C GLU A 4 6.00 -8.90 11.69
N ARG A 5 5.50 -8.36 12.83
CA ARG A 5 4.71 -7.11 12.86
C ARG A 5 5.57 -5.90 12.37
N LYS A 6 6.84 -5.88 12.81
CA LYS A 6 7.84 -4.87 12.39
C LYS A 6 8.30 -5.06 10.91
N LYS A 7 8.37 -6.32 10.44
CA LYS A 7 8.86 -6.65 9.08
C LYS A 7 7.83 -6.30 7.99
N LEU A 8 6.54 -6.36 8.34
CA LEU A 8 5.46 -5.82 7.48
C LEU A 8 5.57 -4.28 7.31
N LEU A 9 6.15 -3.58 8.30
CA LEU A 9 6.46 -2.13 8.17
C LEU A 9 7.60 -1.89 7.15
N GLU A 10 8.54 -2.88 7.04
CA GLU A 10 9.57 -2.88 5.99
C GLU A 10 8.97 -3.23 4.61
N LYS A 11 7.86 -4.01 4.62
CA LYS A 11 7.09 -4.34 3.39
C LYS A 11 6.45 -3.06 2.77
N LEU A 12 6.09 -2.07 3.65
CA LEU A 12 5.74 -0.69 3.20
C LEU A 12 6.93 -0.06 2.46
N GLU A 13 8.08 0.00 3.14
CA GLU A 13 9.32 0.64 2.61
C GLU A 13 9.81 -0.05 1.31
N LYS A 14 9.51 -1.35 1.17
CA LYS A 14 9.86 -2.16 -0.03
C LYS A 14 8.94 -1.78 -1.23
N ILE A 15 7.61 -1.90 -1.03
CA ILE A 15 6.60 -1.68 -2.10
C ILE A 15 6.53 -0.20 -2.54
N LEU A 16 6.40 0.70 -1.55
CA LEU A 16 6.27 2.17 -1.78
C LEU A 16 7.52 2.75 -2.50
N ASP A 17 8.69 2.11 -2.32
CA ASP A 17 9.95 2.45 -3.03
C ASP A 17 9.83 2.16 -4.55
N GLU A 18 9.20 1.02 -4.89
CA GLU A 18 8.93 0.63 -6.29
C GLU A 18 7.94 1.63 -6.95
N VAL A 19 6.98 2.13 -6.14
CA VAL A 19 5.92 3.05 -6.58
C VAL A 19 6.45 4.48 -6.88
N THR A 20 7.40 4.98 -6.04
CA THR A 20 7.98 6.35 -6.19
C THR A 20 8.72 6.49 -7.54
N ASP A 21 9.65 5.56 -7.81
CA ASP A 21 10.43 5.53 -9.05
C ASP A 21 9.56 5.02 -10.24
N GLY A 22 8.59 4.15 -9.96
CA GLY A 22 7.67 3.60 -10.99
C GLY A 22 6.39 4.44 -11.21
N ALA A 23 6.35 5.64 -10.61
CA ALA A 23 5.23 6.60 -10.76
C ALA A 23 5.08 7.12 -12.22
N PRO A 24 3.83 7.52 -12.65
CA PRO A 24 3.57 8.19 -13.97
C PRO A 24 4.57 9.33 -14.31
N ASP A 25 4.48 10.47 -13.57
CA ASP A 25 5.41 11.62 -13.71
C ASP A 25 5.14 12.64 -12.57
N GLU A 26 3.99 13.33 -12.68
CA GLU A 26 3.53 14.32 -11.67
C GLU A 26 2.65 13.63 -10.58
N ALA A 27 2.96 12.35 -10.30
CA ALA A 27 2.37 11.59 -9.19
C ALA A 27 3.45 11.23 -8.15
N ARG A 28 4.74 11.33 -8.54
CA ARG A 28 5.88 10.87 -7.72
C ARG A 28 6.00 11.65 -6.39
N GLU A 29 5.92 13.01 -6.44
CA GLU A 29 6.06 13.86 -5.23
C GLU A 29 4.96 13.56 -4.18
N ARG A 30 3.75 13.20 -4.67
CA ARG A 30 2.63 12.77 -3.80
C ARG A 30 2.99 11.48 -3.06
N ILE A 31 3.57 10.54 -3.81
CA ILE A 31 3.92 9.19 -3.31
C ILE A 31 5.12 9.25 -2.34
N GLU A 32 6.12 10.11 -2.62
CA GLU A 32 7.32 10.29 -1.78
C GLU A 32 6.95 10.91 -0.41
N LYS A 33 6.09 11.94 -0.45
CA LYS A 33 5.59 12.63 0.76
C LYS A 33 4.66 11.70 1.59
N LEU A 34 3.79 10.93 0.91
CA LEU A 34 2.85 10.00 1.55
C LEU A 34 3.60 8.79 2.17
N ALA A 35 4.62 8.28 1.46
CA ALA A 35 5.50 7.17 1.94
C ALA A 35 6.30 7.59 3.19
N LYS A 36 6.79 8.85 3.16
CA LYS A 36 7.45 9.49 4.32
C LYS A 36 6.48 9.60 5.52
N ASP A 37 5.21 9.94 5.23
CA ASP A 37 4.16 10.10 6.23
C ASP A 37 3.80 8.73 6.88
N VAL A 38 3.82 7.65 6.06
CA VAL A 38 3.68 6.26 6.54
C VAL A 38 4.83 5.92 7.53
N LYS A 39 6.06 6.39 7.21
CA LYS A 39 7.27 6.19 8.05
C LYS A 39 7.15 6.90 9.44
N ASP A 40 6.47 8.06 9.47
CA ASP A 40 6.12 8.73 10.74
C ASP A 40 5.11 7.89 11.55
N GLU A 41 4.14 7.30 10.84
CA GLU A 41 3.08 6.44 11.41
C GLU A 41 3.62 5.06 11.87
N LEU A 42 4.73 4.61 11.25
CA LEU A 42 5.48 3.41 11.73
C LEU A 42 5.97 3.63 13.19
N GLU A 43 6.35 4.89 13.50
CA GLU A 43 6.80 5.30 14.85
C GLU A 43 5.59 5.68 15.75
N GLU A 44 4.85 4.64 16.18
CA GLU A 44 3.76 4.74 17.19
C GLU A 44 2.60 5.70 16.75
N GLY A 45 2.39 5.82 15.44
CA GLY A 45 1.20 6.51 14.90
C GLY A 45 0.07 5.52 14.60
N ASP A 46 -0.24 5.31 13.31
CA ASP A 46 -1.15 4.24 12.85
C ASP A 46 -0.84 3.90 11.37
N ALA A 47 0.05 2.94 11.16
CA ALA A 47 0.53 2.57 9.81
C ALA A 47 -0.56 1.89 8.95
N LYS A 48 -1.48 1.11 9.58
CA LYS A 48 -2.45 0.27 8.85
C LYS A 48 -3.44 1.10 8.01
N ASN A 49 -4.00 2.18 8.61
CA ASN A 49 -4.87 3.14 7.88
C ASN A 49 -4.14 3.73 6.64
N MET A 50 -2.84 3.98 6.82
CA MET A 50 -1.96 4.52 5.76
C MET A 50 -1.73 3.50 4.61
N ILE A 51 -1.74 2.19 4.93
CA ILE A 51 -1.60 1.09 3.92
C ILE A 51 -2.90 0.99 3.07
N GLU A 52 -4.03 0.92 3.79
CA GLU A 52 -5.39 0.79 3.20
C GLU A 52 -5.69 1.98 2.27
N LYS A 53 -5.41 3.19 2.76
CA LYS A 53 -5.64 4.45 2.01
C LYS A 53 -4.56 4.70 0.93
N PHE A 54 -3.38 4.07 1.07
CA PHE A 54 -2.35 4.11 0.00
C PHE A 54 -2.86 3.32 -1.23
N ARG A 55 -3.57 2.21 -0.99
CA ARG A 55 -4.24 1.42 -2.06
C ARG A 55 -5.32 2.28 -2.79
N ASP A 56 -6.11 3.04 -2.00
CA ASP A 56 -7.12 4.01 -2.52
C ASP A 56 -6.47 5.04 -3.47
N GLU A 57 -5.38 5.69 -3.01
CA GLU A 57 -4.65 6.73 -3.78
C GLU A 57 -4.01 6.13 -5.06
N MET A 58 -3.40 4.95 -4.91
CA MET A 58 -2.77 4.20 -6.03
C MET A 58 -3.77 3.81 -7.12
N GLU A 59 -5.00 3.47 -6.72
CA GLU A 59 -6.08 3.12 -7.68
C GLU A 59 -6.46 4.36 -8.54
N GLN A 60 -6.50 5.54 -7.90
CA GLN A 60 -6.79 6.83 -8.56
C GLN A 60 -5.69 7.22 -9.57
N MET A 61 -4.41 7.16 -9.13
CA MET A 61 -3.24 7.55 -9.96
C MET A 61 -2.97 6.53 -11.10
N TYR A 62 -3.30 5.24 -10.85
CA TYR A 62 -3.22 4.16 -11.86
C TYR A 62 -4.28 4.33 -12.96
N LYS A 63 -5.55 4.51 -12.57
CA LYS A 63 -6.68 4.71 -13.53
C LYS A 63 -6.53 6.03 -14.33
N ASP A 64 -5.76 6.99 -13.78
CA ASP A 64 -5.41 8.23 -14.49
C ASP A 64 -4.29 7.96 -15.54
N ALA A 65 -3.23 7.25 -15.12
CA ALA A 65 -2.05 6.93 -15.98
C ALA A 65 -1.48 5.52 -15.68
N PRO A 66 -1.90 4.45 -16.46
CA PRO A 66 -1.35 3.08 -16.33
C PRO A 66 -0.04 2.91 -17.16
N ASN A 67 1.12 2.94 -16.47
CA ASN A 67 2.45 2.78 -17.14
C ASN A 67 3.03 1.34 -16.95
N ALA A 68 2.11 0.35 -16.77
CA ALA A 68 2.43 -1.10 -16.56
C ALA A 68 2.99 -1.40 -15.15
N VAL A 69 4.16 -0.81 -14.81
CA VAL A 69 4.81 -0.99 -13.47
C VAL A 69 3.90 -0.53 -12.30
N MET A 70 3.05 0.50 -12.54
CA MET A 70 2.04 1.00 -11.57
C MET A 70 1.10 -0.15 -11.10
N GLU A 71 0.57 -0.89 -12.10
CA GLU A 71 -0.36 -2.03 -11.91
C GLU A 71 0.26 -3.17 -11.07
N GLN A 72 1.56 -3.43 -11.32
CA GLN A 72 2.35 -4.47 -10.62
C GLN A 72 2.27 -4.29 -9.08
N LEU A 73 2.41 -3.04 -8.64
CA LEU A 73 2.35 -2.67 -7.21
C LEU A 73 0.91 -2.64 -6.63
N LEU A 74 -0.12 -2.36 -7.47
CA LEU A 74 -1.55 -2.44 -7.01
C LEU A 74 -1.84 -3.82 -6.35
N GLU A 75 -1.45 -4.91 -7.04
CA GLU A 75 -1.63 -6.29 -6.54
C GLU A 75 -0.74 -6.56 -5.28
N GLU A 76 0.43 -5.90 -5.20
CA GLU A 76 1.35 -6.06 -4.06
C GLU A 76 0.85 -5.37 -2.77
N ILE A 77 0.06 -4.28 -2.90
CA ILE A 77 -0.58 -3.63 -1.72
C ILE A 77 -1.69 -4.56 -1.17
N GLU A 78 -2.35 -5.29 -2.09
CA GLU A 78 -3.33 -6.35 -1.75
C GLU A 78 -2.66 -7.45 -0.87
N LYS A 79 -1.46 -7.89 -1.30
CA LYS A 79 -0.62 -8.88 -0.56
C LYS A 79 -0.29 -8.36 0.87
N LEU A 80 0.08 -7.05 0.92
CA LEU A 80 0.45 -6.34 2.16
C LEU A 80 -0.76 -6.30 3.14
N LEU A 81 -1.95 -5.96 2.62
CA LEU A 81 -3.20 -5.89 3.40
C LEU A 81 -3.55 -7.25 4.03
N LYS A 82 -3.49 -8.31 3.22
CA LYS A 82 -3.81 -9.71 3.65
C LYS A 82 -2.93 -10.18 4.85
N LYS A 83 -1.64 -9.80 4.84
CA LYS A 83 -0.72 -10.06 5.98
C LYS A 83 -1.00 -9.11 7.19
N ALA A 84 -0.98 -7.80 6.92
CA ALA A 84 -0.97 -6.74 7.96
C ALA A 84 -2.40 -6.20 8.27
N GLY A 85 -3.40 -7.10 8.26
CA GLY A 85 -4.77 -6.73 8.64
C GLY A 85 -5.83 -7.66 8.01
N SER A 86 -6.12 -7.42 6.72
CA SER A 86 -7.18 -8.14 5.95
C SER A 86 -8.59 -7.86 6.54
N LEU A 87 -9.61 -8.67 6.14
CA LEU A 87 -11.00 -8.55 6.65
C LEU A 87 -11.59 -7.13 6.34
N VAL A 88 -11.11 -6.53 5.23
CA VAL A 88 -11.48 -5.16 4.82
C VAL A 88 -13.00 -5.05 4.45
N PRO A 89 -13.77 -4.10 5.07
CA PRO A 89 -15.24 -3.99 4.86
C PRO A 89 -15.63 -3.52 3.42
N ARG A 90 -14.64 -2.96 2.70
CA ARG A 90 -14.77 -2.65 1.26
C ARG A 90 -13.57 -3.28 0.50
N GLY A 91 -13.86 -4.35 -0.26
CA GLY A 91 -12.82 -5.08 -1.00
C GLY A 91 -13.39 -6.02 -2.06
N SER A 92 -14.06 -5.45 -3.07
CA SER A 92 -14.64 -6.20 -4.22
C SER A 92 -14.24 -5.54 -5.56
N TYR A 93 -13.37 -6.22 -6.33
CA TYR A 93 -12.92 -5.73 -7.67
C TYR A 93 -12.22 -6.90 -8.43
N LEU A 94 -13.00 -7.63 -9.26
CA LEU A 94 -12.50 -8.83 -9.99
C LEU A 94 -12.41 -8.57 -11.51
N GLU A 95 -11.18 -8.29 -11.99
CA GLU A 95 -10.86 -8.20 -13.44
C GLU A 95 -9.62 -9.05 -13.76
N HIS A 96 -9.85 -10.25 -14.37
CA HIS A 96 -8.78 -11.20 -14.80
C HIS A 96 -7.89 -11.66 -13.61
N HIS A 97 -8.42 -11.55 -12.38
CA HIS A 97 -7.70 -11.82 -11.12
C HIS A 97 -8.14 -13.19 -10.52
N HIS A 98 -8.49 -14.15 -11.40
CA HIS A 98 -8.79 -15.55 -10.99
C HIS A 98 -7.53 -16.19 -10.31
N HIS A 99 -6.36 -15.90 -10.89
CA HIS A 99 -5.03 -16.24 -10.30
C HIS A 99 -3.89 -15.51 -11.05
N HIS A 100 -2.67 -15.51 -10.46
CA HIS A 100 -1.44 -14.98 -11.12
C HIS A 100 -0.34 -16.06 -11.13
N HIS A 101 0.39 -16.19 -12.25
CA HIS A 101 1.44 -17.23 -12.43
C HIS A 101 2.57 -16.71 -13.38
N MET A 1 11.11 -7.99 18.34
CA MET A 1 10.37 -8.62 17.20
C MET A 1 11.21 -9.75 16.55
N GLN A 2 10.53 -10.84 16.14
CA GLN A 2 11.18 -11.96 15.40
C GLN A 2 10.51 -12.17 14.01
N GLU A 3 11.32 -12.05 12.95
CA GLU A 3 10.97 -12.50 11.57
C GLU A 3 9.83 -11.68 10.89
N GLU A 4 8.56 -12.08 11.14
CA GLU A 4 7.41 -11.74 10.27
C GLU A 4 7.01 -10.24 10.26
N ARG A 5 6.54 -9.71 11.41
CA ARG A 5 5.84 -8.39 11.45
C ARG A 5 6.76 -7.21 11.06
N LYS A 6 8.08 -7.28 11.40
CA LYS A 6 9.06 -6.24 11.00
C LYS A 6 9.29 -6.24 9.48
N LYS A 7 9.27 -7.44 8.85
CA LYS A 7 9.35 -7.58 7.38
C LYS A 7 8.04 -7.19 6.67
N LEU A 8 6.89 -7.36 7.38
CA LEU A 8 5.55 -6.97 6.90
C LEU A 8 5.50 -5.43 6.71
N LEU A 9 5.90 -4.67 7.75
CA LEU A 9 5.97 -3.18 7.68
C LEU A 9 7.18 -2.70 6.83
N GLU A 10 8.26 -3.51 6.77
CA GLU A 10 9.43 -3.26 5.88
C GLU A 10 9.04 -3.41 4.40
N LYS A 11 8.02 -4.26 4.13
CA LYS A 11 7.48 -4.45 2.78
C LYS A 11 6.78 -3.16 2.28
N LEU A 12 6.20 -2.34 3.19
CA LEU A 12 5.76 -0.98 2.83
C LEU A 12 6.94 -0.15 2.27
N GLU A 13 8.07 -0.14 3.01
CA GLU A 13 9.31 0.55 2.56
C GLU A 13 9.87 0.00 1.22
N LYS A 14 9.66 -1.30 0.96
CA LYS A 14 10.08 -1.96 -0.29
C LYS A 14 9.19 -1.46 -1.48
N ILE A 15 7.86 -1.50 -1.29
CA ILE A 15 6.87 -1.08 -2.31
C ILE A 15 6.97 0.44 -2.58
N LEU A 16 6.80 1.25 -1.50
CA LEU A 16 6.81 2.75 -1.55
C LEU A 16 8.05 3.34 -2.25
N ASP A 17 9.21 2.68 -2.06
CA ASP A 17 10.48 3.05 -2.74
C ASP A 17 10.35 2.89 -4.28
N GLU A 18 9.76 1.76 -4.70
CA GLU A 18 9.53 1.43 -6.14
C GLU A 18 8.32 2.18 -6.72
N VAL A 19 7.40 2.65 -5.85
CA VAL A 19 6.27 3.51 -6.27
C VAL A 19 6.80 4.88 -6.76
N THR A 20 7.67 5.50 -5.94
CA THR A 20 8.32 6.79 -6.29
C THR A 20 9.39 6.61 -7.40
N ASP A 21 10.01 5.41 -7.44
CA ASP A 21 10.99 5.02 -8.50
C ASP A 21 10.30 4.93 -9.88
N GLY A 22 9.08 4.38 -9.90
CA GLY A 22 8.22 4.40 -11.10
C GLY A 22 7.34 5.65 -11.12
N ALA A 23 6.04 5.47 -10.76
CA ALA A 23 5.00 6.54 -10.74
C ALA A 23 4.74 7.24 -12.11
N PRO A 24 3.52 7.87 -12.29
CA PRO A 24 3.29 8.87 -13.38
C PRO A 24 4.07 10.19 -13.12
N ASP A 25 4.28 10.99 -14.18
CA ASP A 25 5.02 12.30 -14.08
C ASP A 25 4.33 13.28 -13.09
N GLU A 26 3.00 13.42 -13.22
CA GLU A 26 2.18 14.32 -12.39
C GLU A 26 1.99 13.76 -10.97
N ALA A 27 1.55 12.50 -10.90
CA ALA A 27 1.11 11.86 -9.64
C ALA A 27 2.26 11.54 -8.66
N ARG A 28 3.52 11.48 -9.17
CA ARG A 28 4.71 11.16 -8.33
C ARG A 28 4.91 12.16 -7.19
N GLU A 29 4.77 13.47 -7.49
CA GLU A 29 5.03 14.56 -6.52
C GLU A 29 4.12 14.43 -5.28
N ARG A 30 2.91 13.88 -5.46
CA ARG A 30 1.97 13.57 -4.37
C ARG A 30 2.50 12.43 -3.48
N ILE A 31 3.00 11.36 -4.14
CA ILE A 31 3.61 10.18 -3.47
C ILE A 31 4.84 10.56 -2.62
N GLU A 32 5.62 11.56 -3.09
CA GLU A 32 6.84 12.07 -2.39
C GLU A 32 6.52 12.48 -0.92
N LYS A 33 5.38 13.19 -0.72
CA LYS A 33 4.93 13.55 0.65
C LYS A 33 4.34 12.31 1.39
N LEU A 34 3.34 11.68 0.75
CA LEU A 34 2.49 10.65 1.39
C LEU A 34 3.28 9.42 1.90
N ALA A 35 4.27 8.98 1.11
CA ALA A 35 5.14 7.83 1.46
C ALA A 35 5.92 8.07 2.78
N LYS A 36 6.36 9.33 3.00
CA LYS A 36 7.05 9.77 4.23
C LYS A 36 6.10 9.71 5.46
N ASP A 37 4.83 10.13 5.24
CA ASP A 37 3.79 10.08 6.29
C ASP A 37 3.42 8.63 6.67
N VAL A 38 3.29 7.73 5.66
CA VAL A 38 2.98 6.30 5.89
C VAL A 38 4.10 5.60 6.70
N LYS A 39 5.37 5.80 6.27
CA LYS A 39 6.55 5.19 6.94
C LYS A 39 6.76 5.75 8.37
N ASP A 40 6.35 7.01 8.58
CA ASP A 40 6.35 7.66 9.92
C ASP A 40 5.33 6.96 10.84
N GLU A 41 4.09 6.76 10.33
CA GLU A 41 3.00 6.09 11.06
C GLU A 41 3.31 4.62 11.41
N LEU A 42 4.15 3.95 10.57
CA LEU A 42 4.60 2.55 10.83
C LEU A 42 5.30 2.40 12.22
N GLU A 43 6.05 3.44 12.62
CA GLU A 43 6.79 3.47 13.92
C GLU A 43 6.13 4.42 14.95
N GLU A 44 5.27 5.35 14.49
CA GLU A 44 4.59 6.33 15.39
C GLU A 44 3.35 5.68 16.03
N GLY A 45 2.32 5.39 15.21
CA GLY A 45 1.06 4.84 15.70
C GLY A 45 0.15 4.27 14.61
N ASP A 46 -0.78 5.10 14.11
CA ASP A 46 -1.89 4.63 13.26
C ASP A 46 -1.42 4.33 11.80
N ALA A 47 -0.94 3.09 11.58
CA ALA A 47 -0.30 2.66 10.31
C ALA A 47 -1.25 1.88 9.38
N LYS A 48 -2.10 1.00 9.95
CA LYS A 48 -2.98 0.07 9.19
C LYS A 48 -3.94 0.85 8.25
N ASN A 49 -4.50 1.97 8.75
CA ASN A 49 -5.34 2.89 7.95
C ASN A 49 -4.53 3.52 6.80
N MET A 50 -3.28 3.92 7.08
CA MET A 50 -2.36 4.53 6.10
C MET A 50 -1.99 3.57 4.95
N ILE A 51 -1.99 2.25 5.25
CA ILE A 51 -1.83 1.19 4.23
C ILE A 51 -3.07 1.15 3.28
N GLU A 52 -4.27 1.22 3.89
CA GLU A 52 -5.56 1.27 3.14
C GLU A 52 -5.67 2.56 2.27
N LYS A 53 -5.21 3.69 2.84
CA LYS A 53 -5.30 5.02 2.20
C LYS A 53 -4.25 5.19 1.11
N PHE A 54 -3.04 4.63 1.32
CA PHE A 54 -1.97 4.65 0.31
C PHE A 54 -2.33 3.72 -0.87
N ARG A 55 -2.97 2.57 -0.57
CA ARG A 55 -3.52 1.65 -1.60
C ARG A 55 -4.60 2.36 -2.46
N ASP A 56 -5.56 3.00 -1.80
CA ASP A 56 -6.68 3.72 -2.45
C ASP A 56 -6.16 4.90 -3.32
N GLU A 57 -5.18 5.65 -2.78
CA GLU A 57 -4.54 6.77 -3.48
C GLU A 57 -3.78 6.26 -4.72
N MET A 58 -2.98 5.18 -4.53
CA MET A 58 -2.28 4.49 -5.63
C MET A 58 -3.22 3.89 -6.68
N GLU A 59 -4.43 3.52 -6.26
CA GLU A 59 -5.45 2.95 -7.16
C GLU A 59 -6.01 4.03 -8.12
N GLN A 60 -6.07 5.28 -7.63
CA GLN A 60 -6.36 6.47 -8.47
C GLN A 60 -5.13 6.84 -9.35
N MET A 61 -3.95 6.93 -8.74
CA MET A 61 -2.68 7.31 -9.43
C MET A 61 -2.24 6.25 -10.47
N TYR A 62 -2.73 5.02 -10.30
CA TYR A 62 -2.62 3.93 -11.28
C TYR A 62 -3.38 4.27 -12.57
N LYS A 63 -4.56 4.89 -12.40
CA LYS A 63 -5.43 5.29 -13.53
C LYS A 63 -4.87 6.50 -14.30
N ASP A 64 -4.05 7.35 -13.63
CA ASP A 64 -3.32 8.46 -14.28
C ASP A 64 -2.35 7.95 -15.39
N ALA A 65 -1.60 6.88 -15.08
CA ALA A 65 -0.73 6.19 -16.04
C ALA A 65 -0.54 4.70 -15.65
N PRO A 66 -1.40 3.76 -16.20
CA PRO A 66 -1.25 2.30 -15.96
C PRO A 66 0.01 1.72 -16.67
N ASN A 67 1.17 1.86 -16.00
CA ASN A 67 2.49 1.51 -16.58
C ASN A 67 2.90 0.02 -16.37
N ALA A 68 1.88 -0.87 -16.26
CA ALA A 68 2.05 -2.34 -16.04
C ALA A 68 2.64 -2.68 -14.64
N VAL A 69 3.91 -2.30 -14.41
CA VAL A 69 4.59 -2.44 -13.10
C VAL A 69 3.91 -1.62 -11.97
N MET A 70 3.17 -0.56 -12.38
CA MET A 70 2.34 0.27 -11.45
C MET A 70 1.25 -0.60 -10.76
N GLU A 71 0.71 -1.59 -11.51
CA GLU A 71 -0.29 -2.57 -11.00
C GLU A 71 0.31 -3.50 -9.92
N GLN A 72 1.58 -3.92 -10.12
CA GLN A 72 2.30 -4.81 -9.19
C GLN A 72 2.42 -4.18 -7.78
N LEU A 73 2.67 -2.85 -7.78
CA LEU A 73 2.72 -2.04 -6.55
C LEU A 73 1.39 -2.11 -5.77
N LEU A 74 0.25 -1.87 -6.47
CA LEU A 74 -1.12 -2.03 -5.91
C LEU A 74 -1.32 -3.45 -5.30
N GLU A 75 -0.97 -4.48 -6.10
CA GLU A 75 -1.18 -5.90 -5.77
C GLU A 75 -0.45 -6.30 -4.47
N GLU A 76 0.81 -5.87 -4.33
CA GLU A 76 1.63 -6.18 -3.14
C GLU A 76 1.06 -5.52 -1.86
N ILE A 77 0.45 -4.31 -1.98
CA ILE A 77 -0.22 -3.64 -0.84
C ILE A 77 -1.57 -4.33 -0.49
N GLU A 78 -2.23 -4.92 -1.52
CA GLU A 78 -3.56 -5.55 -1.36
C GLU A 78 -3.43 -6.87 -0.58
N LYS A 79 -2.46 -7.71 -1.03
CA LYS A 79 -2.06 -8.97 -0.34
C LYS A 79 -1.56 -8.70 1.10
N LEU A 80 -0.76 -7.63 1.24
CA LEU A 80 -0.23 -7.16 2.55
C LEU A 80 -1.39 -6.74 3.48
N LEU A 81 -2.40 -6.05 2.90
CA LEU A 81 -3.53 -5.48 3.66
C LEU A 81 -4.42 -6.58 4.30
N LYS A 82 -4.50 -7.75 3.64
CA LYS A 82 -5.24 -8.92 4.17
C LYS A 82 -4.62 -9.39 5.52
N LYS A 83 -3.28 -9.45 5.55
CA LYS A 83 -2.50 -9.74 6.78
C LYS A 83 -2.47 -8.54 7.76
N ALA A 84 -2.53 -7.31 7.23
CA ALA A 84 -2.47 -6.06 8.01
C ALA A 84 -3.79 -5.84 8.80
N GLY A 85 -3.78 -6.24 10.08
CA GLY A 85 -4.93 -6.07 10.96
C GLY A 85 -4.57 -6.35 12.43
N SER A 86 -5.53 -6.90 13.19
CA SER A 86 -5.35 -7.20 14.63
C SER A 86 -6.31 -8.34 15.07
N LEU A 87 -5.90 -9.07 16.15
CA LEU A 87 -6.64 -10.24 16.71
C LEU A 87 -6.71 -11.44 15.69
N VAL A 88 -5.88 -11.38 14.64
CA VAL A 88 -5.86 -12.38 13.55
C VAL A 88 -4.87 -13.55 13.85
N PRO A 89 -5.27 -14.84 13.62
CA PRO A 89 -4.34 -16.00 13.72
C PRO A 89 -3.40 -16.11 12.49
N ARG A 90 -2.07 -16.14 12.76
CA ARG A 90 -1.03 -16.26 11.70
C ARG A 90 -0.90 -17.72 11.18
N GLY A 91 0.05 -17.96 10.27
CA GLY A 91 0.22 -19.27 9.61
C GLY A 91 -0.57 -19.40 8.30
N SER A 92 -1.26 -18.30 7.90
CA SER A 92 -2.03 -18.24 6.64
C SER A 92 -1.11 -17.79 5.48
N TYR A 93 -0.41 -18.78 4.87
CA TYR A 93 0.53 -18.53 3.76
C TYR A 93 -0.20 -18.51 2.39
N LEU A 94 -0.80 -19.65 2.02
CA LEU A 94 -1.42 -19.87 0.69
C LEU A 94 -2.87 -20.41 0.81
N GLU A 95 -3.38 -20.52 2.05
CA GLU A 95 -4.72 -21.07 2.32
C GLU A 95 -5.56 -20.06 3.14
N HIS A 96 -6.59 -19.50 2.48
CA HIS A 96 -7.65 -18.70 3.12
C HIS A 96 -8.98 -19.01 2.41
N HIS A 97 -9.83 -19.83 3.06
CA HIS A 97 -11.11 -20.29 2.49
C HIS A 97 -12.06 -19.08 2.24
N HIS A 98 -12.59 -19.02 0.98
CA HIS A 98 -13.46 -17.93 0.50
C HIS A 98 -14.73 -17.75 1.39
N HIS A 99 -14.65 -16.77 2.32
CA HIS A 99 -15.75 -16.43 3.27
C HIS A 99 -15.88 -14.90 3.44
N HIS A 100 -16.97 -14.48 4.11
CA HIS A 100 -17.20 -13.07 4.51
C HIS A 100 -17.36 -12.94 6.05
N HIS A 101 -17.26 -11.70 6.55
CA HIS A 101 -17.50 -11.35 7.97
C HIS A 101 -18.28 -9.98 8.05
N MET A 1 9.13 -5.61 19.67
CA MET A 1 8.62 -6.23 18.42
C MET A 1 9.14 -7.68 18.30
N GLN A 2 8.22 -8.63 18.07
CA GLN A 2 8.51 -10.08 18.16
C GLN A 2 7.75 -10.88 17.06
N GLU A 3 6.43 -10.66 16.94
CA GLU A 3 5.56 -11.44 16.03
C GLU A 3 5.48 -10.82 14.60
N GLU A 4 6.60 -10.95 13.85
CA GLU A 4 6.69 -10.72 12.37
C GLU A 4 6.26 -9.29 11.89
N ARG A 5 6.07 -8.34 12.84
CA ARG A 5 5.63 -6.95 12.54
C ARG A 5 6.60 -6.22 11.58
N LYS A 6 7.89 -6.59 11.64
CA LYS A 6 8.93 -6.13 10.71
C LYS A 6 8.55 -6.40 9.24
N LYS A 7 8.19 -7.65 8.90
CA LYS A 7 7.88 -8.06 7.49
C LYS A 7 6.75 -7.21 6.86
N LEU A 8 5.82 -6.71 7.70
CA LEU A 8 4.79 -5.75 7.25
C LEU A 8 5.42 -4.43 6.76
N LEU A 9 6.22 -3.77 7.61
CA LEU A 9 6.80 -2.43 7.31
C LEU A 9 7.97 -2.51 6.31
N GLU A 10 8.91 -3.47 6.49
CA GLU A 10 10.09 -3.65 5.60
C GLU A 10 9.67 -3.82 4.13
N LYS A 11 8.71 -4.74 3.89
CA LYS A 11 8.21 -5.02 2.54
C LYS A 11 7.34 -3.86 2.01
N LEU A 12 6.53 -3.23 2.88
CA LEU A 12 5.66 -2.11 2.47
C LEU A 12 6.49 -0.89 1.98
N GLU A 13 7.47 -0.48 2.79
CA GLU A 13 8.40 0.64 2.46
C GLU A 13 9.28 0.30 1.22
N LYS A 14 9.58 -1.01 1.02
CA LYS A 14 10.23 -1.52 -0.21
C LYS A 14 9.34 -1.28 -1.46
N ILE A 15 8.02 -1.56 -1.31
CA ILE A 15 6.99 -1.25 -2.34
C ILE A 15 6.96 0.27 -2.63
N LEU A 16 6.89 1.09 -1.55
CA LEU A 16 6.89 2.58 -1.62
C LEU A 16 8.09 3.13 -2.43
N ASP A 17 9.27 2.50 -2.24
CA ASP A 17 10.49 2.81 -3.03
C ASP A 17 10.33 2.40 -4.52
N GLU A 18 9.69 1.25 -4.74
CA GLU A 18 9.37 0.73 -6.09
C GLU A 18 8.20 1.51 -6.77
N VAL A 19 7.38 2.22 -5.96
CA VAL A 19 6.29 3.10 -6.49
C VAL A 19 6.90 4.42 -7.03
N THR A 20 7.90 4.98 -6.29
CA THR A 20 8.68 6.17 -6.77
C THR A 20 9.56 5.80 -7.99
N ASP A 21 10.09 4.56 -7.96
CA ASP A 21 10.88 3.97 -9.08
C ASP A 21 9.99 3.73 -10.33
N GLY A 22 8.77 3.19 -10.10
CA GLY A 22 7.78 2.93 -11.15
C GLY A 22 6.76 4.06 -11.32
N ALA A 23 7.13 5.27 -10.85
CA ALA A 23 6.29 6.48 -10.97
C ALA A 23 6.30 7.06 -12.40
N PRO A 24 5.12 7.47 -12.96
CA PRO A 24 5.07 8.22 -14.25
C PRO A 24 5.36 9.75 -14.09
N ASP A 25 6.55 10.04 -13.49
CA ASP A 25 7.08 11.42 -13.28
C ASP A 25 6.18 12.33 -12.39
N GLU A 26 5.11 12.88 -12.97
CA GLU A 26 4.25 13.90 -12.31
C GLU A 26 3.54 13.36 -11.04
N ALA A 27 3.19 12.06 -11.05
CA ALA A 27 2.49 11.39 -9.92
C ALA A 27 3.42 11.10 -8.72
N ARG A 28 4.75 11.23 -8.92
CA ARG A 28 5.76 10.91 -7.89
C ARG A 28 5.68 11.84 -6.66
N GLU A 29 5.25 13.09 -6.87
CA GLU A 29 5.12 14.09 -5.79
C GLU A 29 4.06 13.67 -4.72
N ARG A 30 2.97 12.99 -5.17
CA ARG A 30 1.99 12.33 -4.25
C ARG A 30 2.67 11.24 -3.41
N ILE A 31 3.52 10.45 -4.07
CA ILE A 31 4.19 9.29 -3.45
C ILE A 31 5.21 9.73 -2.37
N GLU A 32 5.98 10.80 -2.65
CA GLU A 32 7.01 11.34 -1.72
C GLU A 32 6.39 11.78 -0.37
N LYS A 33 5.32 12.59 -0.44
CA LYS A 33 4.62 13.10 0.75
C LYS A 33 3.90 11.96 1.52
N LEU A 34 3.10 11.17 0.80
CA LEU A 34 2.26 10.10 1.40
C LEU A 34 3.10 8.97 2.04
N ALA A 35 4.25 8.64 1.42
CA ALA A 35 5.21 7.67 1.99
C ALA A 35 5.84 8.18 3.31
N LYS A 36 6.02 9.51 3.41
CA LYS A 36 6.50 10.19 4.63
C LYS A 36 5.39 10.20 5.73
N ASP A 37 4.11 10.30 5.31
CA ASP A 37 2.94 10.12 6.20
C ASP A 37 2.91 8.69 6.80
N VAL A 38 3.17 7.68 5.94
CA VAL A 38 3.21 6.25 6.38
C VAL A 38 4.30 6.02 7.46
N LYS A 39 5.49 6.63 7.27
CA LYS A 39 6.66 6.52 8.19
C LYS A 39 6.31 6.82 9.67
N ASP A 40 5.71 8.00 9.93
CA ASP A 40 5.34 8.44 11.30
C ASP A 40 4.18 7.59 11.89
N GLU A 41 3.28 7.12 11.02
CA GLU A 41 2.15 6.25 11.41
C GLU A 41 2.62 4.81 11.80
N LEU A 42 3.74 4.37 11.21
CA LEU A 42 4.44 3.12 11.62
C LEU A 42 5.05 3.27 13.04
N GLU A 43 5.49 4.49 13.38
CA GLU A 43 6.15 4.81 14.66
C GLU A 43 5.14 4.98 15.83
N GLU A 44 4.09 5.81 15.63
CA GLU A 44 3.16 6.21 16.73
C GLU A 44 1.70 6.43 16.28
N GLY A 45 1.43 6.38 14.97
CA GLY A 45 0.05 6.53 14.45
C GLY A 45 -0.68 5.18 14.22
N ASP A 46 -1.55 5.11 13.20
CA ASP A 46 -2.25 3.87 12.81
C ASP A 46 -1.83 3.42 11.39
N ALA A 47 -0.93 2.42 11.32
CA ALA A 47 -0.33 1.93 10.06
C ALA A 47 -1.33 1.12 9.19
N LYS A 48 -2.29 0.43 9.85
CA LYS A 48 -3.32 -0.41 9.18
C LYS A 48 -4.12 0.43 8.14
N ASN A 49 -4.62 1.59 8.61
CA ASN A 49 -5.36 2.54 7.76
C ASN A 49 -4.45 3.12 6.64
N MET A 50 -3.16 3.28 6.93
CA MET A 50 -2.19 3.87 5.98
C MET A 50 -1.87 2.96 4.78
N ILE A 51 -2.00 1.64 4.95
CA ILE A 51 -1.81 0.69 3.85
C ILE A 51 -2.99 0.78 2.84
N GLU A 52 -4.24 0.88 3.36
CA GLU A 52 -5.46 1.09 2.53
C GLU A 52 -5.54 2.53 1.97
N LYS A 53 -4.97 3.51 2.72
CA LYS A 53 -4.89 4.94 2.29
C LYS A 53 -3.85 5.12 1.17
N PHE A 54 -2.70 4.44 1.32
CA PHE A 54 -1.64 4.45 0.29
C PHE A 54 -2.17 3.74 -0.96
N ARG A 55 -2.81 2.56 -0.79
CA ARG A 55 -3.46 1.81 -1.88
C ARG A 55 -4.53 2.65 -2.61
N ASP A 56 -5.27 3.49 -1.84
CA ASP A 56 -6.37 4.32 -2.40
C ASP A 56 -5.83 5.42 -3.35
N GLU A 57 -4.84 6.21 -2.88
CA GLU A 57 -4.17 7.26 -3.69
C GLU A 57 -3.42 6.63 -4.89
N MET A 58 -2.67 5.56 -4.59
CA MET A 58 -1.90 4.77 -5.57
C MET A 58 -2.80 4.24 -6.72
N GLU A 59 -3.97 3.71 -6.36
CA GLU A 59 -4.94 3.14 -7.31
C GLU A 59 -5.66 4.26 -8.08
N GLN A 60 -5.86 5.42 -7.44
CA GLN A 60 -6.49 6.60 -8.07
C GLN A 60 -5.62 7.13 -9.24
N MET A 61 -4.32 7.33 -8.98
CA MET A 61 -3.37 7.84 -10.00
C MET A 61 -2.98 6.74 -11.03
N TYR A 62 -3.17 5.45 -10.66
CA TYR A 62 -3.09 4.32 -11.62
C TYR A 62 -4.33 4.30 -12.56
N LYS A 63 -5.52 4.58 -12.02
CA LYS A 63 -6.76 4.68 -12.82
C LYS A 63 -6.72 5.94 -13.73
N ASP A 64 -5.91 6.93 -13.33
CA ASP A 64 -5.62 8.13 -14.15
C ASP A 64 -4.46 7.87 -15.15
N ALA A 65 -3.49 7.03 -14.74
CA ALA A 65 -2.30 6.70 -15.56
C ALA A 65 -2.03 5.15 -15.53
N PRO A 66 -2.77 4.34 -16.38
CA PRO A 66 -2.63 2.86 -16.42
C PRO A 66 -1.26 2.40 -17.01
N ASN A 67 -0.36 1.95 -16.13
CA ASN A 67 0.96 1.36 -16.52
C ASN A 67 1.07 -0.08 -15.96
N ALA A 68 1.61 -1.02 -16.77
CA ALA A 68 1.77 -2.44 -16.40
C ALA A 68 2.63 -2.63 -15.12
N VAL A 69 3.78 -1.93 -15.09
CA VAL A 69 4.68 -1.90 -13.92
C VAL A 69 3.96 -1.32 -12.68
N MET A 70 3.20 -0.23 -12.89
CA MET A 70 2.51 0.49 -11.80
C MET A 70 1.38 -0.37 -11.15
N GLU A 71 0.81 -1.32 -11.93
CA GLU A 71 -0.22 -2.27 -11.41
C GLU A 71 0.42 -3.34 -10.49
N GLN A 72 1.70 -3.69 -10.75
CA GLN A 72 2.48 -4.64 -9.90
C GLN A 72 2.56 -4.13 -8.44
N LEU A 73 2.68 -2.79 -8.30
CA LEU A 73 2.70 -2.12 -6.98
C LEU A 73 1.35 -2.24 -6.25
N LEU A 74 0.23 -2.00 -6.96
CA LEU A 74 -1.15 -2.24 -6.42
C LEU A 74 -1.28 -3.67 -5.86
N GLU A 75 -0.86 -4.64 -6.69
CA GLU A 75 -0.92 -6.10 -6.39
C GLU A 75 -0.17 -6.45 -5.08
N GLU A 76 0.96 -5.75 -4.84
CA GLU A 76 1.78 -5.91 -3.63
C GLU A 76 1.08 -5.34 -2.36
N ILE A 77 0.60 -4.07 -2.44
CA ILE A 77 -0.01 -3.35 -1.28
C ILE A 77 -1.30 -4.06 -0.78
N GLU A 78 -2.01 -4.69 -1.73
CA GLU A 78 -3.21 -5.53 -1.48
C GLU A 78 -2.93 -6.62 -0.41
N LYS A 79 -1.81 -7.32 -0.61
CA LYS A 79 -1.40 -8.46 0.22
C LYS A 79 -0.88 -8.00 1.60
N LEU A 80 -0.10 -6.90 1.63
CA LEU A 80 0.38 -6.28 2.91
C LEU A 80 -0.81 -5.77 3.77
N LEU A 81 -1.88 -5.34 3.09
CA LEU A 81 -3.16 -4.94 3.75
C LEU A 81 -3.86 -6.17 4.39
N LYS A 82 -3.77 -7.33 3.71
CA LYS A 82 -4.36 -8.61 4.20
C LYS A 82 -3.54 -9.20 5.38
N LYS A 83 -2.19 -9.06 5.33
CA LYS A 83 -1.29 -9.52 6.41
C LYS A 83 -1.40 -8.62 7.69
N ALA A 84 -1.61 -7.30 7.51
CA ALA A 84 -1.72 -6.33 8.65
C ALA A 84 -3.19 -6.03 8.99
N GLY A 85 -3.63 -6.43 10.20
CA GLY A 85 -5.01 -6.24 10.64
C GLY A 85 -6.01 -7.10 9.85
N SER A 86 -6.73 -6.46 8.91
CA SER A 86 -7.65 -7.11 7.94
C SER A 86 -8.70 -8.03 8.64
N LEU A 87 -8.82 -9.32 8.20
CA LEU A 87 -9.85 -10.28 8.68
C LEU A 87 -11.31 -9.80 8.42
N VAL A 88 -11.44 -8.84 7.47
CA VAL A 88 -12.73 -8.32 6.99
C VAL A 88 -12.97 -8.83 5.54
N PRO A 89 -13.80 -9.90 5.33
CA PRO A 89 -14.09 -10.45 3.97
C PRO A 89 -14.93 -9.46 3.10
N ARG A 90 -14.22 -8.60 2.34
CA ARG A 90 -14.84 -7.65 1.42
C ARG A 90 -15.08 -8.29 0.03
N GLY A 91 -16.34 -8.67 -0.23
CA GLY A 91 -16.74 -9.27 -1.52
C GLY A 91 -18.00 -8.62 -2.09
N SER A 92 -18.80 -9.43 -2.82
CA SER A 92 -20.10 -9.01 -3.45
C SER A 92 -19.93 -8.03 -4.65
N TYR A 93 -18.68 -7.57 -4.91
CA TYR A 93 -18.36 -6.72 -6.08
C TYR A 93 -18.00 -7.61 -7.29
N LEU A 94 -18.50 -7.23 -8.49
CA LEU A 94 -18.18 -7.90 -9.76
C LEU A 94 -17.63 -6.87 -10.78
N GLU A 95 -16.40 -7.13 -11.26
CA GLU A 95 -15.80 -6.35 -12.37
C GLU A 95 -16.40 -6.87 -13.70
N HIS A 96 -17.53 -6.28 -14.11
CA HIS A 96 -18.32 -6.76 -15.25
C HIS A 96 -17.65 -6.36 -16.60
N HIS A 97 -16.99 -7.34 -17.23
CA HIS A 97 -16.10 -7.14 -18.40
C HIS A 97 -16.81 -7.60 -19.72
N HIS A 98 -18.14 -7.39 -19.79
CA HIS A 98 -18.98 -7.84 -20.94
C HIS A 98 -19.33 -6.64 -21.86
N HIS A 99 -18.45 -6.35 -22.85
CA HIS A 99 -18.65 -5.26 -23.85
C HIS A 99 -18.30 -5.75 -25.27
N HIS A 100 -19.29 -5.71 -26.20
CA HIS A 100 -19.07 -6.07 -27.62
C HIS A 100 -20.01 -5.27 -28.56
N HIS A 101 -19.40 -4.55 -29.52
CA HIS A 101 -20.11 -3.94 -30.68
C HIS A 101 -19.16 -3.97 -31.93
N MET A 1 7.71 -6.85 19.61
CA MET A 1 7.34 -7.16 18.19
C MET A 1 8.31 -8.20 17.60
N GLN A 2 7.77 -9.37 17.21
CA GLN A 2 8.57 -10.42 16.54
C GLN A 2 8.65 -10.18 15.01
N GLU A 3 9.56 -10.90 14.34
CA GLU A 3 9.96 -10.63 12.94
C GLU A 3 8.82 -10.93 11.91
N GLU A 4 7.78 -11.68 12.32
CA GLU A 4 6.61 -11.99 11.45
C GLU A 4 5.87 -10.69 11.02
N ARG A 5 5.49 -9.85 12.01
CA ARG A 5 4.88 -8.53 11.74
C ARG A 5 5.94 -7.54 11.21
N LYS A 6 7.17 -7.62 11.73
CA LYS A 6 8.24 -6.64 11.43
C LYS A 6 8.66 -6.66 9.93
N LYS A 7 8.66 -7.85 9.30
CA LYS A 7 8.92 -7.99 7.83
C LYS A 7 7.69 -7.53 6.99
N LEU A 8 6.48 -7.67 7.55
CA LEU A 8 5.25 -7.12 6.93
C LEU A 8 5.31 -5.56 6.90
N LEU A 9 5.89 -4.97 7.98
CA LEU A 9 6.16 -3.52 8.08
C LEU A 9 7.35 -3.10 7.18
N GLU A 10 8.31 -4.03 7.01
CA GLU A 10 9.48 -3.83 6.12
C GLU A 10 9.04 -3.66 4.64
N LYS A 11 7.94 -4.37 4.27
CA LYS A 11 7.36 -4.31 2.92
C LYS A 11 6.88 -2.87 2.56
N LEU A 12 6.47 -2.07 3.58
CA LEU A 12 6.12 -0.64 3.38
C LEU A 12 7.29 0.14 2.74
N GLU A 13 8.52 -0.07 3.22
CA GLU A 13 9.72 0.58 2.65
C GLU A 13 9.91 0.22 1.17
N LYS A 14 9.81 -1.08 0.84
CA LYS A 14 10.07 -1.57 -0.54
C LYS A 14 9.03 -1.04 -1.55
N ILE A 15 7.72 -1.10 -1.18
CA ILE A 15 6.63 -0.58 -2.04
C ILE A 15 6.79 0.93 -2.24
N LEU A 16 6.80 1.67 -1.10
CA LEU A 16 6.76 3.16 -1.10
C LEU A 16 8.02 3.80 -1.75
N ASP A 17 9.15 3.07 -1.71
CA ASP A 17 10.41 3.51 -2.34
C ASP A 17 10.39 3.28 -3.88
N GLU A 18 10.01 2.06 -4.31
CA GLU A 18 10.02 1.67 -5.75
C GLU A 18 8.79 2.18 -6.54
N VAL A 19 7.69 2.48 -5.84
CA VAL A 19 6.43 2.92 -6.48
C VAL A 19 6.53 4.39 -6.96
N THR A 20 7.46 5.17 -6.35
CA THR A 20 7.82 6.52 -6.84
C THR A 20 8.35 6.44 -8.30
N ASP A 21 9.17 5.39 -8.57
CA ASP A 21 9.66 5.06 -9.93
C ASP A 21 8.49 4.75 -10.89
N GLY A 22 7.58 3.85 -10.44
CA GLY A 22 6.38 3.46 -11.20
C GLY A 22 5.35 4.59 -11.36
N ALA A 23 5.46 5.63 -10.51
CA ALA A 23 4.59 6.83 -10.55
C ALA A 23 5.19 7.92 -11.48
N PRO A 24 4.47 8.33 -12.58
CA PRO A 24 5.00 9.31 -13.57
C PRO A 24 5.11 10.77 -13.02
N ASP A 25 6.33 11.14 -12.53
CA ASP A 25 6.78 12.52 -12.22
C ASP A 25 5.87 13.27 -11.19
N GLU A 26 4.74 13.81 -11.66
CA GLU A 26 3.76 14.52 -10.81
C GLU A 26 3.09 13.57 -9.79
N ALA A 27 2.99 12.28 -10.15
CA ALA A 27 2.54 11.21 -9.25
C ALA A 27 3.69 10.70 -8.35
N ARG A 28 4.95 10.83 -8.82
CA ARG A 28 6.17 10.46 -8.04
C ARG A 28 6.26 11.29 -6.75
N GLU A 29 6.28 12.62 -6.92
CA GLU A 29 6.37 13.59 -5.81
C GLU A 29 5.15 13.50 -4.85
N ARG A 30 3.98 13.13 -5.40
CA ARG A 30 2.76 12.83 -4.61
C ARG A 30 3.03 11.68 -3.60
N ILE A 31 3.58 10.57 -4.13
CA ILE A 31 3.94 9.40 -3.30
C ILE A 31 5.06 9.72 -2.29
N GLU A 32 6.12 10.43 -2.73
CA GLU A 32 7.29 10.78 -1.86
C GLU A 32 6.86 11.53 -0.57
N LYS A 33 5.86 12.41 -0.73
CA LYS A 33 5.32 13.20 0.40
C LYS A 33 4.44 12.33 1.33
N LEU A 34 3.45 11.62 0.74
CA LEU A 34 2.50 10.76 1.49
C LEU A 34 3.22 9.59 2.23
N ALA A 35 4.24 9.02 1.56
CA ALA A 35 5.04 7.88 2.08
C ALA A 35 5.79 8.26 3.38
N LYS A 36 6.28 9.51 3.40
CA LYS A 36 6.96 10.08 4.59
C LYS A 36 6.02 10.11 5.82
N ASP A 37 4.76 10.56 5.59
CA ASP A 37 3.68 10.53 6.60
C ASP A 37 3.40 9.09 7.11
N VAL A 38 3.39 8.10 6.18
CA VAL A 38 3.19 6.66 6.52
C VAL A 38 4.32 6.16 7.45
N LYS A 39 5.56 6.62 7.19
CA LYS A 39 6.75 6.26 8.02
C LYS A 39 6.63 6.80 9.47
N ASP A 40 6.09 8.02 9.63
CA ASP A 40 5.85 8.62 10.96
C ASP A 40 4.81 7.79 11.76
N GLU A 41 3.78 7.27 11.05
CA GLU A 41 2.75 6.40 11.66
C GLU A 41 3.27 4.96 11.93
N LEU A 42 4.25 4.52 11.11
CA LEU A 42 5.01 3.26 11.37
C LEU A 42 5.87 3.39 12.65
N GLU A 43 6.33 4.62 12.95
CA GLU A 43 7.06 4.93 14.20
C GLU A 43 6.09 4.98 15.41
N GLU A 44 4.99 5.75 15.26
CA GLU A 44 3.95 5.90 16.29
C GLU A 44 2.70 6.62 15.70
N GLY A 45 1.49 6.12 16.03
CA GLY A 45 0.23 6.66 15.49
C GLY A 45 -0.73 5.54 15.05
N ASP A 46 -1.05 5.49 13.74
CA ASP A 46 -1.77 4.35 13.14
C ASP A 46 -1.37 4.20 11.66
N ALA A 47 -0.48 3.24 11.39
CA ALA A 47 -0.01 2.95 10.03
C ALA A 47 -1.14 2.33 9.17
N LYS A 48 -1.98 1.48 9.77
CA LYS A 48 -3.02 0.68 9.05
C LYS A 48 -3.93 1.55 8.17
N ASN A 49 -4.46 2.66 8.76
CA ASN A 49 -5.22 3.70 8.03
C ASN A 49 -4.44 4.21 6.79
N MET A 50 -3.17 4.54 7.01
CA MET A 50 -2.26 5.13 6.00
C MET A 50 -1.91 4.14 4.86
N ILE A 51 -1.86 2.83 5.18
CA ILE A 51 -1.50 1.78 4.20
C ILE A 51 -2.71 1.49 3.26
N GLU A 52 -3.91 1.41 3.87
CA GLU A 52 -5.18 1.25 3.12
C GLU A 52 -5.50 2.53 2.30
N LYS A 53 -5.14 3.69 2.86
CA LYS A 53 -5.30 5.00 2.18
C LYS A 53 -4.28 5.15 1.05
N PHE A 54 -3.07 4.61 1.25
CA PHE A 54 -2.01 4.59 0.22
C PHE A 54 -2.48 3.81 -1.01
N ARG A 55 -3.20 2.71 -0.76
CA ARG A 55 -3.84 1.89 -1.82
C ARG A 55 -4.88 2.72 -2.60
N ASP A 56 -5.69 3.49 -1.85
CA ASP A 56 -6.77 4.34 -2.40
C ASP A 56 -6.22 5.44 -3.35
N GLU A 57 -5.21 6.19 -2.86
CA GLU A 57 -4.54 7.27 -3.63
C GLU A 57 -3.86 6.70 -4.90
N MET A 58 -3.15 5.58 -4.74
CA MET A 58 -2.53 4.83 -5.85
C MET A 58 -3.54 4.34 -6.90
N GLU A 59 -4.67 3.78 -6.44
CA GLU A 59 -5.70 3.16 -7.31
C GLU A 59 -6.35 4.21 -8.25
N GLN A 60 -6.43 5.47 -7.76
CA GLN A 60 -6.96 6.60 -8.54
C GLN A 60 -6.05 6.96 -9.74
N MET A 61 -4.75 7.23 -9.45
CA MET A 61 -3.78 7.68 -10.48
C MET A 61 -3.34 6.53 -11.42
N TYR A 62 -3.46 5.28 -10.94
CA TYR A 62 -3.28 4.07 -11.78
C TYR A 62 -4.47 3.90 -12.75
N LYS A 63 -5.68 4.18 -12.27
CA LYS A 63 -6.91 4.16 -13.12
C LYS A 63 -6.85 5.29 -14.19
N ASP A 64 -6.25 6.43 -13.78
CA ASP A 64 -6.03 7.59 -14.68
C ASP A 64 -4.97 7.27 -15.76
N ALA A 65 -3.90 6.55 -15.38
CA ALA A 65 -2.79 6.17 -16.28
C ALA A 65 -2.21 4.78 -15.91
N PRO A 66 -2.79 3.65 -16.46
CA PRO A 66 -2.24 2.28 -16.24
C PRO A 66 -0.99 2.05 -17.10
N ASN A 67 0.20 2.30 -16.52
CA ASN A 67 1.49 2.15 -17.20
C ASN A 67 1.85 0.64 -17.43
N ALA A 68 2.46 -0.02 -16.42
CA ALA A 68 2.80 -1.47 -16.48
C ALA A 68 3.24 -2.00 -15.09
N VAL A 69 4.44 -1.57 -14.62
CA VAL A 69 5.01 -1.99 -13.31
C VAL A 69 4.09 -1.56 -12.12
N MET A 70 3.34 -0.46 -12.34
CA MET A 70 2.40 0.11 -11.34
C MET A 70 1.26 -0.89 -10.99
N GLU A 71 0.96 -1.82 -11.93
CA GLU A 71 0.00 -2.94 -11.70
C GLU A 71 0.49 -3.87 -10.56
N GLN A 72 1.73 -4.36 -10.67
CA GLN A 72 2.36 -5.23 -9.64
C GLN A 72 2.57 -4.47 -8.31
N LEU A 73 2.79 -3.16 -8.40
CA LEU A 73 2.84 -2.26 -7.23
C LEU A 73 1.46 -2.16 -6.52
N LEU A 74 0.33 -2.24 -7.30
CA LEU A 74 -1.04 -2.37 -6.72
C LEU A 74 -1.22 -3.75 -6.02
N GLU A 75 -0.79 -4.83 -6.70
CA GLU A 75 -0.86 -6.21 -6.16
C GLU A 75 -0.06 -6.34 -4.84
N GLU A 76 1.11 -5.67 -4.82
CA GLU A 76 2.06 -5.71 -3.69
C GLU A 76 1.44 -5.10 -2.41
N ILE A 77 0.60 -4.06 -2.61
CA ILE A 77 -0.21 -3.46 -1.54
C ILE A 77 -1.33 -4.42 -1.08
N GLU A 78 -2.04 -5.04 -2.03
CA GLU A 78 -3.19 -5.94 -1.74
C GLU A 78 -2.78 -7.15 -0.85
N LYS A 79 -1.65 -7.79 -1.21
CA LYS A 79 -1.09 -8.95 -0.47
C LYS A 79 -0.53 -8.55 0.91
N LEU A 80 -0.06 -7.28 1.02
CA LEU A 80 0.31 -6.67 2.34
C LEU A 80 -0.94 -6.57 3.24
N LEU A 81 -2.02 -5.95 2.71
CA LEU A 81 -3.31 -5.74 3.42
C LEU A 81 -3.97 -7.07 3.81
N LYS A 82 -3.72 -8.11 3.00
CA LYS A 82 -4.24 -9.47 3.23
C LYS A 82 -3.67 -10.05 4.56
N LYS A 83 -2.34 -9.93 4.73
CA LYS A 83 -1.62 -10.28 5.98
C LYS A 83 -1.85 -9.24 7.13
N ALA A 84 -2.07 -7.96 6.76
CA ALA A 84 -2.16 -6.84 7.72
C ALA A 84 -3.40 -6.93 8.64
N GLY A 85 -3.21 -7.56 9.81
CA GLY A 85 -4.27 -7.73 10.81
C GLY A 85 -3.84 -8.67 11.95
N SER A 86 -4.82 -9.36 12.57
CA SER A 86 -4.56 -10.31 13.68
C SER A 86 -5.68 -11.37 13.79
N LEU A 87 -5.37 -12.50 14.48
CA LEU A 87 -6.34 -13.60 14.79
C LEU A 87 -6.81 -14.39 13.51
N VAL A 88 -6.12 -14.19 12.37
CA VAL A 88 -6.48 -14.85 11.09
C VAL A 88 -5.76 -16.22 10.90
N PRO A 89 -6.51 -17.38 10.92
CA PRO A 89 -5.94 -18.74 10.72
C PRO A 89 -6.13 -19.29 9.27
N ARG A 90 -5.69 -20.56 9.08
CA ARG A 90 -5.92 -21.37 7.85
C ARG A 90 -5.42 -20.66 6.55
N GLY A 91 -4.32 -19.91 6.66
CA GLY A 91 -3.77 -19.12 5.53
C GLY A 91 -2.90 -19.94 4.56
N SER A 92 -3.55 -20.81 3.75
CA SER A 92 -2.91 -21.61 2.66
C SER A 92 -1.91 -22.69 3.17
N TYR A 93 -1.61 -23.67 2.30
CA TYR A 93 -0.66 -24.76 2.57
C TYR A 93 0.78 -24.32 2.20
N LEU A 94 1.52 -23.80 3.20
CA LEU A 94 2.90 -23.31 3.01
C LEU A 94 3.89 -24.51 3.04
N GLU A 95 4.13 -25.11 1.86
CA GLU A 95 4.98 -26.30 1.71
C GLU A 95 6.49 -25.96 1.92
N HIS A 96 6.99 -25.01 1.12
CA HIS A 96 8.39 -24.53 1.20
C HIS A 96 8.50 -23.46 2.32
N HIS A 97 8.37 -23.90 3.58
CA HIS A 97 8.30 -22.99 4.76
C HIS A 97 9.69 -22.63 5.33
N HIS A 98 10.58 -23.66 5.44
CA HIS A 98 11.95 -23.49 5.99
C HIS A 98 12.77 -24.79 5.83
N HIS A 99 14.10 -24.64 5.57
CA HIS A 99 15.05 -25.77 5.51
C HIS A 99 15.34 -26.36 6.92
N HIS A 100 16.20 -27.39 6.99
CA HIS A 100 16.55 -28.06 8.28
C HIS A 100 17.93 -28.74 8.23
N HIS A 101 18.76 -28.47 9.26
CA HIS A 101 20.08 -29.09 9.46
C HIS A 101 20.06 -30.00 10.73
N MET A 1 6.67 -5.92 18.27
CA MET A 1 6.48 -6.80 17.09
C MET A 1 7.63 -7.83 17.01
N GLN A 2 7.33 -9.13 17.26
CA GLN A 2 8.33 -10.21 17.16
C GLN A 2 8.45 -10.73 15.69
N GLU A 3 9.54 -10.33 15.03
CA GLU A 3 9.96 -10.82 13.69
C GLU A 3 8.91 -10.59 12.57
N GLU A 4 7.93 -11.52 12.46
CA GLU A 4 6.96 -11.61 11.34
C GLU A 4 6.22 -10.28 11.03
N ARG A 5 5.60 -9.71 12.08
CA ARG A 5 4.75 -8.50 11.97
C ARG A 5 5.61 -7.23 11.65
N LYS A 6 6.82 -7.18 12.23
CA LYS A 6 7.79 -6.07 11.99
C LYS A 6 8.41 -6.15 10.57
N LYS A 7 8.64 -7.39 10.11
CA LYS A 7 9.26 -7.70 8.80
C LYS A 7 8.34 -7.29 7.62
N LEU A 8 7.02 -7.34 7.89
CA LEU A 8 5.98 -6.77 7.01
C LEU A 8 6.26 -5.28 6.71
N LEU A 9 6.76 -4.54 7.71
CA LEU A 9 7.02 -3.08 7.59
C LEU A 9 8.30 -2.81 6.75
N GLU A 10 9.29 -3.74 6.81
CA GLU A 10 10.47 -3.75 5.89
C GLU A 10 10.02 -3.92 4.42
N LYS A 11 9.03 -4.79 4.22
CA LYS A 11 8.37 -5.00 2.92
C LYS A 11 7.55 -3.75 2.50
N LEU A 12 6.87 -3.12 3.48
CA LEU A 12 5.96 -1.98 3.24
C LEU A 12 6.69 -0.77 2.61
N GLU A 13 7.76 -0.30 3.27
CA GLU A 13 8.60 0.81 2.75
C GLU A 13 9.28 0.45 1.41
N LYS A 14 9.58 -0.85 1.19
CA LYS A 14 10.18 -1.31 -0.09
C LYS A 14 9.15 -1.24 -1.26
N ILE A 15 7.85 -1.46 -0.95
CA ILE A 15 6.75 -1.24 -1.92
C ILE A 15 6.65 0.25 -2.25
N LEU A 16 6.59 1.10 -1.20
CA LEU A 16 6.59 2.59 -1.33
C LEU A 16 7.83 3.10 -2.12
N ASP A 17 8.96 2.40 -1.99
CA ASP A 17 10.20 2.68 -2.76
C ASP A 17 10.03 2.34 -4.26
N GLU A 18 9.40 1.19 -4.54
CA GLU A 18 9.14 0.73 -5.92
C GLU A 18 7.96 1.48 -6.58
N VAL A 19 7.08 2.07 -5.75
CA VAL A 19 6.00 2.98 -6.21
C VAL A 19 6.58 4.36 -6.61
N THR A 20 7.54 4.89 -5.82
CA THR A 20 8.31 6.12 -6.19
C THR A 20 9.25 5.84 -7.40
N ASP A 21 9.70 4.56 -7.53
CA ASP A 21 10.56 4.09 -8.65
C ASP A 21 9.74 3.99 -9.97
N GLY A 22 8.56 3.36 -9.90
CA GLY A 22 7.65 3.22 -11.05
C GLY A 22 6.60 4.36 -11.12
N ALA A 23 6.95 5.52 -10.52
CA ALA A 23 6.09 6.72 -10.49
C ALA A 23 6.15 7.52 -11.82
N PRO A 24 4.96 7.88 -12.41
CA PRO A 24 4.89 8.88 -13.50
C PRO A 24 5.30 10.32 -13.02
N ASP A 25 5.45 11.24 -13.99
CA ASP A 25 6.04 12.60 -13.77
C ASP A 25 5.31 13.40 -12.64
N GLU A 26 4.07 13.84 -12.91
CA GLU A 26 3.27 14.63 -11.95
C GLU A 26 2.62 13.75 -10.86
N ALA A 27 2.42 12.46 -11.16
CA ALA A 27 1.80 11.49 -10.20
C ALA A 27 2.70 11.22 -8.99
N ARG A 28 4.04 11.33 -9.20
CA ARG A 28 5.05 11.11 -8.13
C ARG A 28 4.82 12.03 -6.91
N GLU A 29 4.34 13.26 -7.17
CA GLU A 29 4.12 14.31 -6.14
C GLU A 29 3.19 13.85 -4.99
N ARG A 30 2.13 13.10 -5.34
CA ARG A 30 1.24 12.44 -4.37
C ARG A 30 2.02 11.43 -3.51
N ILE A 31 2.81 10.59 -4.18
CA ILE A 31 3.56 9.48 -3.56
C ILE A 31 4.63 10.00 -2.57
N GLU A 32 5.31 11.10 -2.95
CA GLU A 32 6.45 11.67 -2.19
C GLU A 32 6.06 12.05 -0.75
N LYS A 33 5.02 12.88 -0.62
CA LYS A 33 4.54 13.38 0.68
C LYS A 33 3.82 12.27 1.49
N LEU A 34 2.94 11.50 0.81
CA LEU A 34 2.11 10.47 1.46
C LEU A 34 2.94 9.27 1.99
N ALA A 35 3.88 8.77 1.16
CA ALA A 35 4.78 7.65 1.54
C ALA A 35 5.61 8.00 2.79
N LYS A 36 6.14 9.25 2.82
CA LYS A 36 6.89 9.80 3.97
C LYS A 36 5.99 9.84 5.23
N ASP A 37 4.73 10.27 5.05
CA ASP A 37 3.75 10.39 6.16
C ASP A 37 3.38 9.00 6.76
N VAL A 38 3.32 7.96 5.88
CA VAL A 38 3.13 6.56 6.32
C VAL A 38 4.29 6.10 7.22
N LYS A 39 5.53 6.51 6.87
CA LYS A 39 6.76 6.14 7.60
C LYS A 39 6.81 6.75 9.03
N ASP A 40 6.25 7.97 9.19
CA ASP A 40 6.09 8.62 10.51
C ASP A 40 5.12 7.80 11.41
N GLU A 41 3.97 7.45 10.82
CA GLU A 41 2.93 6.58 11.44
C GLU A 41 3.45 5.15 11.72
N LEU A 42 4.33 4.66 10.83
CA LEU A 42 4.89 3.32 10.86
C LEU A 42 5.85 3.16 12.06
N GLU A 43 6.58 4.26 12.36
CA GLU A 43 7.51 4.35 13.51
C GLU A 43 6.74 4.37 14.84
N GLU A 44 5.58 5.06 14.87
CA GLU A 44 4.68 5.11 16.05
C GLU A 44 4.18 3.71 16.46
N GLY A 45 3.59 2.98 15.50
CA GLY A 45 3.07 1.63 15.77
C GLY A 45 2.21 1.10 14.62
N ASP A 46 0.93 1.52 14.58
CA ASP A 46 -0.01 1.09 13.53
C ASP A 46 0.09 1.98 12.27
N ALA A 47 -0.03 1.33 11.10
CA ALA A 47 -0.08 2.00 9.79
C ALA A 47 -1.09 1.29 8.87
N LYS A 48 -1.91 0.37 9.42
CA LYS A 48 -2.93 -0.41 8.64
C LYS A 48 -3.87 0.52 7.82
N ASN A 49 -4.44 1.54 8.51
CA ASN A 49 -5.24 2.61 7.88
C ASN A 49 -4.42 3.38 6.82
N MET A 50 -3.15 3.67 7.15
CA MET A 50 -2.21 4.41 6.26
C MET A 50 -1.82 3.62 4.99
N ILE A 51 -1.83 2.28 5.08
CA ILE A 51 -1.56 1.38 3.93
C ILE A 51 -2.79 1.38 2.99
N GLU A 52 -3.99 1.36 3.59
CA GLU A 52 -5.28 1.47 2.87
C GLU A 52 -5.49 2.89 2.25
N LYS A 53 -4.98 3.92 2.95
CA LYS A 53 -5.03 5.33 2.48
C LYS A 53 -4.02 5.57 1.34
N PHE A 54 -2.84 4.94 1.47
CA PHE A 54 -1.80 4.98 0.43
C PHE A 54 -2.31 4.25 -0.83
N ARG A 55 -3.02 3.13 -0.60
CA ARG A 55 -3.59 2.29 -1.67
C ARG A 55 -4.64 3.05 -2.51
N ASP A 56 -5.50 3.82 -1.83
CA ASP A 56 -6.60 4.57 -2.49
C ASP A 56 -6.04 5.63 -3.47
N GLU A 57 -5.04 6.39 -3.00
CA GLU A 57 -4.31 7.38 -3.84
C GLU A 57 -3.49 6.67 -4.94
N MET A 58 -2.84 5.55 -4.59
CA MET A 58 -2.05 4.71 -5.52
C MET A 58 -2.90 4.22 -6.73
N GLU A 59 -4.16 3.85 -6.45
CA GLU A 59 -5.12 3.45 -7.48
C GLU A 59 -5.50 4.64 -8.40
N GLN A 60 -5.59 5.85 -7.81
CA GLN A 60 -5.92 7.09 -8.54
C GLN A 60 -4.79 7.49 -9.53
N MET A 61 -3.53 7.33 -9.08
CA MET A 61 -2.33 7.69 -9.88
C MET A 61 -2.09 6.66 -11.01
N TYR A 62 -2.36 5.39 -10.70
CA TYR A 62 -2.39 4.29 -11.69
C TYR A 62 -3.51 4.52 -12.73
N LYS A 63 -4.69 4.94 -12.24
CA LYS A 63 -5.87 5.26 -13.09
C LYS A 63 -5.54 6.34 -14.13
N ASP A 64 -4.78 7.36 -13.67
CA ASP A 64 -4.35 8.49 -14.50
C ASP A 64 -3.31 8.03 -15.56
N ALA A 65 -2.30 7.25 -15.12
CA ALA A 65 -1.19 6.78 -15.99
C ALA A 65 -0.89 5.26 -15.79
N PRO A 66 -1.68 4.35 -16.44
CA PRO A 66 -1.43 2.89 -16.42
C PRO A 66 -0.19 2.48 -17.26
N ASN A 67 0.89 2.06 -16.58
CA ASN A 67 2.17 1.65 -17.22
C ASN A 67 2.53 0.15 -16.96
N ALA A 68 1.48 -0.69 -16.78
CA ALA A 68 1.58 -2.17 -16.55
C ALA A 68 2.18 -2.53 -15.16
N VAL A 69 3.48 -2.25 -14.96
CA VAL A 69 4.22 -2.53 -13.70
C VAL A 69 3.55 -1.87 -12.46
N MET A 70 2.99 -0.66 -12.67
CA MET A 70 2.29 0.10 -11.61
C MET A 70 1.05 -0.67 -11.06
N GLU A 71 0.38 -1.46 -11.92
CA GLU A 71 -0.78 -2.30 -11.54
C GLU A 71 -0.38 -3.39 -10.51
N GLN A 72 0.80 -4.01 -10.77
CA GLN A 72 1.38 -5.04 -9.89
C GLN A 72 1.67 -4.46 -8.48
N LEU A 73 2.14 -3.19 -8.45
CA LEU A 73 2.41 -2.44 -7.20
C LEU A 73 1.14 -2.20 -6.35
N LEU A 74 -0.04 -2.02 -7.03
CA LEU A 74 -1.36 -1.99 -6.33
C LEU A 74 -1.61 -3.30 -5.57
N GLU A 75 -1.47 -4.43 -6.30
CA GLU A 75 -1.72 -5.78 -5.74
C GLU A 75 -0.72 -6.14 -4.63
N GLU A 76 0.53 -5.60 -4.71
CA GLU A 76 1.56 -5.80 -3.67
C GLU A 76 1.13 -5.19 -2.32
N ILE A 77 0.33 -4.12 -2.39
CA ILE A 77 -0.31 -3.53 -1.19
C ILE A 77 -1.41 -4.49 -0.63
N GLU A 78 -2.23 -5.09 -1.55
CA GLU A 78 -3.27 -6.10 -1.19
C GLU A 78 -2.68 -7.36 -0.51
N LYS A 79 -1.43 -7.74 -0.88
CA LYS A 79 -0.71 -8.87 -0.23
C LYS A 79 -0.54 -8.58 1.28
N LEU A 80 -0.16 -7.31 1.57
CA LEU A 80 0.07 -6.81 2.95
C LEU A 80 -1.25 -6.49 3.70
N LEU A 81 -2.32 -6.11 2.98
CA LEU A 81 -3.67 -5.92 3.61
C LEU A 81 -4.20 -7.26 4.17
N LYS A 82 -3.96 -8.33 3.39
CA LYS A 82 -4.22 -9.72 3.80
C LYS A 82 -3.30 -10.15 4.97
N LYS A 83 -2.00 -9.84 4.83
CA LYS A 83 -0.93 -10.29 5.76
C LYS A 83 -0.97 -9.57 7.14
N ALA A 84 -1.35 -8.28 7.14
CA ALA A 84 -1.32 -7.41 8.35
C ALA A 84 -2.41 -7.78 9.37
N GLY A 85 -3.62 -7.99 8.87
CA GLY A 85 -4.78 -8.33 9.71
C GLY A 85 -5.93 -7.34 9.53
N SER A 86 -6.60 -7.41 8.35
CA SER A 86 -7.83 -6.63 8.09
C SER A 86 -9.04 -7.32 8.74
N LEU A 87 -9.11 -7.22 10.10
CA LEU A 87 -10.21 -7.73 10.96
C LEU A 87 -10.33 -9.28 10.99
N VAL A 88 -9.43 -9.99 10.28
CA VAL A 88 -9.40 -11.47 10.25
C VAL A 88 -8.50 -12.03 11.40
N PRO A 89 -9.06 -12.84 12.35
CA PRO A 89 -8.31 -13.34 13.53
C PRO A 89 -7.43 -14.57 13.20
N ARG A 90 -6.54 -14.94 14.15
CA ARG A 90 -5.63 -16.09 14.01
C ARG A 90 -6.35 -17.43 14.34
N GLY A 91 -6.72 -18.17 13.27
CA GLY A 91 -7.37 -19.49 13.40
C GLY A 91 -6.48 -20.63 12.89
N SER A 92 -5.28 -20.76 13.48
CA SER A 92 -4.24 -21.76 13.12
C SER A 92 -3.63 -21.53 11.70
N TYR A 93 -2.31 -21.31 11.65
CA TYR A 93 -1.58 -21.11 10.37
C TYR A 93 -1.26 -22.45 9.68
N LEU A 94 -2.07 -22.82 8.67
CA LEU A 94 -1.79 -23.97 7.77
C LEU A 94 -1.38 -23.44 6.37
N GLU A 95 -0.06 -23.34 6.11
CA GLU A 95 0.45 -22.97 4.77
C GLU A 95 0.32 -24.20 3.84
N HIS A 96 -0.79 -24.26 3.09
CA HIS A 96 -1.11 -25.40 2.20
C HIS A 96 -0.69 -25.10 0.72
N HIS A 97 0.05 -23.99 0.51
CA HIS A 97 0.52 -23.55 -0.83
C HIS A 97 1.78 -24.36 -1.32
N HIS A 98 1.68 -25.69 -1.33
CA HIS A 98 2.78 -26.60 -1.74
C HIS A 98 2.36 -27.48 -2.94
N HIS A 99 3.25 -27.61 -3.93
CA HIS A 99 3.02 -28.45 -5.13
C HIS A 99 3.70 -29.84 -4.94
N HIS A 100 2.98 -30.92 -5.27
CA HIS A 100 3.48 -32.31 -5.08
C HIS A 100 3.09 -33.24 -6.27
N HIS A 101 4.10 -33.55 -7.11
CA HIS A 101 4.02 -34.60 -8.16
C HIS A 101 5.41 -35.31 -8.31
N MET A 1 1.81 -3.75 16.33
CA MET A 1 2.98 -4.63 16.08
C MET A 1 2.94 -5.88 16.99
N GLN A 2 2.45 -7.01 16.43
CA GLN A 2 2.43 -8.33 17.10
C GLN A 2 2.76 -9.44 16.08
N GLU A 3 3.99 -10.00 16.19
CA GLU A 3 4.51 -11.13 15.35
C GLU A 3 4.65 -10.74 13.85
N GLU A 4 5.88 -10.90 13.30
CA GLU A 4 6.26 -10.46 11.92
C GLU A 4 6.09 -8.92 11.78
N ARG A 5 6.32 -8.24 12.92
CA ARG A 5 5.93 -6.83 13.14
C ARG A 5 6.83 -5.81 12.39
N LYS A 6 8.15 -5.93 12.55
CA LYS A 6 9.15 -5.14 11.80
C LYS A 6 9.24 -5.61 10.32
N LYS A 7 9.03 -6.91 10.07
CA LYS A 7 8.98 -7.47 8.70
C LYS A 7 7.77 -6.93 7.89
N LEU A 8 6.71 -6.54 8.61
CA LEU A 8 5.54 -5.82 8.05
C LEU A 8 6.00 -4.54 7.28
N LEU A 9 6.76 -3.64 7.97
CA LEU A 9 7.32 -2.41 7.35
C LEU A 9 8.53 -2.72 6.44
N GLU A 10 9.26 -3.81 6.74
CA GLU A 10 10.43 -4.25 5.93
C GLU A 10 9.99 -4.70 4.52
N LYS A 11 8.76 -5.24 4.42
CA LYS A 11 8.10 -5.52 3.13
C LYS A 11 7.52 -4.23 2.51
N LEU A 12 6.70 -3.53 3.32
CA LEU A 12 5.89 -2.36 2.89
C LEU A 12 6.75 -1.21 2.28
N GLU A 13 7.73 -0.71 3.06
CA GLU A 13 8.59 0.43 2.66
C GLU A 13 9.28 0.19 1.30
N LYS A 14 9.79 -1.03 1.10
CA LYS A 14 10.47 -1.44 -0.16
C LYS A 14 9.52 -1.29 -1.37
N ILE A 15 8.25 -1.74 -1.18
CA ILE A 15 7.17 -1.58 -2.17
C ILE A 15 6.95 -0.09 -2.52
N LEU A 16 6.87 0.76 -1.47
CA LEU A 16 6.72 2.23 -1.62
C LEU A 16 7.89 2.88 -2.39
N ASP A 17 9.12 2.37 -2.19
CA ASP A 17 10.32 2.80 -2.95
C ASP A 17 10.23 2.37 -4.44
N GLU A 18 9.63 1.20 -4.68
CA GLU A 18 9.39 0.68 -6.05
C GLU A 18 8.22 1.42 -6.75
N VAL A 19 7.31 2.03 -5.97
CA VAL A 19 6.24 2.90 -6.52
C VAL A 19 6.82 4.28 -6.94
N THR A 20 7.65 4.90 -6.06
CA THR A 20 8.32 6.20 -6.34
C THR A 20 9.25 6.08 -7.57
N ASP A 21 10.20 5.13 -7.49
CA ASP A 21 11.10 4.78 -8.59
C ASP A 21 10.40 3.74 -9.50
N GLY A 22 9.44 4.24 -10.30
CA GLY A 22 8.54 3.42 -11.12
C GLY A 22 7.27 4.19 -11.52
N ALA A 23 7.01 5.30 -10.79
CA ALA A 23 5.92 6.25 -11.08
C ALA A 23 6.06 6.93 -12.47
N PRO A 24 4.95 7.44 -13.08
CA PRO A 24 5.00 8.22 -14.36
C PRO A 24 5.36 9.72 -14.17
N ASP A 25 6.22 10.04 -13.16
CA ASP A 25 6.72 11.42 -12.84
C ASP A 25 5.66 12.34 -12.17
N GLU A 26 4.53 12.56 -12.87
CA GLU A 26 3.45 13.50 -12.48
C GLU A 26 2.94 13.26 -11.03
N ALA A 27 2.60 12.01 -10.72
CA ALA A 27 2.07 11.62 -9.40
C ALA A 27 3.17 11.11 -8.43
N ARG A 28 4.46 11.13 -8.85
CA ARG A 28 5.58 10.67 -8.00
C ARG A 28 5.65 11.48 -6.68
N GLU A 29 5.45 12.81 -6.80
CA GLU A 29 5.41 13.74 -5.64
C GLU A 29 4.34 13.34 -4.59
N ARG A 30 3.17 12.85 -5.07
CA ARG A 30 2.05 12.38 -4.22
C ARG A 30 2.41 11.09 -3.48
N ILE A 31 3.15 10.23 -4.18
CA ILE A 31 3.60 8.94 -3.66
C ILE A 31 4.66 9.13 -2.56
N GLU A 32 5.64 10.02 -2.84
CA GLU A 32 6.74 10.36 -1.90
C GLU A 32 6.19 11.05 -0.64
N LYS A 33 5.23 11.98 -0.85
CA LYS A 33 4.55 12.72 0.23
C LYS A 33 3.79 11.75 1.18
N LEU A 34 2.90 10.93 0.60
CA LEU A 34 2.06 10.00 1.38
C LEU A 34 2.94 8.92 2.08
N ALA A 35 4.03 8.50 1.41
CA ALA A 35 5.03 7.57 1.98
C ALA A 35 5.70 8.16 3.25
N LYS A 36 5.97 9.48 3.25
CA LYS A 36 6.50 10.22 4.43
C LYS A 36 5.52 10.18 5.63
N ASP A 37 4.22 10.37 5.34
CA ASP A 37 3.14 10.26 6.36
C ASP A 37 3.05 8.81 6.89
N VAL A 38 3.29 7.82 6.01
CA VAL A 38 3.38 6.39 6.39
C VAL A 38 4.56 6.17 7.38
N LYS A 39 5.74 6.79 7.10
CA LYS A 39 6.97 6.69 7.95
C LYS A 39 6.67 7.09 9.43
N ASP A 40 5.91 8.20 9.59
CA ASP A 40 5.51 8.74 10.90
C ASP A 40 4.66 7.70 11.70
N GLU A 41 3.71 7.08 10.99
CA GLU A 41 2.78 6.06 11.56
C GLU A 41 3.47 4.69 11.79
N LEU A 42 4.51 4.38 10.99
CA LEU A 42 5.36 3.17 11.17
C LEU A 42 6.11 3.20 12.53
N GLU A 43 6.34 4.41 13.07
CA GLU A 43 6.95 4.59 14.41
C GLU A 43 5.96 4.10 15.52
N GLU A 44 4.92 4.90 15.86
CA GLU A 44 3.94 4.55 16.93
C GLU A 44 2.47 4.85 16.54
N GLY A 45 2.22 5.29 15.28
CA GLY A 45 0.84 5.54 14.79
C GLY A 45 0.17 4.29 14.22
N ASP A 46 -0.98 4.46 13.53
CA ASP A 46 -1.70 3.33 12.90
C ASP A 46 -1.24 3.19 11.42
N ALA A 47 -0.37 2.20 11.17
CA ALA A 47 0.29 2.01 9.87
C ALA A 47 -0.62 1.32 8.83
N LYS A 48 -1.52 0.41 9.27
CA LYS A 48 -2.43 -0.32 8.35
C LYS A 48 -3.48 0.62 7.71
N ASN A 49 -3.94 1.62 8.48
CA ASN A 49 -4.81 2.71 7.96
C ASN A 49 -4.10 3.49 6.84
N MET A 50 -2.76 3.57 6.94
CA MET A 50 -1.90 4.20 5.92
C MET A 50 -1.68 3.29 4.70
N ILE A 51 -1.70 1.95 4.90
CA ILE A 51 -1.52 0.97 3.81
C ILE A 51 -2.76 0.94 2.89
N GLU A 52 -3.96 0.82 3.52
CA GLU A 52 -5.26 0.82 2.79
C GLU A 52 -5.48 2.16 2.05
N LYS A 53 -5.08 3.28 2.68
CA LYS A 53 -5.19 4.64 2.08
C LYS A 53 -4.08 4.93 1.05
N PHE A 54 -2.93 4.28 1.20
CA PHE A 54 -1.86 4.34 0.18
C PHE A 54 -2.31 3.58 -1.08
N ARG A 55 -2.95 2.42 -0.86
CA ARG A 55 -3.52 1.56 -1.93
C ARG A 55 -4.73 2.26 -2.63
N ASP A 56 -5.52 2.98 -1.81
CA ASP A 56 -6.69 3.76 -2.28
C ASP A 56 -6.27 4.91 -3.22
N GLU A 57 -5.30 5.73 -2.75
CA GLU A 57 -4.77 6.86 -3.54
C GLU A 57 -4.04 6.35 -4.81
N MET A 58 -3.17 5.32 -4.62
CA MET A 58 -2.41 4.68 -5.72
C MET A 58 -3.31 4.21 -6.89
N GLU A 59 -4.43 3.55 -6.56
CA GLU A 59 -5.38 3.08 -7.60
C GLU A 59 -5.99 4.26 -8.35
N GLN A 60 -6.33 5.34 -7.60
CA GLN A 60 -6.98 6.55 -8.15
C GLN A 60 -6.11 7.18 -9.30
N MET A 61 -4.84 7.54 -9.00
CA MET A 61 -3.95 8.18 -10.02
C MET A 61 -3.40 7.16 -11.06
N TYR A 62 -3.40 5.86 -10.71
CA TYR A 62 -3.08 4.77 -11.69
C TYR A 62 -4.16 4.70 -12.80
N LYS A 63 -5.43 4.83 -12.40
CA LYS A 63 -6.57 4.83 -13.36
C LYS A 63 -6.50 6.06 -14.31
N ASP A 64 -5.87 7.15 -13.83
CA ASP A 64 -5.58 8.35 -14.62
C ASP A 64 -4.42 8.08 -15.62
N ALA A 65 -3.27 7.61 -15.08
CA ALA A 65 -2.05 7.30 -15.87
C ALA A 65 -1.66 5.80 -15.68
N PRO A 66 -2.18 4.87 -16.55
CA PRO A 66 -1.88 3.41 -16.45
C PRO A 66 -0.42 3.06 -16.85
N ASN A 67 0.34 2.48 -15.91
CA ASN A 67 1.73 2.00 -16.14
C ASN A 67 1.85 0.51 -15.73
N ALA A 68 2.57 -0.29 -16.55
CA ALA A 68 2.71 -1.75 -16.33
C ALA A 68 3.43 -2.09 -15.00
N VAL A 69 4.49 -1.32 -14.69
CA VAL A 69 5.23 -1.43 -13.42
C VAL A 69 4.29 -1.09 -12.23
N MET A 70 3.67 0.10 -12.31
CA MET A 70 2.78 0.65 -11.26
C MET A 70 1.59 -0.30 -10.93
N GLU A 71 1.10 -1.03 -11.97
CA GLU A 71 0.04 -2.06 -11.84
C GLU A 71 0.46 -3.18 -10.88
N GLN A 72 1.69 -3.71 -11.08
CA GLN A 72 2.27 -4.77 -10.23
C GLN A 72 2.45 -4.30 -8.77
N LEU A 73 2.70 -2.99 -8.58
CA LEU A 73 2.79 -2.40 -7.23
C LEU A 73 1.41 -2.27 -6.55
N LEU A 74 0.31 -2.01 -7.31
CA LEU A 74 -1.08 -2.00 -6.74
C LEU A 74 -1.39 -3.33 -6.02
N GLU A 75 -1.16 -4.45 -6.70
CA GLU A 75 -1.50 -5.79 -6.19
C GLU A 75 -0.59 -6.20 -5.01
N GLU A 76 0.68 -5.69 -5.01
CA GLU A 76 1.63 -5.83 -3.87
C GLU A 76 1.08 -5.20 -2.56
N ILE A 77 0.67 -3.93 -2.63
CA ILE A 77 0.17 -3.16 -1.45
C ILE A 77 -1.16 -3.76 -0.91
N GLU A 78 -2.02 -4.18 -1.85
CA GLU A 78 -3.34 -4.77 -1.53
C GLU A 78 -3.20 -6.09 -0.74
N LYS A 79 -2.08 -6.81 -0.95
CA LYS A 79 -1.70 -7.99 -0.15
C LYS A 79 -1.51 -7.66 1.34
N LEU A 80 -0.90 -6.48 1.63
CA LEU A 80 -0.69 -6.02 3.03
C LEU A 80 -2.04 -5.72 3.76
N LEU A 81 -3.07 -5.30 3.01
CA LEU A 81 -4.45 -5.15 3.57
C LEU A 81 -4.99 -6.50 4.12
N LYS A 82 -4.79 -7.56 3.33
CA LYS A 82 -5.24 -8.94 3.66
C LYS A 82 -4.35 -9.56 4.80
N LYS A 83 -3.04 -9.62 4.54
CA LYS A 83 -2.03 -10.34 5.36
C LYS A 83 -1.76 -9.65 6.72
N ALA A 84 -1.43 -8.35 6.67
CA ALA A 84 -1.09 -7.56 7.88
C ALA A 84 -2.36 -7.20 8.69
N GLY A 85 -2.44 -7.70 9.94
CA GLY A 85 -3.58 -7.41 10.84
C GLY A 85 -3.91 -8.58 11.78
N SER A 86 -5.19 -8.65 12.22
CA SER A 86 -5.68 -9.75 13.09
C SER A 86 -6.07 -11.00 12.25
N LEU A 87 -5.99 -12.19 12.87
CA LEU A 87 -6.27 -13.50 12.19
C LEU A 87 -7.81 -13.76 11.99
N VAL A 88 -8.64 -12.73 12.17
CA VAL A 88 -10.10 -12.79 11.96
C VAL A 88 -10.48 -13.23 10.50
N PRO A 89 -11.47 -14.16 10.32
CA PRO A 89 -11.91 -14.62 8.98
C PRO A 89 -12.74 -13.55 8.22
N ARG A 90 -12.48 -13.43 6.89
CA ARG A 90 -13.26 -12.61 5.93
C ARG A 90 -13.19 -11.08 6.19
N GLY A 91 -13.82 -10.29 5.31
CA GLY A 91 -13.73 -8.81 5.34
C GLY A 91 -13.01 -8.24 4.12
N SER A 92 -13.60 -8.48 2.93
CA SER A 92 -13.05 -8.00 1.63
C SER A 92 -13.34 -6.49 1.41
N TYR A 93 -14.50 -6.02 1.91
CA TYR A 93 -14.93 -4.62 1.77
C TYR A 93 -14.31 -3.72 2.86
N LEU A 94 -13.55 -2.69 2.44
CA LEU A 94 -12.89 -1.72 3.34
C LEU A 94 -13.93 -0.80 4.03
N GLU A 95 -13.95 -0.84 5.37
CA GLU A 95 -14.77 0.07 6.19
C GLU A 95 -14.28 1.53 6.04
N HIS A 96 -15.23 2.44 5.73
CA HIS A 96 -14.93 3.85 5.39
C HIS A 96 -14.61 4.71 6.65
N HIS A 97 -14.46 4.03 7.82
CA HIS A 97 -14.06 4.60 9.14
C HIS A 97 -15.23 5.35 9.81
N HIS A 98 -15.80 6.35 9.12
CA HIS A 98 -17.05 7.04 9.50
C HIS A 98 -16.90 7.88 10.80
N HIS A 99 -15.67 8.35 11.07
CA HIS A 99 -15.39 9.31 12.16
C HIS A 99 -15.30 10.74 11.57
N HIS A 100 -16.47 11.41 11.50
CA HIS A 100 -16.62 12.80 10.97
C HIS A 100 -16.20 12.93 9.49
N HIS A 101 -16.35 11.83 8.73
CA HIS A 101 -16.06 11.81 7.27
C HIS A 101 -17.39 11.72 6.47
N MET A 1 9.85 -4.70 18.77
CA MET A 1 8.39 -4.93 18.54
C MET A 1 8.05 -6.45 18.58
N GLN A 2 6.80 -6.79 18.22
CA GLN A 2 6.26 -8.17 18.25
C GLN A 2 5.47 -8.47 16.94
N GLU A 3 5.05 -9.75 16.76
CA GLU A 3 4.05 -10.18 15.72
C GLU A 3 4.61 -10.07 14.26
N GLU A 4 5.96 -10.10 14.15
CA GLU A 4 6.69 -10.04 12.84
C GLU A 4 6.43 -8.72 12.07
N ARG A 5 5.90 -7.69 12.79
CA ARG A 5 5.51 -6.38 12.19
C ARG A 5 6.69 -5.66 11.52
N LYS A 6 7.91 -5.89 12.03
CA LYS A 6 9.17 -5.35 11.44
C LYS A 6 9.33 -5.81 9.96
N LYS A 7 8.96 -7.06 9.68
CA LYS A 7 8.98 -7.62 8.30
C LYS A 7 7.88 -6.98 7.43
N LEU A 8 6.74 -6.64 8.03
CA LEU A 8 5.67 -5.86 7.34
C LEU A 8 6.20 -4.47 6.95
N LEU A 9 6.92 -3.78 7.87
CA LEU A 9 7.51 -2.43 7.63
C LEU A 9 8.58 -2.47 6.50
N GLU A 10 9.37 -3.56 6.52
CA GLU A 10 10.39 -3.87 5.48
C GLU A 10 9.73 -4.04 4.09
N LYS A 11 8.58 -4.75 4.09
CA LYS A 11 7.79 -5.01 2.88
C LYS A 11 7.10 -3.71 2.39
N LEU A 12 6.67 -2.84 3.33
CA LEU A 12 6.14 -1.49 3.02
C LEU A 12 7.22 -0.62 2.34
N GLU A 13 8.41 -0.53 2.95
CA GLU A 13 9.52 0.32 2.45
C GLU A 13 9.94 -0.08 1.02
N LYS A 14 9.89 -1.40 0.74
CA LYS A 14 10.13 -1.95 -0.62
C LYS A 14 9.07 -1.47 -1.63
N ILE A 15 7.76 -1.66 -1.30
CA ILE A 15 6.63 -1.22 -2.17
C ILE A 15 6.70 0.30 -2.41
N LEU A 16 6.68 1.08 -1.31
CA LEU A 16 6.66 2.56 -1.33
C LEU A 16 7.85 3.17 -2.13
N ASP A 17 9.06 2.62 -1.93
CA ASP A 17 10.27 3.03 -2.69
C ASP A 17 10.10 2.78 -4.21
N GLU A 18 9.61 1.58 -4.56
CA GLU A 18 9.44 1.15 -5.97
C GLU A 18 8.19 1.77 -6.63
N VAL A 19 7.20 2.23 -5.83
CA VAL A 19 6.02 2.97 -6.35
C VAL A 19 6.44 4.40 -6.73
N THR A 20 7.27 5.06 -5.89
CA THR A 20 7.87 6.39 -6.21
C THR A 20 8.84 6.27 -7.42
N ASP A 21 9.60 5.15 -7.46
CA ASP A 21 10.56 4.86 -8.55
C ASP A 21 9.84 4.67 -9.91
N GLY A 22 8.82 3.79 -9.93
CA GLY A 22 8.06 3.48 -11.14
C GLY A 22 6.79 4.33 -11.32
N ALA A 23 6.74 5.50 -10.66
CA ALA A 23 5.63 6.47 -10.78
C ALA A 23 5.68 7.30 -12.08
N PRO A 24 4.50 7.89 -12.51
CA PRO A 24 4.50 9.06 -13.42
C PRO A 24 5.22 10.28 -12.76
N ASP A 25 6.11 10.93 -13.53
CA ASP A 25 7.09 11.94 -13.04
C ASP A 25 6.47 13.05 -12.15
N GLU A 26 5.50 13.80 -12.72
CA GLU A 26 4.86 14.96 -12.02
C GLU A 26 3.86 14.51 -10.91
N ALA A 27 3.30 13.29 -11.04
CA ALA A 27 2.36 12.71 -10.04
C ALA A 27 3.11 11.96 -8.90
N ARG A 28 4.44 11.78 -9.08
CA ARG A 28 5.33 11.10 -8.10
C ARG A 28 5.30 11.79 -6.71
N GLU A 29 5.14 13.13 -6.71
CA GLU A 29 5.08 13.97 -5.48
C GLU A 29 4.05 13.43 -4.46
N ARG A 30 2.87 13.01 -4.97
CA ARG A 30 1.76 12.44 -4.17
C ARG A 30 2.25 11.25 -3.34
N ILE A 31 3.01 10.37 -4.00
CA ILE A 31 3.49 9.11 -3.42
C ILE A 31 4.63 9.36 -2.41
N GLU A 32 5.57 10.24 -2.77
CA GLU A 32 6.75 10.57 -1.93
C GLU A 32 6.34 11.19 -0.58
N LYS A 33 5.44 12.18 -0.64
CA LYS A 33 4.94 12.90 0.54
C LYS A 33 4.06 11.98 1.43
N LEU A 34 3.12 11.25 0.78
CA LEU A 34 2.19 10.32 1.50
C LEU A 34 2.94 9.15 2.17
N ALA A 35 3.93 8.58 1.44
CA ALA A 35 4.80 7.49 1.94
C ALA A 35 5.62 7.96 3.15
N LYS A 36 6.05 9.24 3.12
CA LYS A 36 6.72 9.90 4.26
C LYS A 36 5.77 9.97 5.49
N ASP A 37 4.49 10.30 5.26
CA ASP A 37 3.44 10.28 6.31
C ASP A 37 3.23 8.86 6.88
N VAL A 38 3.33 7.84 6.00
CA VAL A 38 3.27 6.41 6.41
C VAL A 38 4.50 6.05 7.29
N LYS A 39 5.68 6.61 6.96
CA LYS A 39 6.95 6.37 7.69
C LYS A 39 6.90 6.89 9.16
N ASP A 40 6.09 7.94 9.41
CA ASP A 40 5.79 8.39 10.80
C ASP A 40 4.97 7.32 11.58
N GLU A 41 4.05 6.65 10.86
CA GLU A 41 3.18 5.59 11.42
C GLU A 41 3.95 4.25 11.60
N LEU A 42 5.03 4.05 10.79
CA LEU A 42 6.02 2.96 11.01
C LEU A 42 6.61 3.02 12.46
N GLU A 43 6.79 4.26 12.98
CA GLU A 43 7.13 4.50 14.39
C GLU A 43 5.94 4.10 15.31
N GLU A 44 4.78 4.77 15.12
CA GLU A 44 3.52 4.45 15.81
C GLU A 44 2.33 5.20 15.15
N GLY A 45 1.15 4.54 15.10
CA GLY A 45 -0.06 5.11 14.48
C GLY A 45 -0.82 4.12 13.60
N ASP A 46 -0.42 2.82 13.67
CA ASP A 46 -0.96 1.71 12.85
C ASP A 46 -0.72 1.93 11.32
N ALA A 47 0.23 1.16 10.76
CA ALA A 47 0.57 1.22 9.33
C ALA A 47 -0.55 0.61 8.44
N LYS A 48 -1.40 -0.28 9.00
CA LYS A 48 -2.46 -0.99 8.23
C LYS A 48 -3.53 0.00 7.69
N ASN A 49 -3.98 0.92 8.55
CA ASN A 49 -4.96 1.96 8.17
C ASN A 49 -4.38 2.91 7.09
N MET A 50 -3.04 3.03 7.09
CA MET A 50 -2.27 3.77 6.06
C MET A 50 -2.13 2.95 4.75
N ILE A 51 -2.04 1.59 4.87
CA ILE A 51 -1.90 0.66 3.70
C ILE A 51 -3.17 0.73 2.81
N GLU A 52 -4.35 0.56 3.43
CA GLU A 52 -5.66 0.57 2.71
C GLU A 52 -5.92 1.92 2.01
N LYS A 53 -5.49 3.02 2.64
CA LYS A 53 -5.63 4.38 2.08
C LYS A 53 -4.59 4.65 0.97
N PHE A 54 -3.38 4.11 1.16
CA PHE A 54 -2.28 4.23 0.17
C PHE A 54 -2.63 3.44 -1.13
N ARG A 55 -3.36 2.32 -0.95
CA ARG A 55 -3.91 1.52 -2.08
C ARG A 55 -4.90 2.37 -2.91
N ASP A 56 -5.77 3.12 -2.22
CA ASP A 56 -6.81 3.95 -2.87
C ASP A 56 -6.17 5.13 -3.65
N GLU A 57 -5.22 5.83 -2.98
CA GLU A 57 -4.45 6.94 -3.57
C GLU A 57 -3.63 6.47 -4.80
N MET A 58 -3.00 5.28 -4.70
CA MET A 58 -2.34 4.63 -5.85
C MET A 58 -3.31 4.37 -7.01
N GLU A 59 -4.53 3.88 -6.69
CA GLU A 59 -5.57 3.59 -7.71
C GLU A 59 -5.95 4.86 -8.51
N GLN A 60 -6.08 6.01 -7.81
CA GLN A 60 -6.40 7.32 -8.43
C GLN A 60 -5.40 7.69 -9.56
N MET A 61 -4.09 7.58 -9.26
CA MET A 61 -3.01 7.89 -10.23
C MET A 61 -2.88 6.78 -11.32
N TYR A 62 -3.15 5.52 -10.91
CA TYR A 62 -3.09 4.32 -11.79
C TYR A 62 -4.18 4.38 -12.90
N LYS A 63 -5.36 4.90 -12.55
CA LYS A 63 -6.49 5.07 -13.49
C LYS A 63 -6.13 5.97 -14.70
N ASP A 64 -5.23 6.94 -14.45
CA ASP A 64 -4.73 7.87 -15.50
C ASP A 64 -3.46 7.33 -16.18
N ALA A 65 -2.57 6.71 -15.38
CA ALA A 65 -1.28 6.15 -15.86
C ALA A 65 -1.12 4.68 -15.37
N PRO A 66 -1.67 3.67 -16.12
CA PRO A 66 -1.49 2.23 -15.82
C PRO A 66 -0.17 1.69 -16.43
N ASN A 67 0.97 2.24 -15.94
CA ASN A 67 2.32 1.95 -16.48
C ASN A 67 2.95 0.64 -15.91
N ALA A 68 2.22 -0.50 -16.12
CA ALA A 68 2.67 -1.90 -15.80
C ALA A 68 3.05 -2.12 -14.30
N VAL A 69 4.23 -1.60 -13.92
CA VAL A 69 4.75 -1.62 -12.52
C VAL A 69 3.74 -1.00 -11.51
N MET A 70 3.03 0.06 -11.98
CA MET A 70 1.98 0.78 -11.19
C MET A 70 0.84 -0.18 -10.75
N GLU A 71 0.52 -1.16 -11.63
CA GLU A 71 -0.51 -2.19 -11.37
C GLU A 71 0.02 -3.26 -10.39
N GLN A 72 1.21 -3.79 -10.70
CA GLN A 72 1.84 -4.91 -9.95
C GLN A 72 2.05 -4.59 -8.45
N LEU A 73 2.51 -3.36 -8.20
CA LEU A 73 2.75 -2.85 -6.83
C LEU A 73 1.44 -2.48 -6.10
N LEU A 74 0.40 -2.07 -6.86
CA LEU A 74 -0.95 -1.82 -6.30
C LEU A 74 -1.53 -3.14 -5.71
N GLU A 75 -1.28 -4.27 -6.42
CA GLU A 75 -1.66 -5.61 -5.95
C GLU A 75 -0.85 -6.03 -4.69
N GLU A 76 0.46 -5.67 -4.67
CA GLU A 76 1.36 -5.86 -3.50
C GLU A 76 0.79 -5.20 -2.22
N ILE A 77 0.21 -4.00 -2.36
CA ILE A 77 -0.42 -3.27 -1.24
C ILE A 77 -1.62 -4.07 -0.67
N GLU A 78 -2.42 -4.69 -1.57
CA GLU A 78 -3.60 -5.51 -1.19
C GLU A 78 -3.18 -6.75 -0.36
N LYS A 79 -2.04 -7.38 -0.73
CA LYS A 79 -1.49 -8.56 -0.02
C LYS A 79 -1.18 -8.23 1.47
N LEU A 80 -0.62 -7.02 1.68
CA LEU A 80 -0.29 -6.48 3.03
C LEU A 80 -1.56 -5.93 3.75
N LEU A 81 -2.53 -5.44 2.97
CA LEU A 81 -3.85 -4.98 3.48
C LEU A 81 -4.57 -6.17 4.14
N LYS A 82 -4.44 -7.33 3.47
CA LYS A 82 -5.02 -8.61 3.89
C LYS A 82 -4.24 -9.23 5.10
N LYS A 83 -2.89 -9.12 5.05
CA LYS A 83 -2.00 -9.74 6.06
C LYS A 83 -2.08 -8.98 7.42
N ALA A 84 -1.89 -7.64 7.37
CA ALA A 84 -1.95 -6.77 8.56
C ALA A 84 -3.41 -6.50 8.98
N GLY A 85 -3.61 -6.16 10.27
CA GLY A 85 -4.94 -5.86 10.81
C GLY A 85 -5.72 -7.13 11.21
N SER A 86 -6.78 -7.47 10.45
CA SER A 86 -7.71 -8.58 10.81
C SER A 86 -8.34 -9.22 9.56
N LEU A 87 -8.57 -10.55 9.63
CA LEU A 87 -9.26 -11.33 8.59
C LEU A 87 -10.77 -11.07 8.65
N VAL A 88 -11.23 -10.04 7.93
CA VAL A 88 -12.66 -9.70 7.81
C VAL A 88 -13.08 -9.61 6.30
N PRO A 89 -13.69 -10.71 5.72
CA PRO A 89 -14.13 -10.74 4.29
C PRO A 89 -15.56 -10.15 4.08
N ARG A 90 -15.86 -9.05 4.80
CA ARG A 90 -17.21 -8.44 4.83
C ARG A 90 -17.52 -7.69 3.51
N GLY A 91 -18.62 -8.07 2.83
CA GLY A 91 -19.11 -7.37 1.62
C GLY A 91 -19.42 -8.28 0.44
N SER A 92 -19.89 -7.67 -0.66
CA SER A 92 -20.21 -8.38 -1.93
C SER A 92 -19.10 -8.14 -2.99
N TYR A 93 -18.98 -9.08 -3.95
CA TYR A 93 -17.91 -9.06 -4.98
C TYR A 93 -18.41 -8.41 -6.29
N LEU A 94 -17.95 -7.16 -6.56
CA LEU A 94 -18.40 -6.38 -7.73
C LEU A 94 -17.79 -6.93 -9.04
N GLU A 95 -18.60 -7.74 -9.76
CA GLU A 95 -18.26 -8.28 -11.10
C GLU A 95 -19.38 -7.92 -12.11
N HIS A 96 -19.00 -7.70 -13.38
CA HIS A 96 -19.92 -7.22 -14.43
C HIS A 96 -19.50 -7.77 -15.82
N HIS A 97 -20.19 -8.83 -16.29
CA HIS A 97 -19.91 -9.49 -17.60
C HIS A 97 -20.34 -8.60 -18.79
N HIS A 98 -21.45 -7.83 -18.59
CA HIS A 98 -21.94 -6.82 -19.56
C HIS A 98 -22.40 -7.45 -20.91
N HIS A 99 -23.73 -7.65 -21.06
CA HIS A 99 -24.35 -8.18 -22.31
C HIS A 99 -25.19 -7.10 -23.01
N HIS A 100 -24.63 -6.51 -24.08
CA HIS A 100 -25.28 -5.46 -24.89
C HIS A 100 -26.15 -6.09 -26.00
N HIS A 101 -27.46 -5.80 -25.99
CA HIS A 101 -28.43 -6.23 -27.03
C HIS A 101 -29.37 -5.04 -27.41
N MET A 1 9.57 -7.86 17.93
CA MET A 1 9.17 -7.01 16.78
C MET A 1 9.80 -7.54 15.46
N GLN A 2 11.15 -7.56 15.38
CA GLN A 2 11.90 -8.19 14.25
C GLN A 2 11.73 -9.74 14.30
N GLU A 3 10.72 -10.22 13.56
CA GLU A 3 10.29 -11.64 13.56
C GLU A 3 9.31 -11.87 12.40
N GLU A 4 8.19 -11.11 12.44
CA GLU A 4 7.12 -11.16 11.41
C GLU A 4 6.57 -9.74 11.10
N ARG A 5 6.35 -8.93 12.15
CA ARG A 5 5.68 -7.62 12.05
C ARG A 5 6.59 -6.53 11.45
N LYS A 6 7.87 -6.49 11.89
CA LYS A 6 8.84 -5.52 11.37
C LYS A 6 9.21 -5.89 9.90
N LYS A 7 9.31 -7.21 9.65
CA LYS A 7 9.58 -7.77 8.30
C LYS A 7 8.43 -7.42 7.31
N LEU A 8 7.19 -7.41 7.85
CA LEU A 8 5.98 -6.98 7.12
C LEU A 8 6.11 -5.49 6.73
N LEU A 9 6.54 -4.66 7.69
CA LEU A 9 6.77 -3.21 7.49
C LEU A 9 7.97 -2.93 6.55
N GLU A 10 8.95 -3.86 6.50
CA GLU A 10 10.10 -3.79 5.56
C GLU A 10 9.60 -3.96 4.11
N LYS A 11 8.79 -5.01 3.89
CA LYS A 11 8.20 -5.31 2.57
C LYS A 11 7.21 -4.19 2.14
N LEU A 12 6.50 -3.60 3.13
CA LEU A 12 5.58 -2.46 2.92
C LEU A 12 6.38 -1.19 2.48
N GLU A 13 7.52 -0.95 3.16
CA GLU A 13 8.48 0.12 2.80
C GLU A 13 8.99 -0.03 1.34
N LYS A 14 9.26 -1.28 0.95
CA LYS A 14 9.74 -1.61 -0.39
C LYS A 14 8.66 -1.40 -1.47
N ILE A 15 7.37 -1.60 -1.13
CA ILE A 15 6.24 -1.25 -2.05
C ILE A 15 6.31 0.25 -2.41
N LEU A 16 6.37 1.08 -1.34
CA LEU A 16 6.42 2.55 -1.44
C LEU A 16 7.67 3.04 -2.20
N ASP A 17 8.83 2.42 -1.92
CA ASP A 17 10.13 2.83 -2.52
C ASP A 17 10.20 2.47 -4.03
N GLU A 18 9.64 1.31 -4.41
CA GLU A 18 9.59 0.88 -5.83
C GLU A 18 8.56 1.70 -6.65
N VAL A 19 7.41 2.05 -6.02
CA VAL A 19 6.32 2.78 -6.72
C VAL A 19 6.64 4.29 -6.86
N THR A 20 7.39 4.88 -5.89
CA THR A 20 7.85 6.30 -5.99
C THR A 20 8.80 6.49 -7.19
N ASP A 21 9.87 5.69 -7.22
CA ASP A 21 10.89 5.74 -8.29
C ASP A 21 10.32 5.17 -9.62
N GLY A 22 9.36 4.23 -9.51
CA GLY A 22 8.70 3.62 -10.66
C GLY A 22 7.58 4.47 -11.29
N ALA A 23 7.06 5.46 -10.52
CA ALA A 23 6.00 6.40 -10.98
C ALA A 23 6.39 7.14 -12.30
N PRO A 24 5.45 7.27 -13.29
CA PRO A 24 5.75 7.89 -14.61
C PRO A 24 6.17 9.40 -14.54
N ASP A 25 5.20 10.29 -14.22
CA ASP A 25 5.43 11.77 -14.25
C ASP A 25 5.01 12.45 -12.91
N GLU A 26 4.01 13.38 -12.93
CA GLU A 26 3.58 14.14 -11.72
C GLU A 26 2.80 13.27 -10.70
N ALA A 27 2.52 12.00 -11.08
CA ALA A 27 2.02 10.97 -10.15
C ALA A 27 3.04 10.72 -9.00
N ARG A 28 4.33 11.03 -9.27
CA ARG A 28 5.46 10.74 -8.35
C ARG A 28 5.42 11.70 -7.16
N GLU A 29 4.90 12.90 -7.43
CA GLU A 29 4.69 13.97 -6.46
C GLU A 29 3.67 13.52 -5.38
N ARG A 30 2.56 12.90 -5.83
CA ARG A 30 1.54 12.29 -4.96
C ARG A 30 2.16 11.18 -4.06
N ILE A 31 3.02 10.33 -4.67
CA ILE A 31 3.58 9.14 -3.97
C ILE A 31 4.67 9.56 -2.95
N GLU A 32 5.56 10.52 -3.32
CA GLU A 32 6.65 11.02 -2.42
C GLU A 32 6.08 11.61 -1.12
N LYS A 33 5.03 12.44 -1.28
CA LYS A 33 4.31 13.08 -0.17
C LYS A 33 3.65 12.03 0.76
N LEU A 34 2.81 11.16 0.17
CA LEU A 34 2.00 10.18 0.93
C LEU A 34 2.86 9.02 1.51
N ALA A 35 4.00 8.73 0.86
CA ALA A 35 4.98 7.72 1.36
C ALA A 35 5.59 8.20 2.70
N LYS A 36 6.00 9.49 2.74
CA LYS A 36 6.58 10.11 3.96
C LYS A 36 5.54 10.19 5.11
N ASP A 37 4.26 10.32 4.74
CA ASP A 37 3.13 10.27 5.69
C ASP A 37 3.04 8.87 6.36
N VAL A 38 3.21 7.80 5.55
CA VAL A 38 3.23 6.40 6.06
C VAL A 38 4.48 6.12 6.94
N LYS A 39 5.66 6.69 6.54
CA LYS A 39 6.95 6.53 7.30
C LYS A 39 6.76 6.88 8.79
N ASP A 40 6.16 8.07 9.03
CA ASP A 40 5.97 8.62 10.40
C ASP A 40 4.99 7.73 11.22
N GLU A 41 3.93 7.23 10.55
CA GLU A 41 2.90 6.36 11.16
C GLU A 41 3.44 4.97 11.59
N LEU A 42 4.53 4.50 10.94
CA LEU A 42 5.19 3.21 11.29
C LEU A 42 5.68 3.19 12.76
N GLU A 43 6.16 4.34 13.27
CA GLU A 43 6.59 4.49 14.69
C GLU A 43 5.40 4.36 15.66
N GLU A 44 4.33 5.12 15.38
CA GLU A 44 3.09 5.12 16.19
C GLU A 44 1.93 5.74 15.39
N GLY A 45 0.72 5.18 15.57
CA GLY A 45 -0.48 5.61 14.82
C GLY A 45 -1.34 4.41 14.42
N ASP A 46 -1.45 4.14 13.12
CA ASP A 46 -2.11 2.92 12.59
C ASP A 46 -1.60 2.65 11.16
N ALA A 47 -0.57 1.79 11.03
CA ALA A 47 0.04 1.45 9.72
C ALA A 47 -0.95 0.71 8.79
N LYS A 48 -1.82 -0.17 9.35
CA LYS A 48 -2.88 -0.89 8.60
C LYS A 48 -3.84 0.11 7.90
N ASN A 49 -4.21 1.18 8.64
CA ASN A 49 -5.05 2.27 8.12
C ASN A 49 -4.34 3.02 6.97
N MET A 50 -3.02 3.13 7.08
CA MET A 50 -2.17 3.79 6.08
C MET A 50 -1.98 2.96 4.80
N ILE A 51 -2.02 1.62 4.93
CA ILE A 51 -1.91 0.70 3.77
C ILE A 51 -3.17 0.83 2.86
N GLU A 52 -4.36 0.73 3.48
CA GLU A 52 -5.66 0.82 2.77
C GLU A 52 -5.92 2.24 2.17
N LYS A 53 -5.51 3.32 2.90
CA LYS A 53 -5.72 4.71 2.39
C LYS A 53 -4.69 5.06 1.29
N PHE A 54 -3.45 4.53 1.43
CA PHE A 54 -2.40 4.67 0.37
C PHE A 54 -2.88 3.99 -0.92
N ARG A 55 -3.64 2.88 -0.76
CA ARG A 55 -4.22 2.10 -1.88
C ARG A 55 -5.33 2.89 -2.61
N ASP A 56 -6.08 3.75 -1.87
CA ASP A 56 -7.13 4.62 -2.45
C ASP A 56 -6.52 5.69 -3.40
N GLU A 57 -5.52 6.46 -2.89
CA GLU A 57 -4.77 7.43 -3.72
C GLU A 57 -3.93 6.73 -4.80
N MET A 58 -3.43 5.50 -4.48
CA MET A 58 -2.69 4.65 -5.44
C MET A 58 -3.54 4.32 -6.68
N GLU A 59 -4.81 3.96 -6.45
CA GLU A 59 -5.76 3.64 -7.52
C GLU A 59 -6.03 4.89 -8.39
N GLN A 60 -6.11 6.07 -7.73
CA GLN A 60 -6.32 7.37 -8.40
C GLN A 60 -5.15 7.70 -9.40
N MET A 61 -3.91 7.70 -8.89
CA MET A 61 -2.70 8.06 -9.68
C MET A 61 -2.29 6.94 -10.69
N TYR A 62 -2.73 5.70 -10.41
CA TYR A 62 -2.62 4.57 -11.37
C TYR A 62 -3.52 4.81 -12.61
N LYS A 63 -4.78 5.26 -12.38
CA LYS A 63 -5.72 5.61 -13.48
C LYS A 63 -5.26 6.89 -14.22
N ASP A 64 -4.52 7.77 -13.51
CA ASP A 64 -3.92 8.99 -14.10
C ASP A 64 -2.83 8.62 -15.14
N ALA A 65 -1.84 7.82 -14.69
CA ALA A 65 -0.70 7.41 -15.54
C ALA A 65 -0.20 5.99 -15.13
N PRO A 66 -0.71 4.90 -15.80
CA PRO A 66 -0.21 3.52 -15.59
C PRO A 66 0.93 3.15 -16.59
N ASN A 67 2.03 2.59 -16.08
CA ASN A 67 3.09 1.99 -16.95
C ASN A 67 2.85 0.45 -17.09
N ALA A 68 3.35 -0.38 -16.14
CA ALA A 68 3.05 -1.83 -16.09
C ALA A 68 3.20 -2.38 -14.66
N VAL A 69 4.41 -2.24 -14.10
CA VAL A 69 4.75 -2.71 -12.72
C VAL A 69 3.94 -1.98 -11.62
N MET A 70 3.48 -0.75 -11.95
CA MET A 70 2.67 0.10 -11.04
C MET A 70 1.35 -0.63 -10.60
N GLU A 71 0.81 -1.46 -11.51
CA GLU A 71 -0.38 -2.30 -11.23
C GLU A 71 -0.07 -3.41 -10.19
N GLN A 72 1.10 -4.06 -10.36
CA GLN A 72 1.58 -5.15 -9.48
C GLN A 72 1.97 -4.64 -8.07
N LEU A 73 2.44 -3.38 -8.01
CA LEU A 73 2.77 -2.69 -6.75
C LEU A 73 1.47 -2.27 -6.00
N LEU A 74 0.43 -1.87 -6.77
CA LEU A 74 -0.95 -1.64 -6.23
C LEU A 74 -1.51 -2.95 -5.65
N GLU A 75 -1.30 -4.05 -6.40
CA GLU A 75 -1.71 -5.42 -6.02
C GLU A 75 -0.98 -5.89 -4.73
N GLU A 76 0.31 -5.53 -4.62
CA GLU A 76 1.17 -5.90 -3.47
C GLU A 76 0.68 -5.24 -2.15
N ILE A 77 0.14 -4.01 -2.26
CA ILE A 77 -0.49 -3.28 -1.12
C ILE A 77 -1.61 -4.13 -0.47
N GLU A 78 -2.46 -4.74 -1.32
CA GLU A 78 -3.55 -5.65 -0.87
C GLU A 78 -3.00 -6.85 -0.07
N LYS A 79 -1.88 -7.42 -0.54
CA LYS A 79 -1.26 -8.62 0.06
C LYS A 79 -0.73 -8.32 1.48
N LEU A 80 -0.13 -7.13 1.65
CA LEU A 80 0.41 -6.65 2.95
C LEU A 80 -0.71 -6.16 3.92
N LEU A 81 -1.82 -5.64 3.36
CA LEU A 81 -3.02 -5.27 4.14
C LEU A 81 -3.67 -6.52 4.77
N LYS A 82 -3.77 -7.58 3.95
CA LYS A 82 -4.34 -8.88 4.33
C LYS A 82 -3.38 -9.69 5.24
N LYS A 83 -2.06 -9.51 5.02
CA LYS A 83 -1.01 -10.11 5.88
C LYS A 83 -0.97 -9.41 7.26
N ALA A 84 -1.24 -8.09 7.28
CA ALA A 84 -1.34 -7.29 8.53
C ALA A 84 -2.60 -7.66 9.34
N GLY A 85 -3.71 -7.90 8.62
CA GLY A 85 -4.97 -8.26 9.24
C GLY A 85 -6.05 -8.62 8.22
N SER A 86 -7.02 -7.69 8.01
CA SER A 86 -8.22 -7.91 7.16
C SER A 86 -9.06 -9.14 7.63
N LEU A 87 -10.09 -9.52 6.83
CA LEU A 87 -10.98 -10.69 7.09
C LEU A 87 -11.83 -10.53 8.40
N VAL A 88 -11.77 -9.33 9.02
CA VAL A 88 -12.45 -9.06 10.32
C VAL A 88 -13.98 -8.85 10.14
N PRO A 89 -14.84 -9.31 11.11
CA PRO A 89 -16.31 -9.10 11.05
C PRO A 89 -16.72 -7.64 11.41
N ARG A 90 -16.37 -6.69 10.51
CA ARG A 90 -16.72 -5.26 10.65
C ARG A 90 -18.14 -5.00 10.10
N GLY A 91 -19.08 -4.65 11.01
CA GLY A 91 -20.47 -4.36 10.63
C GLY A 91 -20.64 -2.98 9.96
N SER A 92 -20.18 -2.87 8.70
CA SER A 92 -20.21 -1.62 7.92
C SER A 92 -21.36 -1.62 6.86
N TYR A 93 -21.90 -2.82 6.56
CA TYR A 93 -23.01 -2.99 5.59
C TYR A 93 -24.36 -2.67 6.26
N LEU A 94 -25.24 -1.97 5.54
CA LEU A 94 -26.57 -1.53 6.06
C LEU A 94 -27.56 -2.72 6.12
N GLU A 95 -27.81 -3.36 4.96
CA GLU A 95 -28.77 -4.47 4.84
C GLU A 95 -28.17 -5.70 4.11
N HIS A 96 -28.42 -6.89 4.67
CA HIS A 96 -28.10 -8.21 4.04
C HIS A 96 -29.08 -9.28 4.59
N HIS A 97 -30.30 -8.85 4.94
CA HIS A 97 -31.36 -9.74 5.46
C HIS A 97 -31.95 -10.65 4.34
N HIS A 98 -31.50 -11.91 4.31
CA HIS A 98 -31.93 -12.92 3.31
C HIS A 98 -32.45 -14.20 4.03
N HIS A 99 -33.78 -14.37 4.01
CA HIS A 99 -34.46 -15.57 4.55
C HIS A 99 -35.74 -15.84 3.72
N HIS A 100 -35.63 -16.71 2.70
CA HIS A 100 -36.76 -17.10 1.82
C HIS A 100 -37.32 -18.49 2.21
N HIS A 101 -36.43 -19.37 2.73
CA HIS A 101 -36.80 -20.75 3.18
C HIS A 101 -35.86 -21.23 4.34
#